data_3L6P
# 
_entry.id   3L6P 
# 
_audit_conform.dict_name       mmcif_pdbx.dic 
_audit_conform.dict_version    5.378 
_audit_conform.dict_location   http://mmcif.pdb.org/dictionaries/ascii/mmcif_pdbx.dic 
# 
loop_
_database_2.database_id 
_database_2.database_code 
_database_2.pdbx_database_accession 
_database_2.pdbx_DOI 
PDB   3L6P         pdb_00003l6p 10.2210/pdb3l6p/pdb 
RCSB  RCSB056901   ?            ?                   
WWPDB D_1000056901 ?            ?                   
# 
_pdbx_database_related.db_name        PDB 
_pdbx_database_related.db_id          3LKW 
_pdbx_database_related.details        'Crystal Structure of Dengue Virus 1 NS2B/NS3 protease active site mutant' 
_pdbx_database_related.content_type   unspecified 
# 
_pdbx_database_status.status_code                     REL 
_pdbx_database_status.entry_id                        3L6P 
_pdbx_database_status.recvd_initial_deposition_date   2009-12-23 
_pdbx_database_status.deposit_site                    RCSB 
_pdbx_database_status.process_site                    RCSB 
_pdbx_database_status.status_code_sf                  REL 
_pdbx_database_status.status_code_mr                  ? 
_pdbx_database_status.SG_entry                        ? 
_pdbx_database_status.pdb_format_compatible           Y 
_pdbx_database_status.status_code_cs                  ? 
_pdbx_database_status.methods_development_category    ? 
_pdbx_database_status.status_code_nmr_data            ? 
# 
loop_
_audit_author.name 
_audit_author.pdbx_ordinal 
'Chandramouli, S.' 1 
'Joseph, J.S.'     2 
'Daudenarde, S.'   3 
'Gatchalian, J.'   4 
'Cornillez-Ty, C.' 5 
'Kuhn, P.'         6 
# 
_citation.id                        primary 
_citation.title                     
'Serotype-specific structural differences in the protease-cofactor complexes of the dengue virus family.' 
_citation.journal_abbrev            J.Virol. 
_citation.journal_volume            84 
_citation.page_first                3059 
_citation.page_last                 3067 
_citation.year                      2010 
_citation.journal_id_ASTM           JOVIAM 
_citation.country                   US 
_citation.journal_id_ISSN           0022-538X 
_citation.journal_id_CSD            0825 
_citation.book_publisher            ? 
_citation.pdbx_database_id_PubMed   20042502 
_citation.pdbx_database_id_DOI      10.1128/JVI.02044-09 
# 
loop_
_citation_author.citation_id 
_citation_author.name 
_citation_author.ordinal 
_citation_author.identifier_ORCID 
primary 'Chandramouli, S.' 1 ? 
primary 'Joseph, J.S.'     2 ? 
primary 'Daudenarde, S.'   3 ? 
primary 'Gatchalian, J.'   4 ? 
primary 'Cornillez-Ty, C.' 5 ? 
primary 'Kuhn, P.'         6 ? 
# 
_cell.entry_id           3L6P 
_cell.length_a           56.721 
_cell.length_b           60.848 
_cell.length_c           161.644 
_cell.angle_alpha        90.00 
_cell.angle_beta         90.00 
_cell.angle_gamma        90.00 
_cell.Z_PDB              8 
_cell.pdbx_unique_axis   ? 
_cell.length_a_esd       ? 
_cell.length_b_esd       ? 
_cell.length_c_esd       ? 
_cell.angle_alpha_esd    ? 
_cell.angle_beta_esd     ? 
_cell.angle_gamma_esd    ? 
# 
_symmetry.entry_id                         3L6P 
_symmetry.space_group_name_H-M             'I 2 2 2' 
_symmetry.pdbx_full_space_group_name_H-M   ? 
_symmetry.cell_setting                     ? 
_symmetry.Int_Tables_number                23 
_symmetry.space_group_name_Hall            ? 
# 
loop_
_entity.id 
_entity.type 
_entity.src_method 
_entity.pdbx_description 
_entity.formula_weight 
_entity.pdbx_number_of_molecules 
_entity.pdbx_ec 
_entity.pdbx_mutation 
_entity.pdbx_fragment 
_entity.details 
1 polymer     man 'fusion protein of nonstructural protein 2B and nonstructural protein 3' 25062.877 1  
3.4.21.91,3.6.1.15,3.6.4.13,2.1.1.56,2.1.1.57,2.7.7.48 'deletion NS3 PROTEASE, residues 1486-1495' 
'NS2B residues 1394-1440, NS3 PROTEASE residues 1476-1661' ? 
2 non-polymer syn 'NICKEL (II) ION'                                                        58.693    3  ? ? ? ? 
3 non-polymer syn 'CADMIUM ION'                                                            112.411   1  ? ? ? ? 
4 non-polymer syn 'SULFATE ION'                                                            96.063    1  ? ? ? ? 
5 water       nat water                                                                    18.015    34 ? ? ? ? 
# 
_entity_poly.entity_id                      1 
_entity_poly.type                           'polypeptide(L)' 
_entity_poly.nstd_linkage                   no 
_entity_poly.nstd_monomer                   no 
_entity_poly.pdbx_seq_one_letter_code       
;GAHMADLSLEKAAEVSWEEEAEHSGASHNILVEVQDDGTMKIKDEERDDTLGGGGSGGGGSGVLWDTPSPGIYRILQRGL
LGRSQVGVGVFQEGVFHTMWHVTRGAVLMYQGKRLEPSWASVKKDLISYGGGWRFQGSWNAGEEVQVIAVEPGKNPKNVQ
TAPGTFKTPEGEVGAIALDFKPGTSGSPIVNREGKIVGLYGNGVVTTSGTYVSAIAQAKASQEGPLPEIEDEVFRK
;
_entity_poly.pdbx_seq_one_letter_code_can   
;GAHMADLSLEKAAEVSWEEEAEHSGASHNILVEVQDDGTMKIKDEERDDTLGGGGSGGGGSGVLWDTPSPGIYRILQRGL
LGRSQVGVGVFQEGVFHTMWHVTRGAVLMYQGKRLEPSWASVKKDLISYGGGWRFQGSWNAGEEVQVIAVEPGKNPKNVQ
TAPGTFKTPEGEVGAIALDFKPGTSGSPIVNREGKIVGLYGNGVVTTSGTYVSAIAQAKASQEGPLPEIEDEVFRK
;
_entity_poly.pdbx_strand_id                 A 
_entity_poly.pdbx_target_identifier         ? 
# 
loop_
_entity_poly_seq.entity_id 
_entity_poly_seq.num 
_entity_poly_seq.mon_id 
_entity_poly_seq.hetero 
1 1   GLY n 
1 2   ALA n 
1 3   HIS n 
1 4   MET n 
1 5   ALA n 
1 6   ASP n 
1 7   LEU n 
1 8   SER n 
1 9   LEU n 
1 10  GLU n 
1 11  LYS n 
1 12  ALA n 
1 13  ALA n 
1 14  GLU n 
1 15  VAL n 
1 16  SER n 
1 17  TRP n 
1 18  GLU n 
1 19  GLU n 
1 20  GLU n 
1 21  ALA n 
1 22  GLU n 
1 23  HIS n 
1 24  SER n 
1 25  GLY n 
1 26  ALA n 
1 27  SER n 
1 28  HIS n 
1 29  ASN n 
1 30  ILE n 
1 31  LEU n 
1 32  VAL n 
1 33  GLU n 
1 34  VAL n 
1 35  GLN n 
1 36  ASP n 
1 37  ASP n 
1 38  GLY n 
1 39  THR n 
1 40  MET n 
1 41  LYS n 
1 42  ILE n 
1 43  LYS n 
1 44  ASP n 
1 45  GLU n 
1 46  GLU n 
1 47  ARG n 
1 48  ASP n 
1 49  ASP n 
1 50  THR n 
1 51  LEU n 
1 52  GLY n 
1 53  GLY n 
1 54  GLY n 
1 55  GLY n 
1 56  SER n 
1 57  GLY n 
1 58  GLY n 
1 59  GLY n 
1 60  GLY n 
1 61  SER n 
1 62  GLY n 
1 63  VAL n 
1 64  LEU n 
1 65  TRP n 
1 66  ASP n 
1 67  THR n 
1 68  PRO n 
1 69  SER n 
1 70  PRO n 
1 71  GLY n 
1 72  ILE n 
1 73  TYR n 
1 74  ARG n 
1 75  ILE n 
1 76  LEU n 
1 77  GLN n 
1 78  ARG n 
1 79  GLY n 
1 80  LEU n 
1 81  LEU n 
1 82  GLY n 
1 83  ARG n 
1 84  SER n 
1 85  GLN n 
1 86  VAL n 
1 87  GLY n 
1 88  VAL n 
1 89  GLY n 
1 90  VAL n 
1 91  PHE n 
1 92  GLN n 
1 93  GLU n 
1 94  GLY n 
1 95  VAL n 
1 96  PHE n 
1 97  HIS n 
1 98  THR n 
1 99  MET n 
1 100 TRP n 
1 101 HIS n 
1 102 VAL n 
1 103 THR n 
1 104 ARG n 
1 105 GLY n 
1 106 ALA n 
1 107 VAL n 
1 108 LEU n 
1 109 MET n 
1 110 TYR n 
1 111 GLN n 
1 112 GLY n 
1 113 LYS n 
1 114 ARG n 
1 115 LEU n 
1 116 GLU n 
1 117 PRO n 
1 118 SER n 
1 119 TRP n 
1 120 ALA n 
1 121 SER n 
1 122 VAL n 
1 123 LYS n 
1 124 LYS n 
1 125 ASP n 
1 126 LEU n 
1 127 ILE n 
1 128 SER n 
1 129 TYR n 
1 130 GLY n 
1 131 GLY n 
1 132 GLY n 
1 133 TRP n 
1 134 ARG n 
1 135 PHE n 
1 136 GLN n 
1 137 GLY n 
1 138 SER n 
1 139 TRP n 
1 140 ASN n 
1 141 ALA n 
1 142 GLY n 
1 143 GLU n 
1 144 GLU n 
1 145 VAL n 
1 146 GLN n 
1 147 VAL n 
1 148 ILE n 
1 149 ALA n 
1 150 VAL n 
1 151 GLU n 
1 152 PRO n 
1 153 GLY n 
1 154 LYS n 
1 155 ASN n 
1 156 PRO n 
1 157 LYS n 
1 158 ASN n 
1 159 VAL n 
1 160 GLN n 
1 161 THR n 
1 162 ALA n 
1 163 PRO n 
1 164 GLY n 
1 165 THR n 
1 166 PHE n 
1 167 LYS n 
1 168 THR n 
1 169 PRO n 
1 170 GLU n 
1 171 GLY n 
1 172 GLU n 
1 173 VAL n 
1 174 GLY n 
1 175 ALA n 
1 176 ILE n 
1 177 ALA n 
1 178 LEU n 
1 179 ASP n 
1 180 PHE n 
1 181 LYS n 
1 182 PRO n 
1 183 GLY n 
1 184 THR n 
1 185 SER n 
1 186 GLY n 
1 187 SER n 
1 188 PRO n 
1 189 ILE n 
1 190 VAL n 
1 191 ASN n 
1 192 ARG n 
1 193 GLU n 
1 194 GLY n 
1 195 LYS n 
1 196 ILE n 
1 197 VAL n 
1 198 GLY n 
1 199 LEU n 
1 200 TYR n 
1 201 GLY n 
1 202 ASN n 
1 203 GLY n 
1 204 VAL n 
1 205 VAL n 
1 206 THR n 
1 207 THR n 
1 208 SER n 
1 209 GLY n 
1 210 THR n 
1 211 TYR n 
1 212 VAL n 
1 213 SER n 
1 214 ALA n 
1 215 ILE n 
1 216 ALA n 
1 217 GLN n 
1 218 ALA n 
1 219 LYS n 
1 220 ALA n 
1 221 SER n 
1 222 GLN n 
1 223 GLU n 
1 224 GLY n 
1 225 PRO n 
1 226 LEU n 
1 227 PRO n 
1 228 GLU n 
1 229 ILE n 
1 230 GLU n 
1 231 ASP n 
1 232 GLU n 
1 233 VAL n 
1 234 PHE n 
1 235 ARG n 
1 236 LYS n 
# 
loop_
_entity_src_gen.entity_id 
_entity_src_gen.pdbx_src_id 
_entity_src_gen.pdbx_alt_source_flag 
_entity_src_gen.pdbx_seq_type 
_entity_src_gen.pdbx_beg_seq_num 
_entity_src_gen.pdbx_end_seq_num 
_entity_src_gen.gene_src_common_name 
_entity_src_gen.gene_src_genus 
_entity_src_gen.pdbx_gene_src_gene 
_entity_src_gen.gene_src_species 
_entity_src_gen.gene_src_strain 
_entity_src_gen.gene_src_tissue 
_entity_src_gen.gene_src_tissue_fraction 
_entity_src_gen.gene_src_details 
_entity_src_gen.pdbx_gene_src_fragment 
_entity_src_gen.pdbx_gene_src_scientific_name 
_entity_src_gen.pdbx_gene_src_ncbi_taxonomy_id 
_entity_src_gen.pdbx_gene_src_variant 
_entity_src_gen.pdbx_gene_src_cell_line 
_entity_src_gen.pdbx_gene_src_atcc 
_entity_src_gen.pdbx_gene_src_organ 
_entity_src_gen.pdbx_gene_src_organelle 
_entity_src_gen.pdbx_gene_src_cell 
_entity_src_gen.pdbx_gene_src_cellular_location 
_entity_src_gen.host_org_common_name 
_entity_src_gen.pdbx_host_org_scientific_name 
_entity_src_gen.pdbx_host_org_ncbi_taxonomy_id 
_entity_src_gen.host_org_genus 
_entity_src_gen.pdbx_host_org_gene 
_entity_src_gen.pdbx_host_org_organ 
_entity_src_gen.host_org_species 
_entity_src_gen.pdbx_host_org_tissue 
_entity_src_gen.pdbx_host_org_tissue_fraction 
_entity_src_gen.pdbx_host_org_strain 
_entity_src_gen.pdbx_host_org_variant 
_entity_src_gen.pdbx_host_org_cell_line 
_entity_src_gen.pdbx_host_org_atcc 
_entity_src_gen.pdbx_host_org_culture_collection 
_entity_src_gen.pdbx_host_org_cell 
_entity_src_gen.pdbx_host_org_organelle 
_entity_src_gen.pdbx_host_org_cellular_location 
_entity_src_gen.pdbx_host_org_vector_type 
_entity_src_gen.pdbx_host_org_vector 
_entity_src_gen.host_org_details 
_entity_src_gen.expression_system_id 
_entity_src_gen.plasmid_name 
_entity_src_gen.plasmid_details 
_entity_src_gen.pdbx_description 
1 1 sample 'Biological sequence' 1  60  DENV-1 ? ? ? Singapore/S275/1990   ? ? ? ? 
'Dengue virus type 1 (strain Singapore/S275/1990)' 33741 ? ? ? ? ? ? ? ? 'Escherichia coli' 469008 ? ? ? ? ? ? 'BL21 (DE3)' ? ? ? 
? ? ? ? PLASMID ? ? ? pET28a-TEV ? ? 
1 2 sample 'Biological sequence' 61 236 DENV-1 ? ? ? 'Nauru/West Pac/1974' ? ? ? ? 
'Dengue virus type 1 (strain Nauru/West Pac/1974)' 11059 ? ? ? ? ? ? ? ? 'Escherichia coli' 469008 ? ? ? ? ? ? 'BL21 (DE3)' ? ? ? 
? ? ? ? PLASMID ? ? ? pET28a-TEV ? ? 
# 
loop_
_struct_ref.id 
_struct_ref.db_name 
_struct_ref.db_code 
_struct_ref.pdbx_db_accession 
_struct_ref.pdbx_db_isoform 
_struct_ref.entity_id 
_struct_ref.pdbx_seq_one_letter_code 
_struct_ref.pdbx_align_begin 
1 UNP POLG_DEN1S P33478 ? 1 ADLSLEKAAEVSWEEEAEHSGASHNILVEVQDDGTMKIKDEERDDTL 1393 
2 UNP POLG_DEN1W P17763 ? 1 
;SGVLWDTPSPPEVERAVLDDGIYRILQRGLLGRSQVGVGVFQEGVFHTMWHVTRGAVLMYQGKRLEPSWASVKKDLISYG
GGWRFQGSWNAGEEVQVIAVEPGKNPKNVQTAPGTFKTPEGEVGAIALDFKPGTSGSPIVNREGKIVGLYGNGVVTTSGT
YVSAIAQAKASQEGPLPEIEDEVFRK
;
1476 
# 
loop_
_struct_ref_seq.align_id 
_struct_ref_seq.ref_id 
_struct_ref_seq.pdbx_PDB_id_code 
_struct_ref_seq.pdbx_strand_id 
_struct_ref_seq.seq_align_beg 
_struct_ref_seq.pdbx_seq_align_beg_ins_code 
_struct_ref_seq.seq_align_end 
_struct_ref_seq.pdbx_seq_align_end_ins_code 
_struct_ref_seq.pdbx_db_accession 
_struct_ref_seq.db_align_beg 
_struct_ref_seq.pdbx_db_align_beg_ins_code 
_struct_ref_seq.db_align_end 
_struct_ref_seq.pdbx_db_align_end_ins_code 
_struct_ref_seq.pdbx_auth_seq_align_beg 
_struct_ref_seq.pdbx_auth_seq_align_end 
1 1 3L6P A 5  ? 51  ? P33478 1393 ? 1439 ? 5  51  
2 2 3L6P A 61 ? 236 ? P17763 1476 ? 1661 ? 61 236 
# 
loop_
_struct_ref_seq_dif.align_id 
_struct_ref_seq_dif.pdbx_pdb_id_code 
_struct_ref_seq_dif.mon_id 
_struct_ref_seq_dif.pdbx_pdb_strand_id 
_struct_ref_seq_dif.seq_num 
_struct_ref_seq_dif.pdbx_pdb_ins_code 
_struct_ref_seq_dif.pdbx_seq_db_name 
_struct_ref_seq_dif.pdbx_seq_db_accession_code 
_struct_ref_seq_dif.db_mon_id 
_struct_ref_seq_dif.pdbx_seq_db_seq_num 
_struct_ref_seq_dif.details 
_struct_ref_seq_dif.pdbx_auth_seq_num 
_struct_ref_seq_dif.pdbx_ordinal 
1 3L6P GLY A 1  ? UNP P33478 ?   ?    'expression tag' 1  1  
1 3L6P ALA A 2  ? UNP P33478 ?   ?    'expression tag' 2  2  
1 3L6P HIS A 3  ? UNP P33478 ?   ?    'expression tag' 3  3  
1 3L6P MET A 4  ? UNP P33478 ?   ?    'expression tag' 4  4  
1 3L6P GLY A 52 ? UNP P33478 ?   ?    linker           52 5  
1 3L6P GLY A 53 ? UNP P33478 ?   ?    linker           53 6  
1 3L6P GLY A 54 ? UNP P33478 ?   ?    linker           54 7  
1 3L6P GLY A 55 ? UNP P33478 ?   ?    linker           55 8  
1 3L6P SER A 56 ? UNP P33478 ?   ?    linker           56 9  
1 3L6P GLY A 57 ? UNP P33478 ?   ?    linker           57 10 
1 3L6P GLY A 58 ? UNP P33478 ?   ?    linker           58 11 
1 3L6P GLY A 59 ? UNP P33478 ?   ?    linker           59 12 
1 3L6P GLY A 60 ? UNP P33478 ?   ?    linker           60 13 
2 3L6P ?   A ?  ? UNP P17763 PRO 1486 deletion         ?  14 
2 3L6P ?   A ?  ? UNP P17763 GLU 1487 deletion         ?  15 
2 3L6P ?   A ?  ? UNP P17763 VAL 1488 deletion         ?  16 
2 3L6P ?   A ?  ? UNP P17763 GLU 1489 deletion         ?  17 
2 3L6P ?   A ?  ? UNP P17763 ARG 1490 deletion         ?  18 
2 3L6P ?   A ?  ? UNP P17763 ALA 1491 deletion         ?  19 
2 3L6P ?   A ?  ? UNP P17763 VAL 1492 deletion         ?  20 
2 3L6P ?   A ?  ? UNP P17763 LEU 1493 deletion         ?  21 
2 3L6P ?   A ?  ? UNP P17763 ASP 1494 deletion         ?  22 
2 3L6P ?   A ?  ? UNP P17763 ASP 1495 deletion         ?  23 
# 
loop_
_chem_comp.id 
_chem_comp.type 
_chem_comp.mon_nstd_flag 
_chem_comp.name 
_chem_comp.pdbx_synonyms 
_chem_comp.formula 
_chem_comp.formula_weight 
ALA 'L-peptide linking' y ALANINE           ? 'C3 H7 N O2'     89.093  
ARG 'L-peptide linking' y ARGININE          ? 'C6 H15 N4 O2 1' 175.209 
ASN 'L-peptide linking' y ASPARAGINE        ? 'C4 H8 N2 O3'    132.118 
ASP 'L-peptide linking' y 'ASPARTIC ACID'   ? 'C4 H7 N O4'     133.103 
CD  non-polymer         . 'CADMIUM ION'     ? 'Cd 2'           112.411 
GLN 'L-peptide linking' y GLUTAMINE         ? 'C5 H10 N2 O3'   146.144 
GLU 'L-peptide linking' y 'GLUTAMIC ACID'   ? 'C5 H9 N O4'     147.129 
GLY 'peptide linking'   y GLYCINE           ? 'C2 H5 N O2'     75.067  
HIS 'L-peptide linking' y HISTIDINE         ? 'C6 H10 N3 O2 1' 156.162 
HOH non-polymer         . WATER             ? 'H2 O'           18.015  
ILE 'L-peptide linking' y ISOLEUCINE        ? 'C6 H13 N O2'    131.173 
LEU 'L-peptide linking' y LEUCINE           ? 'C6 H13 N O2'    131.173 
LYS 'L-peptide linking' y LYSINE            ? 'C6 H15 N2 O2 1' 147.195 
MET 'L-peptide linking' y METHIONINE        ? 'C5 H11 N O2 S'  149.211 
NI  non-polymer         . 'NICKEL (II) ION' ? 'Ni 2'           58.693  
PHE 'L-peptide linking' y PHENYLALANINE     ? 'C9 H11 N O2'    165.189 
PRO 'L-peptide linking' y PROLINE           ? 'C5 H9 N O2'     115.130 
SER 'L-peptide linking' y SERINE            ? 'C3 H7 N O3'     105.093 
SO4 non-polymer         . 'SULFATE ION'     ? 'O4 S -2'        96.063  
THR 'L-peptide linking' y THREONINE         ? 'C4 H9 N O3'     119.119 
TRP 'L-peptide linking' y TRYPTOPHAN        ? 'C11 H12 N2 O2'  204.225 
TYR 'L-peptide linking' y TYROSINE          ? 'C9 H11 N O3'    181.189 
VAL 'L-peptide linking' y VALINE            ? 'C5 H11 N O2'    117.146 
# 
_exptl.entry_id          3L6P 
_exptl.method            'X-RAY DIFFRACTION' 
_exptl.crystals_number   1 
# 
_exptl_crystal.id                    1 
_exptl_crystal.density_meas          ? 
_exptl_crystal.density_Matthews      2.78 
_exptl_crystal.density_percent_sol   55.79 
_exptl_crystal.description           ? 
_exptl_crystal.F_000                 ? 
_exptl_crystal.preparation           ? 
# 
_exptl_crystal_grow.crystal_id      1 
_exptl_crystal_grow.method          ? 
_exptl_crystal_grow.temp            293 
_exptl_crystal_grow.temp_details    ? 
_exptl_crystal_grow.pH              7.5 
_exptl_crystal_grow.pdbx_pH_range   ? 
_exptl_crystal_grow.pdbx_details    
'0.1M HEPES pH 7.5, 12% PEG 3350 and 0.005M each of NiCl2, CdCl2, MgCl2 and CoCl2, VAPOR DIFFUSION, SITTING DROP, temperature 293K' 
# 
_diffrn.id                     1 
_diffrn.ambient_temp           ? 
_diffrn.ambient_temp_details   ? 
_diffrn.crystal_id             1 
# 
_diffrn_detector.diffrn_id              1 
_diffrn_detector.detector               CCD 
_diffrn_detector.type                   'MARMOSAIC 325 mm CCD' 
_diffrn_detector.pdbx_collection_date   ? 
_diffrn_detector.details                ? 
# 
_diffrn_radiation.diffrn_id                        1 
_diffrn_radiation.wavelength_id                    1 
_diffrn_radiation.pdbx_monochromatic_or_laue_m_l   M 
_diffrn_radiation.monochromator                    ? 
_diffrn_radiation.pdbx_diffrn_protocol             'SINGLE WAVELENGTH' 
_diffrn_radiation.pdbx_scattering_type             x-ray 
# 
_diffrn_radiation_wavelength.id           1 
_diffrn_radiation_wavelength.wavelength   0.9497 
_diffrn_radiation_wavelength.wt           1.0 
# 
_diffrn_source.diffrn_id                   1 
_diffrn_source.source                      SYNCHROTRON 
_diffrn_source.type                        'SSRL BEAMLINE BL11-1' 
_diffrn_source.pdbx_synchrotron_site       SSRL 
_diffrn_source.pdbx_synchrotron_beamline   BL11-1 
_diffrn_source.pdbx_wavelength             ? 
_diffrn_source.pdbx_wavelength_list        0.9497 
# 
_reflns.entry_id                     3L6P 
_reflns.observed_criterion_sigma_I   ? 
_reflns.observed_criterion_sigma_F   ? 
_reflns.d_resolution_low             40.000 
_reflns.d_resolution_high            2.200 
_reflns.number_obs                   14424 
_reflns.number_all                   ? 
_reflns.percent_possible_obs         ? 
_reflns.pdbx_Rmerge_I_obs            ? 
_reflns.pdbx_Rsym_value              ? 
_reflns.pdbx_netI_over_sigmaI        ? 
_reflns.B_iso_Wilson_estimate        ? 
_reflns.pdbx_redundancy              ? 
_reflns.R_free_details               ? 
_reflns.limit_h_max                  ? 
_reflns.limit_h_min                  ? 
_reflns.limit_k_max                  ? 
_reflns.limit_k_min                  ? 
_reflns.limit_l_max                  ? 
_reflns.limit_l_min                  ? 
_reflns.observed_criterion_F_max     ? 
_reflns.observed_criterion_F_min     ? 
_reflns.pdbx_chi_squared             ? 
_reflns.pdbx_scaling_rejects         ? 
_reflns.pdbx_diffrn_id               1 
_reflns.pdbx_ordinal                 1 
# 
_refine.pdbx_refine_id                           'X-RAY DIFFRACTION' 
_refine.entry_id                                 3L6P 
_refine.ls_number_reflns_obs                     13704 
_refine.ls_number_reflns_all                     ? 
_refine.pdbx_ls_sigma_I                          ? 
_refine.pdbx_ls_sigma_F                          ? 
_refine.pdbx_data_cutoff_high_absF               ? 
_refine.pdbx_data_cutoff_low_absF                ? 
_refine.pdbx_data_cutoff_high_rms_absF           ? 
_refine.ls_d_res_low                             28.95 
_refine.ls_d_res_high                            2.20 
_refine.ls_percent_reflns_obs                    99.1 
_refine.ls_R_factor_obs                          0.242 
_refine.ls_R_factor_all                          ? 
_refine.ls_R_factor_R_work                       0.239 
_refine.ls_R_factor_R_free                       0.284 
_refine.ls_R_factor_R_free_error                 ? 
_refine.ls_R_factor_R_free_error_details         ? 
_refine.ls_percent_reflns_R_free                 5.000 
_refine.ls_number_reflns_R_free                  720 
_refine.ls_number_parameters                     ? 
_refine.ls_number_restraints                     ? 
_refine.occupancy_min                            ? 
_refine.occupancy_max                            ? 
_refine.correlation_coeff_Fo_to_Fc               0.936 
_refine.correlation_coeff_Fo_to_Fc_free          0.915 
_refine.B_iso_mean                               45.84 
_refine.aniso_B[1][1]                            0.02000 
_refine.aniso_B[2][2]                            -0.04000 
_refine.aniso_B[3][3]                            0.02000 
_refine.aniso_B[1][2]                            0.00000 
_refine.aniso_B[1][3]                            0.00000 
_refine.aniso_B[2][3]                            0.00000 
_refine.solvent_model_details                    MASK 
_refine.solvent_model_param_ksol                 ? 
_refine.solvent_model_param_bsol                 ? 
_refine.pdbx_solvent_vdw_probe_radii             1.40 
_refine.pdbx_solvent_ion_probe_radii             0.80 
_refine.pdbx_solvent_shrinkage_radii             0.80 
_refine.pdbx_ls_cross_valid_method               THROUGHOUT 
_refine.details                                  'HYDROGENS HAVE BEEN ADDED IN THE RIDING POSITIONS' 
_refine.pdbx_starting_model                      2FOM 
_refine.pdbx_method_to_determine_struct          'MOLECULAR REPLACEMENT' 
_refine.pdbx_isotropic_thermal_model             ? 
_refine.pdbx_stereochemistry_target_values       'MAXIMUM LIKELIHOOD' 
_refine.pdbx_stereochem_target_val_spec_case     ? 
_refine.pdbx_R_Free_selection_details            RANDOM 
_refine.pdbx_overall_ESU_R                       0.241 
_refine.pdbx_overall_ESU_R_Free                  0.213 
_refine.overall_SU_ML                            0.161 
_refine.pdbx_overall_phase_error                 ? 
_refine.overall_SU_B                             6.182 
_refine.overall_SU_R_Cruickshank_DPI             ? 
_refine.pdbx_overall_SU_R_free_Cruickshank_DPI   ? 
_refine.pdbx_overall_SU_R_Blow_DPI               ? 
_refine.pdbx_overall_SU_R_free_Blow_DPI          ? 
_refine.ls_redundancy_reflns_obs                 ? 
_refine.B_iso_min                                ? 
_refine.B_iso_max                                ? 
_refine.overall_SU_R_free                        ? 
_refine.ls_wR_factor_R_free                      ? 
_refine.ls_wR_factor_R_work                      ? 
_refine.overall_FOM_free_R_set                   ? 
_refine.overall_FOM_work_R_set                   ? 
_refine.pdbx_diffrn_id                           1 
_refine.pdbx_TLS_residual_ADP_flag               ? 
# 
_refine_hist.pdbx_refine_id                   'X-RAY DIFFRACTION' 
_refine_hist.cycle_id                         LAST 
_refine_hist.pdbx_number_atoms_protein        1471 
_refine_hist.pdbx_number_atoms_nucleic_acid   0 
_refine_hist.pdbx_number_atoms_ligand         9 
_refine_hist.number_atoms_solvent             34 
_refine_hist.number_atoms_total               1514 
_refine_hist.d_res_high                       2.20 
_refine_hist.d_res_low                        28.95 
# 
loop_
_refine_ls_restr.type 
_refine_ls_restr.dev_ideal 
_refine_ls_restr.dev_ideal_target 
_refine_ls_restr.weight 
_refine_ls_restr.number 
_refine_ls_restr.pdbx_refine_id 
_refine_ls_restr.pdbx_restraint_function 
r_bond_refined_d             0.022  0.022  ? 1515 'X-RAY DIFFRACTION' ? 
r_bond_other_d               ?      ?      ? ?    'X-RAY DIFFRACTION' ? 
r_angle_refined_deg          1.880  1.936  ? 2055 'X-RAY DIFFRACTION' ? 
r_angle_other_deg            ?      ?      ? ?    'X-RAY DIFFRACTION' ? 
r_dihedral_angle_1_deg       7.865  5.000  ? 197  'X-RAY DIFFRACTION' ? 
r_dihedral_angle_2_deg       34.654 23.968 ? 63   'X-RAY DIFFRACTION' ? 
r_dihedral_angle_3_deg       16.333 15.000 ? 239  'X-RAY DIFFRACTION' ? 
r_dihedral_angle_4_deg       15.587 15.000 ? 9    'X-RAY DIFFRACTION' ? 
r_chiral_restr               0.129  0.200  ? 225  'X-RAY DIFFRACTION' ? 
r_gen_planes_refined         0.010  0.021  ? 1146 'X-RAY DIFFRACTION' ? 
r_gen_planes_other           ?      ?      ? ?    'X-RAY DIFFRACTION' ? 
r_nbd_refined                ?      ?      ? ?    'X-RAY DIFFRACTION' ? 
r_nbd_other                  ?      ?      ? ?    'X-RAY DIFFRACTION' ? 
r_nbtor_refined              ?      ?      ? ?    'X-RAY DIFFRACTION' ? 
r_nbtor_other                ?      ?      ? ?    'X-RAY DIFFRACTION' ? 
r_xyhbond_nbd_refined        ?      ?      ? ?    'X-RAY DIFFRACTION' ? 
r_xyhbond_nbd_other          ?      ?      ? ?    'X-RAY DIFFRACTION' ? 
r_metal_ion_refined          ?      ?      ? ?    'X-RAY DIFFRACTION' ? 
r_metal_ion_other            ?      ?      ? ?    'X-RAY DIFFRACTION' ? 
r_symmetry_vdw_refined       ?      ?      ? ?    'X-RAY DIFFRACTION' ? 
r_symmetry_vdw_other         ?      ?      ? ?    'X-RAY DIFFRACTION' ? 
r_symmetry_hbond_refined     ?      ?      ? ?    'X-RAY DIFFRACTION' ? 
r_symmetry_hbond_other       ?      ?      ? ?    'X-RAY DIFFRACTION' ? 
r_symmetry_metal_ion_refined ?      ?      ? ?    'X-RAY DIFFRACTION' ? 
r_symmetry_metal_ion_other   ?      ?      ? ?    'X-RAY DIFFRACTION' ? 
r_mcbond_it                  1.375  1.500  ? 966  'X-RAY DIFFRACTION' ? 
r_mcbond_other               ?      ?      ? ?    'X-RAY DIFFRACTION' ? 
r_mcangle_it                 2.475  2.000  ? 1534 'X-RAY DIFFRACTION' ? 
r_scbond_it                  3.425  3.000  ? 549  'X-RAY DIFFRACTION' ? 
r_scangle_it                 5.374  4.500  ? 518  'X-RAY DIFFRACTION' ? 
r_rigid_bond_restr           ?      ?      ? ?    'X-RAY DIFFRACTION' ? 
r_sphericity_free            ?      ?      ? ?    'X-RAY DIFFRACTION' ? 
r_sphericity_bonded          ?      ?      ? ?    'X-RAY DIFFRACTION' ? 
# 
_refine_ls_shell.pdbx_refine_id                   'X-RAY DIFFRACTION' 
_refine_ls_shell.pdbx_total_number_of_bins_used   20 
_refine_ls_shell.d_res_high                       2.20 
_refine_ls_shell.d_res_low                        2.26 
_refine_ls_shell.number_reflns_R_work             917 
_refine_ls_shell.R_factor_R_work                  0.3380 
_refine_ls_shell.percent_reflns_obs               92.04 
_refine_ls_shell.R_factor_R_free                  0.3610 
_refine_ls_shell.R_factor_R_free_error            ? 
_refine_ls_shell.percent_reflns_R_free            ? 
_refine_ls_shell.number_reflns_R_free             43 
_refine_ls_shell.number_reflns_all                ? 
_refine_ls_shell.R_factor_all                     ? 
_refine_ls_shell.redundancy_reflns_obs            ? 
_refine_ls_shell.number_reflns_obs                ? 
# 
_struct.entry_id                  3L6P 
_struct.title                     'Crystal Structure of Dengue Virus 1 NS2B/NS3 protease' 
_struct.pdbx_model_details        ? 
_struct.pdbx_CASP_flag            ? 
_struct.pdbx_model_type_details   ? 
# 
_struct_keywords.entry_id        3L6P 
_struct_keywords.pdbx_keywords   'VIRAL PROTEIN,HYDROLASE' 
_struct_keywords.text            'viral protease, serine protease, NS3 PROTEASE, NS2B COFACTOR, VIRAL PROTEIN, HYDROLASE' 
# 
loop_
_struct_asym.id 
_struct_asym.pdbx_blank_PDB_chainid_flag 
_struct_asym.pdbx_modified 
_struct_asym.entity_id 
_struct_asym.details 
A N N 1 ? 
B N N 2 ? 
C N N 2 ? 
D N N 2 ? 
E N N 3 ? 
F N N 4 ? 
G N N 5 ? 
# 
_struct_conf.conf_type_id            HELX_P 
_struct_conf.id                      HELX_P1 
_struct_conf.pdbx_PDB_helix_id       1 
_struct_conf.beg_label_comp_id       TRP 
_struct_conf.beg_label_asym_id       A 
_struct_conf.beg_label_seq_id        100 
_struct_conf.pdbx_beg_PDB_ins_code   ? 
_struct_conf.end_label_comp_id       ARG 
_struct_conf.end_label_asym_id       A 
_struct_conf.end_label_seq_id        104 
_struct_conf.pdbx_end_PDB_ins_code   ? 
_struct_conf.beg_auth_comp_id        TRP 
_struct_conf.beg_auth_asym_id        A 
_struct_conf.beg_auth_seq_id         100 
_struct_conf.end_auth_comp_id        ARG 
_struct_conf.end_auth_asym_id        A 
_struct_conf.end_auth_seq_id         104 
_struct_conf.pdbx_PDB_helix_class    1 
_struct_conf.details                 ? 
_struct_conf.pdbx_PDB_helix_length   5 
# 
_struct_conf_type.id          HELX_P 
_struct_conf_type.criteria    ? 
_struct_conf_type.reference   ? 
# 
loop_
_struct_conn.id 
_struct_conn.conn_type_id 
_struct_conn.pdbx_leaving_atom_flag 
_struct_conn.pdbx_PDB_id 
_struct_conn.ptnr1_label_asym_id 
_struct_conn.ptnr1_label_comp_id 
_struct_conn.ptnr1_label_seq_id 
_struct_conn.ptnr1_label_atom_id 
_struct_conn.pdbx_ptnr1_label_alt_id 
_struct_conn.pdbx_ptnr1_PDB_ins_code 
_struct_conn.pdbx_ptnr1_standard_comp_id 
_struct_conn.ptnr1_symmetry 
_struct_conn.ptnr2_label_asym_id 
_struct_conn.ptnr2_label_comp_id 
_struct_conn.ptnr2_label_seq_id 
_struct_conn.ptnr2_label_atom_id 
_struct_conn.pdbx_ptnr2_label_alt_id 
_struct_conn.pdbx_ptnr2_PDB_ins_code 
_struct_conn.ptnr1_auth_asym_id 
_struct_conn.ptnr1_auth_comp_id 
_struct_conn.ptnr1_auth_seq_id 
_struct_conn.ptnr2_auth_asym_id 
_struct_conn.ptnr2_auth_comp_id 
_struct_conn.ptnr2_auth_seq_id 
_struct_conn.ptnr2_symmetry 
_struct_conn.pdbx_ptnr3_label_atom_id 
_struct_conn.pdbx_ptnr3_label_seq_id 
_struct_conn.pdbx_ptnr3_label_comp_id 
_struct_conn.pdbx_ptnr3_label_asym_id 
_struct_conn.pdbx_ptnr3_label_alt_id 
_struct_conn.pdbx_ptnr3_PDB_ins_code 
_struct_conn.details 
_struct_conn.pdbx_dist_value 
_struct_conn.pdbx_value_order 
_struct_conn.pdbx_role 
metalc1 metalc ? ? A HIS 3   NE2 ? ? ? 1_555 D NI  . NI ? ? A HIS 3   A NI  303 1_555 ? ? ? ? ? ? ? 1.844 ? ? 
metalc2 metalc ? ? A HIS 23  ND1 ? ? ? 1_555 E CD  . CD ? ? A HIS 23  A CD  304 1_555 ? ? ? ? ? ? ? 1.891 ? ? 
metalc3 metalc ? ? A HIS 28  NE2 ? ? ? 1_555 B NI  . NI ? ? A HIS 28  A NI  301 1_555 ? ? ? ? ? ? ? 2.479 ? ? 
metalc4 metalc ? ? A HIS 28  ND1 ? ? ? 1_555 E CD  . CD ? ? A HIS 28  A CD  304 1_555 ? ? ? ? ? ? ? 2.276 ? ? 
metalc5 metalc ? ? A HIS 101 NE2 ? ? ? 1_555 C NI  . NI ? ? A HIS 101 A NI  302 1_555 ? ? ? ? ? ? ? 2.511 ? ? 
metalc6 metalc ? ? A GLU 144 OE2 ? ? ? 1_555 E CD  . CD ? ? A GLU 144 A CD  304 1_555 ? ? ? ? ? ? ? 2.468 ? ? 
metalc7 metalc ? ? A GLU 144 OE1 ? ? ? 1_555 E CD  . CD ? ? A GLU 144 A CD  304 1_555 ? ? ? ? ? ? ? 2.472 ? ? 
metalc8 metalc ? ? E CD  .   CD  ? ? ? 1_555 G HOH . O  ? ? A CD  304 A HOH 416 1_555 ? ? ? ? ? ? ? 2.625 ? ? 
# 
_struct_conn_type.id          metalc 
_struct_conn_type.criteria    ? 
_struct_conn_type.reference   ? 
# 
_struct_mon_prot_cis.pdbx_id                1 
_struct_mon_prot_cis.label_comp_id          HIS 
_struct_mon_prot_cis.label_seq_id           3 
_struct_mon_prot_cis.label_asym_id          A 
_struct_mon_prot_cis.label_alt_id           . 
_struct_mon_prot_cis.pdbx_PDB_ins_code      ? 
_struct_mon_prot_cis.auth_comp_id           HIS 
_struct_mon_prot_cis.auth_seq_id            3 
_struct_mon_prot_cis.auth_asym_id           A 
_struct_mon_prot_cis.pdbx_label_comp_id_2   MET 
_struct_mon_prot_cis.pdbx_label_seq_id_2    4 
_struct_mon_prot_cis.pdbx_label_asym_id_2   A 
_struct_mon_prot_cis.pdbx_PDB_ins_code_2    ? 
_struct_mon_prot_cis.pdbx_auth_comp_id_2    MET 
_struct_mon_prot_cis.pdbx_auth_seq_id_2     4 
_struct_mon_prot_cis.pdbx_auth_asym_id_2    A 
_struct_mon_prot_cis.pdbx_PDB_model_num     1 
_struct_mon_prot_cis.pdbx_omega_angle       7.77 
# 
loop_
_struct_sheet.id 
_struct_sheet.type 
_struct_sheet.number_strands 
_struct_sheet.details 
A ? 6 ? 
B ? 8 ? 
C ? 2 ? 
D ? 2 ? 
# 
loop_
_struct_sheet_order.sheet_id 
_struct_sheet_order.range_id_1 
_struct_sheet_order.range_id_2 
_struct_sheet_order.offset 
_struct_sheet_order.sense 
A 1 2 ? anti-parallel 
A 2 3 ? anti-parallel 
A 3 4 ? anti-parallel 
A 4 5 ? anti-parallel 
A 5 6 ? anti-parallel 
B 1 2 ? parallel      
B 2 3 ? anti-parallel 
B 3 4 ? anti-parallel 
B 4 5 ? anti-parallel 
B 5 6 ? anti-parallel 
B 6 7 ? anti-parallel 
B 7 8 ? anti-parallel 
C 1 2 ? anti-parallel 
D 1 2 ? anti-parallel 
# 
loop_
_struct_sheet_range.sheet_id 
_struct_sheet_range.id 
_struct_sheet_range.beg_label_comp_id 
_struct_sheet_range.beg_label_asym_id 
_struct_sheet_range.beg_label_seq_id 
_struct_sheet_range.pdbx_beg_PDB_ins_code 
_struct_sheet_range.end_label_comp_id 
_struct_sheet_range.end_label_asym_id 
_struct_sheet_range.end_label_seq_id 
_struct_sheet_range.pdbx_end_PDB_ins_code 
_struct_sheet_range.beg_auth_comp_id 
_struct_sheet_range.beg_auth_asym_id 
_struct_sheet_range.beg_auth_seq_id 
_struct_sheet_range.end_auth_comp_id 
_struct_sheet_range.end_auth_asym_id 
_struct_sheet_range.end_auth_seq_id 
A 1 LEU A 7   ? ALA A 13  ? LEU A 7   ALA A 13  
A 2 GLY A 71  ? ARG A 78  ? GLY A 71  ARG A 78  
A 3 ARG A 83  ? GLN A 92  ? ARG A 83  GLN A 92  
A 4 VAL A 95  ? MET A 99  ? VAL A 95  MET A 99  
A 5 LEU A 126 ? TYR A 129 ? LEU A 126 TYR A 129 
A 6 PRO A 117 ? SER A 121 ? PRO A 117 SER A 121 
B 1 GLU A 22  ? HIS A 23  ? GLU A 22  HIS A 23  
B 2 LYS A 157 ? THR A 161 ? LYS A 157 THR A 161 
B 3 VAL A 145 ? ALA A 149 ? VAL A 145 ALA A 149 
B 4 PRO A 188 ? VAL A 190 ? PRO A 188 VAL A 190 
B 5 ILE A 196 ? VAL A 204 ? ILE A 196 VAL A 204 
B 6 VAL A 212 ? ALA A 216 ? VAL A 212 ALA A 216 
B 7 VAL A 173 ? ILE A 176 ? VAL A 173 ILE A 176 
B 8 GLY A 164 ? PHE A 166 ? GLY A 164 PHE A 166 
C 1 VAL A 32  ? VAL A 34  ? VAL A 32  VAL A 34  
C 2 MET A 40  ? ILE A 42  ? MET A 40  ILE A 42  
D 1 LEU A 108 ? TYR A 110 ? LEU A 108 TYR A 110 
D 2 LYS A 113 ? LEU A 115 ? LYS A 113 LEU A 115 
# 
loop_
_pdbx_struct_sheet_hbond.sheet_id 
_pdbx_struct_sheet_hbond.range_id_1 
_pdbx_struct_sheet_hbond.range_id_2 
_pdbx_struct_sheet_hbond.range_1_label_atom_id 
_pdbx_struct_sheet_hbond.range_1_label_comp_id 
_pdbx_struct_sheet_hbond.range_1_label_asym_id 
_pdbx_struct_sheet_hbond.range_1_label_seq_id 
_pdbx_struct_sheet_hbond.range_1_PDB_ins_code 
_pdbx_struct_sheet_hbond.range_1_auth_atom_id 
_pdbx_struct_sheet_hbond.range_1_auth_comp_id 
_pdbx_struct_sheet_hbond.range_1_auth_asym_id 
_pdbx_struct_sheet_hbond.range_1_auth_seq_id 
_pdbx_struct_sheet_hbond.range_2_label_atom_id 
_pdbx_struct_sheet_hbond.range_2_label_comp_id 
_pdbx_struct_sheet_hbond.range_2_label_asym_id 
_pdbx_struct_sheet_hbond.range_2_label_seq_id 
_pdbx_struct_sheet_hbond.range_2_PDB_ins_code 
_pdbx_struct_sheet_hbond.range_2_auth_atom_id 
_pdbx_struct_sheet_hbond.range_2_auth_comp_id 
_pdbx_struct_sheet_hbond.range_2_auth_asym_id 
_pdbx_struct_sheet_hbond.range_2_auth_seq_id 
A 1 2 N GLU A 10  ? N GLU A 10  O ARG A 74  ? O ARG A 74  
A 2 3 N GLN A 77  ? N GLN A 77  O SER A 84  ? O SER A 84  
A 3 4 N GLN A 92  ? N GLN A 92  O VAL A 95  ? O VAL A 95  
A 4 5 N THR A 98  ? N THR A 98  O ILE A 127 ? O ILE A 127 
A 5 6 O SER A 128 ? O SER A 128 N SER A 118 ? N SER A 118 
B 1 2 N GLU A 22  ? N GLU A 22  O GLN A 160 ? O GLN A 160 
B 2 3 O THR A 161 ? O THR A 161 N VAL A 145 ? N VAL A 145 
B 3 4 N ILE A 148 ? N ILE A 148 O PRO A 188 ? O PRO A 188 
B 4 5 N ILE A 189 ? N ILE A 189 O VAL A 197 ? O VAL A 197 
B 5 6 N LEU A 199 ? N LEU A 199 O ALA A 216 ? O ALA A 216 
B 6 7 O SER A 213 ? O SER A 213 N ILE A 176 ? N ILE A 176 
B 7 8 O VAL A 173 ? O VAL A 173 N PHE A 166 ? N PHE A 166 
C 1 2 N GLU A 33  ? N GLU A 33  O LYS A 41  ? O LYS A 41  
D 1 2 N LEU A 108 ? N LEU A 108 O LEU A 115 ? O LEU A 115 
# 
loop_
_struct_site.id 
_struct_site.pdbx_evidence_code 
_struct_site.pdbx_auth_asym_id 
_struct_site.pdbx_auth_comp_id 
_struct_site.pdbx_auth_seq_id 
_struct_site.pdbx_auth_ins_code 
_struct_site.pdbx_num_residues 
_struct_site.details 
AC1 Software A NI  301 ? 3 'BINDING SITE FOR RESIDUE NI A 301'  
AC2 Software A NI  302 ? 4 'BINDING SITE FOR RESIDUE NI A 302'  
AC3 Software A NI  303 ? 1 'BINDING SITE FOR RESIDUE NI A 303'  
AC4 Software A CD  304 ? 4 'BINDING SITE FOR RESIDUE CD A 304'  
AC5 Software A SO4 305 ? 3 'BINDING SITE FOR RESIDUE SO4 A 305' 
# 
loop_
_struct_site_gen.id 
_struct_site_gen.site_id 
_struct_site_gen.pdbx_num_res 
_struct_site_gen.label_comp_id 
_struct_site_gen.label_asym_id 
_struct_site_gen.label_seq_id 
_struct_site_gen.pdbx_auth_ins_code 
_struct_site_gen.auth_comp_id 
_struct_site_gen.auth_asym_id 
_struct_site_gen.auth_seq_id 
_struct_site_gen.label_atom_id 
_struct_site_gen.label_alt_id 
_struct_site_gen.symmetry 
_struct_site_gen.details 
1  AC1 3 HIS A 28  ? HIS A 28  . ? 1_555 ? 
2  AC1 3 ASP A 36  ? ASP A 36  . ? 4_555 ? 
3  AC1 3 ASP A 36  ? ASP A 36  . ? 2_455 ? 
4  AC2 4 HIS A 101 ? HIS A 101 . ? 1_555 ? 
5  AC2 4 SER A 185 ? SER A 185 . ? 1_555 ? 
6  AC2 4 ASN A 202 ? ASN A 202 . ? 1_555 ? 
7  AC2 4 HOH G .   ? HOH A 415 . ? 1_555 ? 
8  AC3 1 HIS A 3   ? HIS A 3   . ? 1_555 ? 
9  AC4 4 HIS A 23  ? HIS A 23  . ? 1_555 ? 
10 AC4 4 HIS A 28  ? HIS A 28  . ? 1_555 ? 
11 AC4 4 GLU A 144 ? GLU A 144 . ? 1_555 ? 
12 AC4 4 HOH G .   ? HOH A 416 . ? 1_555 ? 
13 AC5 3 GLU A 18  ? GLU A 18  . ? 1_555 ? 
14 AC5 3 PRO A 156 ? PRO A 156 . ? 1_555 ? 
15 AC5 3 ASN A 158 ? ASN A 158 . ? 1_555 ? 
# 
_atom_sites.entry_id                    3L6P 
_atom_sites.fract_transf_matrix[1][1]   0.00402458 
_atom_sites.fract_transf_matrix[1][2]   -0.01621390 
_atom_sites.fract_transf_matrix[1][3]   -0.00563286 
_atom_sites.fract_transf_matrix[2][1]   -0.01296108 
_atom_sites.fract_transf_matrix[2][2]   -0.00603291 
_atom_sites.fract_transf_matrix[2][3]   0.00810498 
_atom_sites.fract_transf_matrix[3][1]   -0.00353134 
_atom_sites.fract_transf_matrix[3][2]   0.00086233 
_atom_sites.fract_transf_matrix[3][3]   -0.00500526 
_atom_sites.fract_transf_vector[1]      -0.387948 
_atom_sites.fract_transf_vector[2]      -0.284601 
_atom_sites.fract_transf_vector[3]      0.155659 
# 
loop_
_atom_type.symbol 
C  
CD 
N  
NI 
O  
S  
# 
loop_
_atom_site.group_PDB 
_atom_site.id 
_atom_site.type_symbol 
_atom_site.label_atom_id 
_atom_site.label_alt_id 
_atom_site.label_comp_id 
_atom_site.label_asym_id 
_atom_site.label_entity_id 
_atom_site.label_seq_id 
_atom_site.pdbx_PDB_ins_code 
_atom_site.Cartn_x 
_atom_site.Cartn_y 
_atom_site.Cartn_z 
_atom_site.occupancy 
_atom_site.B_iso_or_equiv 
_atom_site.pdbx_formal_charge 
_atom_site.auth_seq_id 
_atom_site.auth_comp_id 
_atom_site.auth_asym_id 
_atom_site.auth_atom_id 
_atom_site.pdbx_PDB_model_num 
ATOM   1    N  N   . HIS A 1 3   ? 9.035   8.118   -25.515 1.00 61.26  ? 3   HIS A N   1 
ATOM   2    C  CA  . HIS A 1 3   ? 7.697   8.653   -25.352 1.00 59.98  ? 3   HIS A CA  1 
ATOM   3    C  C   . HIS A 1 3   ? 6.711   7.930   -26.298 1.00 62.45  ? 3   HIS A C   1 
ATOM   4    O  O   . HIS A 1 3   ? 6.764   8.066   -27.514 1.00 62.17  ? 3   HIS A O   1 
ATOM   5    C  CB  . HIS A 1 3   ? 7.655   10.176  -25.547 1.00 58.69  ? 3   HIS A CB  1 
ATOM   6    C  CG  . HIS A 1 3   ? 6.292   10.749  -25.361 1.00 52.06  ? 3   HIS A CG  1 
ATOM   7    N  ND1 . HIS A 1 3   ? 5.597   10.621  -24.202 1.00 49.67  ? 3   HIS A ND1 1 
ATOM   8    C  CD2 . HIS A 1 3   ? 5.474   11.383  -26.208 1.00 54.38  ? 3   HIS A CD2 1 
ATOM   9    C  CE1 . HIS A 1 3   ? 4.423   11.182  -24.319 1.00 44.41  ? 3   HIS A CE1 1 
ATOM   10   N  NE2 . HIS A 1 3   ? 4.322   11.647  -25.532 1.00 44.27  ? 3   HIS A NE2 1 
ATOM   11   N  N   . MET A 1 4   ? 5.739   7.220   -25.734 1.00 20.00  ? 4   MET A N   1 
ATOM   12   C  CA  . MET A 1 4   ? 5.421   7.189   -24.302 1.00 20.00  ? 4   MET A CA  1 
ATOM   13   C  C   . MET A 1 4   ? 5.734   5.842   -23.748 1.00 20.00  ? 4   MET A C   1 
ATOM   14   O  O   . MET A 1 4   ? 6.696   5.222   -24.117 1.00 20.00  ? 4   MET A O   1 
ATOM   15   C  CB  . MET A 1 4   ? 3.942   7.450   -24.095 1.00 20.00  ? 4   MET A CB  1 
ATOM   16   N  N   . ALA A 1 5   ? 4.889   5.364   -22.870 1.00 20.00  ? 5   ALA A N   1 
ATOM   17   C  CA  . ALA A 1 5   ? 5.168   4.097   -22.277 1.00 20.00  ? 5   ALA A CA  1 
ATOM   18   C  C   . ALA A 1 5   ? 6.503   4.092   -21.575 1.00 20.00  ? 5   ALA A C   1 
ATOM   19   O  O   . ALA A 1 5   ? 7.265   3.181   -21.713 1.00 20.00  ? 5   ALA A O   1 
ATOM   20   C  CB  . ALA A 1 5   ? 5.147   3.087   -23.303 1.00 20.00  ? 5   ALA A CB  1 
ATOM   21   N  N   . ASP A 1 6   ? 6.780   5.144   -20.836 1.00 51.52  ? 6   ASP A N   1 
ATOM   22   C  CA  . ASP A 1 6   ? 7.965   5.205   -20.022 1.00 47.55  ? 6   ASP A CA  1 
ATOM   23   C  C   . ASP A 1 6   ? 7.944   4.452   -18.686 1.00 45.40  ? 6   ASP A C   1 
ATOM   24   O  O   . ASP A 1 6   ? 8.949   4.389   -18.055 1.00 44.27  ? 6   ASP A O   1 
ATOM   25   C  CB  . ASP A 1 6   ? 8.426   6.649   -19.834 1.00 46.50  ? 6   ASP A CB  1 
ATOM   26   C  CG  . ASP A 1 6   ? 7.405   7.514   -19.130 1.00 48.03  ? 6   ASP A CG  1 
ATOM   27   O  OD1 . ASP A 1 6   ? 6.240   7.453   -19.494 1.00 49.05  ? 6   ASP A OD1 1 
ATOM   28   O  OD2 . ASP A 1 6   ? 7.767   8.264   -18.232 1.00 37.34  ? 6   ASP A OD2 1 
ATOM   29   N  N   . LEU A 1 7   ? 6.814   3.908   -18.244 1.00 41.88  ? 7   LEU A N   1 
ATOM   30   C  CA  . LEU A 1 7   ? 6.751   3.189   -16.970 1.00 39.44  ? 7   LEU A CA  1 
ATOM   31   C  C   . LEU A 1 7   ? 6.466   1.730   -17.123 1.00 39.00  ? 7   LEU A C   1 
ATOM   32   O  O   . LEU A 1 7   ? 5.681   1.366   -17.921 1.00 39.86  ? 7   LEU A O   1 
ATOM   33   C  CB  . LEU A 1 7   ? 5.706   3.802   -16.062 1.00 38.81  ? 7   LEU A CB  1 
ATOM   34   C  CG  . LEU A 1 7   ? 5.827   5.271   -15.738 1.00 37.00  ? 7   LEU A CG  1 
ATOM   35   C  CD1 . LEU A 1 7   ? 4.674   5.643   -14.961 1.00 38.08  ? 7   LEU A CD1 1 
ATOM   36   C  CD2 . LEU A 1 7   ? 7.064   5.595   -14.986 1.00 29.88  ? 7   LEU A CD2 1 
ATOM   37   N  N   . SER A 1 8   ? 7.101   0.899   -16.341 1.00 36.25  ? 8   SER A N   1 
ATOM   38   C  CA  . SER A 1 8   ? 6.896   -0.514  -16.429 1.00 37.98  ? 8   SER A CA  1 
ATOM   39   C  C   . SER A 1 8   ? 6.868   -1.103  -15.039 1.00 38.68  ? 8   SER A C   1 
ATOM   40   O  O   . SER A 1 8   ? 7.365   -0.457  -14.105 1.00 38.29  ? 8   SER A O   1 
ATOM   41   C  CB  . SER A 1 8   ? 8.017   -1.140  -17.314 1.00 37.25  ? 8   SER A CB  1 
ATOM   42   O  OG  . SER A 1 8   ? 9.286   -1.000  -16.691 1.00 39.50  ? 8   SER A OG  1 
ATOM   43   N  N   . LEU A 1 9   ? 6.341   -2.297  -14.879 1.00 39.00  ? 9   LEU A N   1 
ATOM   44   C  CA  . LEU A 1 9   ? 6.241   -2.935  -13.591 1.00 40.49  ? 9   LEU A CA  1 
ATOM   45   C  C   . LEU A 1 9   ? 7.083   -4.164  -13.397 1.00 42.26  ? 9   LEU A C   1 
ATOM   46   O  O   . LEU A 1 9   ? 7.303   -4.889  -14.296 1.00 43.26  ? 9   LEU A O   1 
ATOM   47   C  CB  . LEU A 1 9   ? 4.814   -3.351  -13.335 1.00 39.76  ? 9   LEU A CB  1 
ATOM   48   C  CG  . LEU A 1 9   ? 3.704   -2.373  -13.611 1.00 42.77  ? 9   LEU A CG  1 
ATOM   49   C  CD1 . LEU A 1 9   ? 2.423   -3.063  -13.445 1.00 42.03  ? 9   LEU A CD1 1 
ATOM   50   C  CD2 . LEU A 1 9   ? 3.776   -1.249  -12.709 1.00 38.26  ? 9   LEU A CD2 1 
ATOM   51   N  N   . GLU A 1 10  ? 7.507   -4.406  -12.271 1.00 42.64  ? 10  GLU A N   1 
ATOM   52   C  CA  . GLU A 1 10  ? 8.254   -5.566  -11.899 1.00 44.98  ? 10  GLU A CA  1 
ATOM   53   C  C   . GLU A 1 10  ? 7.814   -6.067  -10.550 1.00 44.59  ? 10  GLU A C   1 
ATOM   54   O  O   . GLU A 1 10  ? 7.807   -5.339  -9.624  1.00 45.32  ? 10  GLU A O   1 
ATOM   55   C  CB  . GLU A 1 10  ? 9.732   -5.248  -11.854 1.00 46.88  ? 10  GLU A CB  1 
ATOM   56   C  CG  . GLU A 1 10  ? 10.537  -6.401  -11.353 1.00 53.32  ? 10  GLU A CG  1 
ATOM   57   C  CD  . GLU A 1 10  ? 11.980  -6.081  -11.112 1.00 60.95  ? 10  GLU A CD  1 
ATOM   58   O  OE1 . GLU A 1 10  ? 12.681  -5.785  -12.085 1.00 63.38  ? 10  GLU A OE1 1 
ATOM   59   O  OE2 . GLU A 1 10  ? 12.421  -6.158  -9.954  1.00 63.25  ? 10  GLU A OE2 1 
ATOM   60   N  N   . LYS A 1 11  ? 7.477   -7.326  -10.442 1.00 20.00  ? 11  LYS A N   1 
ATOM   61   C  CA  . LYS A 1 11  ? 7.038   -7.877  -9.195  1.00 20.00  ? 11  LYS A CA  1 
ATOM   62   C  C   . LYS A 1 11  ? 8.114   -7.886  -8.156  1.00 20.00  ? 11  LYS A C   1 
ATOM   63   O  O   . LYS A 1 11  ? 9.236   -8.131  -8.452  1.00 20.00  ? 11  LYS A O   1 
ATOM   64   C  CB  . LYS A 1 11  ? 6.545   -9.282  -9.406  1.00 20.00  ? 11  LYS A CB  1 
ATOM   65   C  CG  . LYS A 1 11  ? 5.578   -9.683  -8.394  1.00 20.00  ? 11  LYS A CG  1 
ATOM   66   C  CD  . LYS A 1 11  ? 5.261   -11.105 -8.470  1.00 20.00  ? 11  LYS A CD  1 
ATOM   67   C  CE  . LYS A 1 11  ? 4.095   -11.412 -7.614  1.00 20.00  ? 11  LYS A CE  1 
ATOM   68   N  NZ  . LYS A 1 11  ? 3.783   -12.820 -7.642  1.00 20.00  ? 11  LYS A NZ  1 
ATOM   69   N  N   . ALA A 1 12  ? 7.741   -7.628  -6.920  1.00 20.00  ? 12  ALA A N   1 
ATOM   70   C  CA  . ALA A 1 12  ? 8.672   -7.656  -5.831  1.00 20.00  ? 12  ALA A CA  1 
ATOM   71   C  C   . ALA A 1 12  ? 8.308   -8.479  -4.616  1.00 20.00  ? 12  ALA A C   1 
ATOM   72   O  O   . ALA A 1 12  ? 9.160   -8.811  -3.859  1.00 20.00  ? 12  ALA A O   1 
ATOM   73   C  CB  . ALA A 1 12  ? 8.988   -6.297  -5.428  1.00 20.00  ? 12  ALA A CB  1 
ATOM   74   N  N   . ALA A 1 13  ? 7.041   -8.702  -4.355  1.00 20.00  ? 13  ALA A N   1 
ATOM   75   C  CA  . ALA A 1 13  ? 6.621   -9.427  -3.165  1.00 20.00  ? 13  ALA A CA  1 
ATOM   76   C  C   . ALA A 1 13  ? 5.181   -9.852  -3.235  1.00 20.00  ? 13  ALA A C   1 
ATOM   77   O  O   . ALA A 1 13  ? 4.488   -9.477  -4.125  1.00 20.00  ? 13  ALA A O   1 
ATOM   78   C  CB  . ALA A 1 13  ? 6.849   -8.650  -1.966  1.00 20.00  ? 13  ALA A CB  1 
ATOM   79   N  N   . GLU A 1 14  ? 4.761   -10.647 -2.269  1.00 20.00  ? 14  GLU A N   1 
ATOM   80   C  CA  . GLU A 1 14  ? 3.369   -10.994 -2.046  1.00 20.00  ? 14  GLU A CA  1 
ATOM   81   C  C   . GLU A 1 14  ? 2.903   -10.303 -0.815  1.00 20.00  ? 14  GLU A C   1 
ATOM   82   O  O   . GLU A 1 14  ? 3.670   -9.909  0.006   1.00 20.00  ? 14  GLU A O   1 
ATOM   83   C  CB  . GLU A 1 14  ? 3.177   -12.475 -1.807  1.00 20.00  ? 14  GLU A CB  1 
ATOM   84   C  CG  . GLU A 1 14  ? 3.801   -13.377 -2.810  1.00 20.00  ? 14  GLU A CG  1 
ATOM   85   C  CD  . GLU A 1 14  ? 2.888   -13.690 -3.909  1.00 20.00  ? 14  GLU A CD  1 
ATOM   86   O  OE1 . GLU A 1 14  ? 1.796   -13.152 -3.859  1.00 20.00  ? 14  GLU A OE1 1 
ATOM   87   O  OE2 . GLU A 1 14  ? 3.228   -14.468 -4.802  1.00 20.00  ? 14  GLU A OE2 1 
ATOM   88   N  N   . VAL A 1 15  ? 1.615   -10.172 -0.693  1.00 47.62  ? 15  VAL A N   1 
ATOM   89   C  CA  . VAL A 1 15  ? 1.017   -9.511  0.429   1.00 47.62  ? 15  VAL A CA  1 
ATOM   90   C  C   . VAL A 1 15  ? 0.731   -10.448 1.576   1.00 49.22  ? 15  VAL A C   1 
ATOM   91   O  O   . VAL A 1 15  ? 0.070   -11.432 1.430   1.00 49.25  ? 15  VAL A O   1 
ATOM   92   C  CB  . VAL A 1 15  ? -0.309  -8.939  0.005   1.00 20.00  ? 15  VAL A CB  1 
ATOM   93   C  CG1 . VAL A 1 15  ? -0.958  -8.252  1.101   1.00 20.00  ? 15  VAL A CG1 1 
ATOM   94   C  CG2 . VAL A 1 15  ? -0.149  -8.064  -1.134  1.00 20.00  ? 15  VAL A CG2 1 
ATOM   95   N  N   . SER A 1 16  ? 1.259   -10.123 2.732   1.00 50.42  ? 16  SER A N   1 
ATOM   96   C  CA  . SER A 1 16  ? 0.886   -10.793 3.937   1.00 52.04  ? 16  SER A CA  1 
ATOM   97   C  C   . SER A 1 16  ? 1.329   -10.040 5.153   1.00 52.59  ? 16  SER A C   1 
ATOM   98   O  O   . SER A 1 16  ? 2.239   -9.250  5.102   1.00 50.90  ? 16  SER A O   1 
ATOM   99   C  CB  . SER A 1 16  ? 1.463   -12.175 3.971   1.00 52.03  ? 16  SER A CB  1 
ATOM   100  O  OG  . SER A 1 16  ? 2.833   -12.111 4.185   1.00 55.89  ? 16  SER A OG  1 
ATOM   101  N  N   . TRP A 1 17  ? 0.664   -10.332 6.254   1.00 53.93  ? 17  TRP A N   1 
ATOM   102  C  CA  . TRP A 1 17  ? 1.060   -9.915  7.579   1.00 54.94  ? 17  TRP A CA  1 
ATOM   103  C  C   . TRP A 1 17  ? 2.092   -10.920 8.061   1.00 57.13  ? 17  TRP A C   1 
ATOM   104  O  O   . TRP A 1 17  ? 1.890   -12.139 7.913   1.00 58.35  ? 17  TRP A O   1 
ATOM   105  C  CB  . TRP A 1 17  ? -0.161  -9.986  8.471   1.00 54.89  ? 17  TRP A CB  1 
ATOM   106  C  CG  . TRP A 1 17  ? 0.046   -9.672  9.959   1.00 53.64  ? 17  TRP A CG  1 
ATOM   107  C  CD1 . TRP A 1 17  ? 0.466   -10.540 10.926  1.00 50.60  ? 17  TRP A CD1 1 
ATOM   108  C  CD2 . TRP A 1 17  ? -0.195  -8.420  10.626  1.00 51.16  ? 17  TRP A CD2 1 
ATOM   109  N  NE1 . TRP A 1 17  ? 0.488   -9.917  12.143  1.00 50.92  ? 17  TRP A NE1 1 
ATOM   110  C  CE2 . TRP A 1 17  ? 0.095   -8.617  11.994  1.00 48.70  ? 17  TRP A CE2 1 
ATOM   111  C  CE3 . TRP A 1 17  ? -0.614  -7.156  10.195  1.00 47.28  ? 17  TRP A CE3 1 
ATOM   112  C  CZ2 . TRP A 1 17  ? -0.004  -7.609  12.925  1.00 49.50  ? 17  TRP A CZ2 1 
ATOM   113  C  CZ3 . TRP A 1 17  ? -0.743  -6.158  11.114  1.00 48.54  ? 17  TRP A CZ3 1 
ATOM   114  C  CH2 . TRP A 1 17  ? -0.444  -6.383  12.482  1.00 50.64  ? 17  TRP A CH2 1 
ATOM   115  N  N   . GLU A 1 18  ? 3.197   -10.404 8.603   1.00 58.49  ? 18  GLU A N   1 
ATOM   116  C  CA  . GLU A 1 18  ? 4.271   -11.204 9.155   1.00 59.91  ? 18  GLU A CA  1 
ATOM   117  C  C   . GLU A 1 18  ? 4.210   -11.126 10.675  1.00 60.64  ? 18  GLU A C   1 
ATOM   118  O  O   . GLU A 1 18  ? 4.493   -10.076 11.261  1.00 60.54  ? 18  GLU A O   1 
ATOM   119  C  CB  . GLU A 1 18  ? 5.652   -10.703 8.679   1.00 59.52  ? 18  GLU A CB  1 
ATOM   120  C  CG  . GLU A 1 18  ? 5.982   -10.910 7.200   1.00 62.75  ? 18  GLU A CG  1 
ATOM   121  C  CD  . GLU A 1 18  ? 6.261   -12.371 6.763   1.00 68.41  ? 18  GLU A CD  1 
ATOM   122  O  OE1 . GLU A 1 18  ? 6.528   -13.263 7.619   1.00 71.36  ? 18  GLU A OE1 1 
ATOM   123  O  OE2 . GLU A 1 18  ? 6.218   -12.624 5.531   1.00 70.94  ? 18  GLU A OE2 1 
ATOM   124  N  N   . GLU A 1 19  ? 3.900   -12.231 11.337  1.00 62.32  ? 19  GLU A N   1 
ATOM   125  C  CA  . GLU A 1 19  ? 3.955   -12.216 12.789  1.00 63.24  ? 19  GLU A CA  1 
ATOM   126  C  C   . GLU A 1 19  ? 5.414   -11.991 13.178  1.00 64.13  ? 19  GLU A C   1 
ATOM   127  O  O   . GLU A 1 19  ? 6.315   -12.604 12.604  1.00 65.45  ? 19  GLU A O   1 
ATOM   128  C  CB  . GLU A 1 19  ? 3.447   -13.537 13.364  1.00 63.72  ? 19  GLU A CB  1 
ATOM   129  N  N   . GLU A 1 20  ? 5.746   -11.181 14.137  1.00 64.46  ? 20  GLU A N   1 
ATOM   130  C  CA  . GLU A 1 20  ? 7.170   -11.119 14.356  1.00 65.26  ? 20  GLU A CA  1 
ATOM   131  C  C   . GLU A 1 20  ? 7.928   -10.319 13.323  1.00 65.33  ? 20  GLU A C   1 
ATOM   132  O  O   . GLU A 1 20  ? 9.080   -10.563 13.079  1.00 65.99  ? 20  GLU A O   1 
ATOM   133  C  CB  . GLU A 1 20  ? 7.745   -12.526 14.367  1.00 66.28  ? 20  GLU A CB  1 
ATOM   134  N  N   . ALA A 1 21  ? 7.252   -9.397  12.682  1.00 64.32  ? 21  ALA A N   1 
ATOM   135  C  CA  . ALA A 1 21  ? 7.859   -8.364  11.891  1.00 62.51  ? 21  ALA A CA  1 
ATOM   136  C  C   . ALA A 1 21  ? 8.448   -7.299  12.784  1.00 61.02  ? 21  ALA A C   1 
ATOM   137  O  O   . ALA A 1 21  ? 8.050   -7.129  13.897  1.00 60.98  ? 21  ALA A O   1 
ATOM   138  C  CB  . ALA A 1 21  ? 6.866   -7.756  11.015  1.00 62.72  ? 21  ALA A CB  1 
ATOM   139  N  N   . GLU A 1 22  ? 9.387   -6.555  12.266  1.00 59.43  ? 22  GLU A N   1 
ATOM   140  C  CA  . GLU A 1 22  ? 9.935   -5.465  13.005  1.00 59.04  ? 22  GLU A CA  1 
ATOM   141  C  C   . GLU A 1 22  ? 8.908   -4.406  13.294  1.00 56.86  ? 22  GLU A C   1 
ATOM   142  O  O   . GLU A 1 22  ? 8.146   -4.048  12.450  1.00 56.41  ? 22  GLU A O   1 
ATOM   143  C  CB  . GLU A 1 22  ? 11.025  -4.836  12.179  1.00 60.36  ? 22  GLU A CB  1 
ATOM   144  C  CG  . GLU A 1 22  ? 11.991  -4.054  12.967  1.00 65.50  ? 22  GLU A CG  1 
ATOM   145  C  CD  . GLU A 1 22  ? 12.844  -3.179  12.112  1.00 71.83  ? 22  GLU A CD  1 
ATOM   146  O  OE1 . GLU A 1 22  ? 12.787  -3.311  10.885  1.00 74.05  ? 22  GLU A OE1 1 
ATOM   147  O  OE2 . GLU A 1 22  ? 13.571  -2.351  12.673  1.00 72.06  ? 22  GLU A OE2 1 
ATOM   148  N  N   . HIS A 1 23  ? 8.928   -3.883  14.499  1.00 54.62  ? 23  HIS A N   1 
ATOM   149  C  CA  . HIS A 1 23  ? 8.072   -2.763  14.908  1.00 53.43  ? 23  HIS A CA  1 
ATOM   150  C  C   . HIS A 1 23  ? 8.850   -1.469  14.790  1.00 53.93  ? 23  HIS A C   1 
ATOM   151  O  O   . HIS A 1 23  ? 10.014  -1.397  15.176  1.00 54.29  ? 23  HIS A O   1 
ATOM   152  C  CB  . HIS A 1 23  ? 7.584   -2.841  16.392  1.00 51.40  ? 23  HIS A CB  1 
ATOM   153  C  CG  . HIS A 1 23  ? 6.464   -3.810  16.668  1.00 48.08  ? 23  HIS A CG  1 
ATOM   154  N  ND1 . HIS A 1 23  ? 5.293   -3.456  17.362  1.00 38.66  ? 23  HIS A ND1 1 
ATOM   155  C  CD2 . HIS A 1 23  ? 6.366   -5.135  16.405  1.00 42.66  ? 23  HIS A CD2 1 
ATOM   156  C  CE1 . HIS A 1 23  ? 4.531   -4.521  17.484  1.00 41.37  ? 23  HIS A CE1 1 
ATOM   157  N  NE2 . HIS A 1 23  ? 5.153   -5.556  16.908  1.00 41.99  ? 23  HIS A NE2 1 
ATOM   158  N  N   . SER A 1 24  ? 8.205   -0.408  14.334  1.00 54.19  ? 24  SER A N   1 
ATOM   159  C  CA  . SER A 1 24  ? 8.877   0.871   14.381  1.00 55.84  ? 24  SER A CA  1 
ATOM   160  C  C   . SER A 1 24  ? 7.870   1.919   14.658  1.00 56.16  ? 24  SER A C   1 
ATOM   161  O  O   . SER A 1 24  ? 6.700   1.783   14.302  1.00 56.47  ? 24  SER A O   1 
ATOM   162  C  CB  . SER A 1 24  ? 9.653   1.162   13.077  1.00 56.01  ? 24  SER A CB  1 
ATOM   163  O  OG  . SER A 1 24  ? 10.224  2.470   13.125  1.00 58.45  ? 24  SER A OG  1 
ATOM   164  N  N   . GLY A 1 25  ? 8.314   2.954   15.354  1.00 57.39  ? 25  GLY A N   1 
ATOM   165  C  CA  . GLY A 1 25  ? 7.424   4.034   15.758  1.00 58.19  ? 25  GLY A CA  1 
ATOM   166  C  C   . GLY A 1 25  ? 7.709   4.536   17.155  1.00 58.57  ? 25  GLY A C   1 
ATOM   167  O  O   . GLY A 1 25  ? 8.377   3.877   17.950  1.00 58.54  ? 25  GLY A O   1 
ATOM   168  N  N   . ALA A 1 26  ? 7.172   5.715   17.434  1.00 59.43  ? 26  ALA A N   1 
ATOM   169  C  CA  . ALA A 1 26  ? 7.224   6.322   18.759  1.00 61.19  ? 26  ALA A CA  1 
ATOM   170  C  C   . ALA A 1 26  ? 6.555   5.506   19.901  1.00 60.81  ? 26  ALA A C   1 
ATOM   171  O  O   . ALA A 1 26  ? 6.974   5.566   21.064  1.00 61.93  ? 26  ALA A O   1 
ATOM   172  C  CB  . ALA A 1 26  ? 6.577   7.737   18.676  1.00 61.65  ? 26  ALA A CB  1 
ATOM   173  N  N   . SER A 1 27  ? 5.496   4.779   19.569  1.00 60.16  ? 27  SER A N   1 
ATOM   174  C  CA  . SER A 1 27  ? 4.639   4.156   20.581  1.00 59.26  ? 27  SER A CA  1 
ATOM   175  C  C   . SER A 1 27  ? 4.050   2.848   20.064  1.00 57.77  ? 27  SER A C   1 
ATOM   176  O  O   . SER A 1 27  ? 4.058   2.591   18.860  1.00 58.27  ? 27  SER A O   1 
ATOM   177  C  CB  . SER A 1 27  ? 3.509   5.116   20.946  1.00 59.32  ? 27  SER A CB  1 
ATOM   178  O  OG  . SER A 1 27  ? 2.464   5.004   19.977  1.00 63.61  ? 27  SER A OG  1 
ATOM   179  N  N   . HIS A 1 28  ? 3.547   2.029   20.987  1.00 55.92  ? 28  HIS A N   1 
ATOM   180  C  CA  . HIS A 1 28  ? 2.820   0.821   20.676  1.00 53.30  ? 28  HIS A CA  1 
ATOM   181  C  C   . HIS A 1 28  ? 1.426   0.841   21.246  1.00 51.62  ? 28  HIS A C   1 
ATOM   182  O  O   . HIS A 1 28  ? 1.210   1.389   22.323  1.00 51.43  ? 28  HIS A O   1 
ATOM   183  C  CB  . HIS A 1 28  ? 3.583   -0.391  21.143  1.00 53.55  ? 28  HIS A CB  1 
ATOM   184  C  CG  . HIS A 1 28  ? 4.997   -0.395  20.671  1.00 57.17  ? 28  HIS A CG  1 
ATOM   185  N  ND1 . HIS A 1 28  ? 5.355   -0.824  19.410  1.00 58.48  ? 28  HIS A ND1 1 
ATOM   186  C  CD2 . HIS A 1 28  ? 6.134   0.044   21.259  1.00 59.50  ? 28  HIS A CD2 1 
ATOM   187  C  CE1 . HIS A 1 28  ? 6.660   -0.701  19.265  1.00 57.54  ? 28  HIS A CE1 1 
ATOM   188  N  NE2 . HIS A 1 28  ? 7.155   -0.176  20.370  1.00 61.36  ? 28  HIS A NE2 1 
ATOM   189  N  N   . ASN A 1 29  ? 0.474   0.273   20.488  1.00 50.21  ? 29  ASN A N   1 
ATOM   190  C  CA  . ASN A 1 29  ? -0.914  0.066   20.965  1.00 47.90  ? 29  ASN A CA  1 
ATOM   191  C  C   . ASN A 1 29  ? -1.116  -1.409  21.168  1.00 46.89  ? 29  ASN A C   1 
ATOM   192  O  O   . ASN A 1 29  ? -1.001  -2.180  20.218  1.00 45.48  ? 29  ASN A O   1 
ATOM   193  C  CB  . ASN A 1 29  ? -1.943  0.579   19.990  1.00 48.94  ? 29  ASN A CB  1 
ATOM   194  C  CG  . ASN A 1 29  ? -2.061  2.066   20.019  1.00 52.13  ? 29  ASN A CG  1 
ATOM   195  O  OD1 . ASN A 1 29  ? -1.652  2.701   20.989  1.00 57.05  ? 29  ASN A OD1 1 
ATOM   196  N  ND2 . ASN A 1 29  ? -2.657  2.648   18.976  1.00 53.90  ? 29  ASN A ND2 1 
ATOM   197  N  N   . ILE A 1 30  ? -1.359  -1.801  22.427  1.00 44.45  ? 30  ILE A N   1 
ATOM   198  C  CA  . ILE A 1 30  ? -1.414  -3.211  22.801  1.00 43.23  ? 30  ILE A CA  1 
ATOM   199  C  C   . ILE A 1 30  ? -2.743  -3.493  23.537  1.00 42.19  ? 30  ILE A C   1 
ATOM   200  O  O   . ILE A 1 30  ? -3.118  -2.809  24.528  1.00 41.77  ? 30  ILE A O   1 
ATOM   201  C  CB  . ILE A 1 30  ? -0.124  -3.598  23.576  1.00 44.41  ? 30  ILE A CB  1 
ATOM   202  C  CG1 . ILE A 1 30  ? 1.080   -3.476  22.612  1.00 45.41  ? 30  ILE A CG1 1 
ATOM   203  C  CG2 . ILE A 1 30  ? -0.174  -5.022  24.116  1.00 41.00  ? 30  ILE A CG2 1 
ATOM   204  C  CD1 . ILE A 1 30  ? 2.432   -3.568  23.290  1.00 49.08  ? 30  ILE A CD1 1 
ATOM   205  N  N   . LEU A 1 31  ? -3.498  -4.396  22.955  1.00 41.42  ? 31  LEU A N   1 
ATOM   206  C  CA  . LEU A 1 31  ? -4.808  -4.754  23.485  1.00 43.09  ? 31  LEU A CA  1 
ATOM   207  C  C   . LEU A 1 31  ? -4.670  -5.835  24.538  1.00 42.39  ? 31  LEU A C   1 
ATOM   208  O  O   . LEU A 1 31  ? -4.164  -6.885  24.251  1.00 42.15  ? 31  LEU A O   1 
ATOM   209  C  CB  . LEU A 1 31  ? -5.774  -5.234  22.385  1.00 42.63  ? 31  LEU A CB  1 
ATOM   210  C  CG  . LEU A 1 31  ? -7.193  -5.438  22.962  1.00 42.30  ? 31  LEU A CG  1 
ATOM   211  C  CD1 . LEU A 1 31  ? -7.807  -4.140  23.526  1.00 41.28  ? 31  LEU A CD1 1 
ATOM   212  C  CD2 . LEU A 1 31  ? -8.147  -6.111  21.933  1.00 46.08  ? 31  LEU A CD2 1 
ATOM   213  N  N   . VAL A 1 32  ? -5.113  -5.562  25.758  1.00 43.75  ? 32  VAL A N   1 
ATOM   214  C  CA  . VAL A 1 32  ? -4.911  -6.529  26.852  1.00 45.31  ? 32  VAL A CA  1 
ATOM   215  C  C   . VAL A 1 32  ? -6.245  -7.122  27.332  1.00 46.22  ? 32  VAL A C   1 
ATOM   216  O  O   . VAL A 1 32  ? -7.212  -6.402  27.550  1.00 46.95  ? 32  VAL A O   1 
ATOM   217  C  CB  . VAL A 1 32  ? -4.123  -5.808  27.965  1.00 44.89  ? 32  VAL A CB  1 
ATOM   218  C  CG1 . VAL A 1 32  ? -4.325  -6.398  29.304  1.00 47.87  ? 32  VAL A CG1 1 
ATOM   219  C  CG2 . VAL A 1 32  ? -2.673  -5.756  27.583  1.00 45.31  ? 32  VAL A CG2 1 
ATOM   220  N  N   . GLU A 1 33  ? -6.326  -8.443  27.414  1.00 48.43  ? 33  GLU A N   1 
ATOM   221  C  CA  . GLU A 1 33  ? -7.508  -9.098  27.989  1.00 51.17  ? 33  GLU A CA  1 
ATOM   222  C  C   . GLU A 1 33  ? -7.254  -9.392  29.467  1.00 51.81  ? 33  GLU A C   1 
ATOM   223  O  O   . GLU A 1 33  ? -6.317  -10.102 29.821  1.00 51.85  ? 33  GLU A O   1 
ATOM   224  C  CB  . GLU A 1 33  ? -7.825  -10.387 27.246  1.00 51.23  ? 33  GLU A CB  1 
ATOM   225  C  CG  . GLU A 1 33  ? -9.132  -11.042 27.658  1.00 55.43  ? 33  GLU A CG  1 
ATOM   226  C  CD  . GLU A 1 33  ? -9.401  -12.306 26.849  1.00 60.12  ? 33  GLU A CD  1 
ATOM   227  O  OE1 . GLU A 1 33  ? -8.476  -13.161 26.787  1.00 64.30  ? 33  GLU A OE1 1 
ATOM   228  O  OE2 . GLU A 1 33  ? -10.506 -12.436 26.265  1.00 58.60  ? 33  GLU A OE2 1 
ATOM   229  N  N   . VAL A 1 34  ? -8.075  -8.811  30.310  1.00 53.46  ? 34  VAL A N   1 
ATOM   230  C  CA  . VAL A 1 34  ? -8.057  -9.084  31.738  1.00 57.15  ? 34  VAL A CA  1 
ATOM   231  C  C   . VAL A 1 34  ? -9.212  -9.996  32.140  1.00 58.96  ? 34  VAL A C   1 
ATOM   232  O  O   . VAL A 1 34  ? -10.345 -9.731  31.789  1.00 57.67  ? 34  VAL A O   1 
ATOM   233  C  CB  . VAL A 1 34  ? -8.271  -7.781  32.526  1.00 56.23  ? 34  VAL A CB  1 
ATOM   234  C  CG1 . VAL A 1 34  ? -8.724  -8.091  33.960  1.00 58.94  ? 34  VAL A CG1 1 
ATOM   235  C  CG2 . VAL A 1 34  ? -7.027  -6.951  32.499  1.00 55.92  ? 34  VAL A CG2 1 
ATOM   236  N  N   . GLN A 1 35  ? -8.921  -11.041 32.903  1.00 63.04  ? 35  GLN A N   1 
ATOM   237  C  CA  . GLN A 1 35  ? -9.985  -11.887 33.458  1.00 66.99  ? 35  GLN A CA  1 
ATOM   238  C  C   . GLN A 1 35  ? -10.113 -11.729 34.959  1.00 69.00  ? 35  GLN A C   1 
ATOM   239  O  O   . GLN A 1 35  ? -9.110  -11.479 35.674  1.00 69.66  ? 35  GLN A O   1 
ATOM   240  C  CB  . GLN A 1 35  ? -9.761  -13.363 33.096  1.00 67.12  ? 35  GLN A CB  1 
ATOM   241  C  CG  . GLN A 1 35  ? -10.620 -13.842 31.918  1.00 71.12  ? 35  GLN A CG  1 
ATOM   242  C  CD  . GLN A 1 35  ? -9.856  -14.718 30.935  1.00 75.24  ? 35  GLN A CD  1 
ATOM   243  O  OE1 . GLN A 1 35  ? -8.982  -15.505 31.324  1.00 78.39  ? 35  GLN A OE1 1 
ATOM   244  N  NE2 . GLN A 1 35  ? -10.181 -14.582 29.643  1.00 76.28  ? 35  GLN A NE2 1 
ATOM   245  N  N   . ASP A 1 36  ? -11.341 -11.913 35.443  1.00 71.42  ? 36  ASP A N   1 
ATOM   246  C  CA  . ASP A 1 36  ? -11.625 -11.959 36.890  1.00 73.11  ? 36  ASP A CA  1 
ATOM   247  C  C   . ASP A 1 36  ? -10.800 -12.970 37.706  1.00 73.65  ? 36  ASP A C   1 
ATOM   248  O  O   . ASP A 1 36  ? -10.535 -12.732 38.883  1.00 73.71  ? 36  ASP A O   1 
ATOM   249  C  CB  . ASP A 1 36  ? -13.111 -12.161 37.128  1.00 73.23  ? 36  ASP A CB  1 
ATOM   250  C  CG  . ASP A 1 36  ? -13.946 -11.008 36.590  1.00 77.14  ? 36  ASP A CG  1 
ATOM   251  O  OD1 . ASP A 1 36  ? -15.170 -10.962 36.893  1.00 80.61  ? 36  ASP A OD1 1 
ATOM   252  O  OD2 . ASP A 1 36  ? -13.389 -10.146 35.856  1.00 79.67  ? 36  ASP A OD2 1 
ATOM   253  N  N   . ASP A 1 37  ? -10.381 -14.078 37.097  1.00 74.52  ? 37  ASP A N   1 
ATOM   254  C  CA  . ASP A 1 37  ? -9.569  -15.068 37.827  1.00 75.62  ? 37  ASP A CA  1 
ATOM   255  C  C   . ASP A 1 37  ? -8.060  -14.700 37.981  1.00 75.54  ? 37  ASP A C   1 
ATOM   256  O  O   . ASP A 1 37  ? -7.226  -15.549 38.361  1.00 75.60  ? 37  ASP A O   1 
ATOM   257  C  CB  . ASP A 1 37  ? -9.759  -16.473 37.241  1.00 75.97  ? 37  ASP A CB  1 
ATOM   258  C  CG  . ASP A 1 37  ? -9.093  -16.631 35.902  1.00 78.44  ? 37  ASP A CG  1 
ATOM   259  O  OD1 . ASP A 1 37  ? -8.685  -15.594 35.337  1.00 80.31  ? 37  ASP A OD1 1 
ATOM   260  O  OD2 . ASP A 1 37  ? -8.974  -17.786 35.413  1.00 81.03  ? 37  ASP A OD2 1 
ATOM   261  N  N   . GLY A 1 38  ? -7.723  -13.435 37.700  1.00 75.23  ? 38  GLY A N   1 
ATOM   262  C  CA  . GLY A 1 38  ? -6.361  -12.925 37.906  1.00 74.27  ? 38  GLY A CA  1 
ATOM   263  C  C   . GLY A 1 38  ? -5.420  -13.079 36.723  1.00 73.60  ? 38  GLY A C   1 
ATOM   264  O  O   . GLY A 1 38  ? -4.236  -12.701 36.786  1.00 73.79  ? 38  GLY A O   1 
ATOM   265  N  N   . THR A 1 39  ? -5.926  -13.623 35.631  1.00 72.45  ? 39  THR A N   1 
ATOM   266  C  CA  . THR A 1 39  ? -5.071  -13.791 34.476  1.00 71.94  ? 39  THR A CA  1 
ATOM   267  C  C   . THR A 1 39  ? -5.192  -12.578 33.570  1.00 71.08  ? 39  THR A C   1 
ATOM   268  O  O   . THR A 1 39  ? -6.255  -11.947 33.438  1.00 70.95  ? 39  THR A O   1 
ATOM   269  C  CB  . THR A 1 39  ? -5.304  -15.113 33.733  1.00 71.92  ? 39  THR A CB  1 
ATOM   270  O  OG1 . THR A 1 39  ? -6.679  -15.502 33.855  1.00 72.43  ? 39  THR A OG1 1 
ATOM   271  C  CG2 . THR A 1 39  ? -4.451  -16.204 34.348  1.00 73.16  ? 39  THR A CG2 1 
ATOM   272  N  N   . MET A 1 40  ? -4.054  -12.226 33.004  1.00 69.88  ? 40  MET A N   1 
ATOM   273  C  CA  . MET A 1 40  ? -3.974  -11.129 32.090  1.00 68.27  ? 40  MET A CA  1 
ATOM   274  C  C   . MET A 1 40  ? -3.237  -11.648 30.883  1.00 67.21  ? 40  MET A C   1 
ATOM   275  O  O   . MET A 1 40  ? -2.175  -12.240 31.013  1.00 67.11  ? 40  MET A O   1 
ATOM   276  C  CB  . MET A 1 40  ? -3.236  -9.987  32.745  1.00 68.22  ? 40  MET A CB  1 
ATOM   277  C  CG  . MET A 1 40  ? -3.556  -8.677  32.163  1.00 69.00  ? 40  MET A CG  1 
ATOM   278  S  SD  . MET A 1 40  ? -2.326  -7.501  32.661  1.00 70.41  ? 40  MET A SD  1 
ATOM   279  C  CE  . MET A 1 40  ? -3.136  -6.825  34.064  1.00 70.61  ? 40  MET A CE  1 
ATOM   280  N  N   . LYS A 1 41  ? -3.827  -11.434 29.715  1.00 65.93  ? 41  LYS A N   1 
ATOM   281  C  CA  . LYS A 1 41  ? -3.360  -12.017 28.465  1.00 64.96  ? 41  LYS A CA  1 
ATOM   282  C  C   . LYS A 1 41  ? -3.141  -10.882 27.476  1.00 63.26  ? 41  LYS A C   1 
ATOM   283  O  O   . LYS A 1 41  ? -3.948  -9.955  27.410  1.00 61.43  ? 41  LYS A O   1 
ATOM   284  C  CB  . LYS A 1 41  ? -4.447  -12.942 27.904  1.00 65.46  ? 41  LYS A CB  1 
ATOM   285  C  CG  . LYS A 1 41  ? -3.984  -14.331 27.486  1.00 69.22  ? 41  LYS A CG  1 
ATOM   286  C  CD  . LYS A 1 41  ? -4.234  -15.374 28.575  1.00 73.62  ? 41  LYS A CD  1 
ATOM   287  C  CE  . LYS A 1 41  ? -5.728  -15.707 28.714  1.00 77.65  ? 41  LYS A CE  1 
ATOM   288  N  NZ  . LYS A 1 41  ? -6.263  -16.552 27.585  1.00 79.53  ? 41  LYS A NZ  1 
ATOM   289  N  N   . ILE A 1 42  ? -2.040  -10.941 26.734  1.00 62.07  ? 42  ILE A N   1 
ATOM   290  C  CA  . ILE A 1 42  ? -1.877  -10.087 25.566  1.00 61.49  ? 42  ILE A CA  1 
ATOM   291  C  C   . ILE A 1 42  ? -2.604  -10.815 24.437  1.00 60.88  ? 42  ILE A C   1 
ATOM   292  O  O   . ILE A 1 42  ? -2.163  -11.901 24.027  1.00 61.06  ? 42  ILE A O   1 
ATOM   293  C  CB  . ILE A 1 42  ? -0.406  -9.893  25.123  1.00 61.76  ? 42  ILE A CB  1 
ATOM   294  C  CG1 . ILE A 1 42  ? 0.551   -9.598  26.303  1.00 62.88  ? 42  ILE A CG1 1 
ATOM   295  C  CG2 . ILE A 1 42  ? -0.340  -8.814  24.055  1.00 62.91  ? 42  ILE A CG2 1 
ATOM   296  C  CD1 . ILE A 1 42  ? 0.170   -8.400  27.211  1.00 65.15  ? 42  ILE A CD1 1 
ATOM   297  N  N   . LYS A 1 43  ? -3.709  -10.237 23.954  1.00 58.85  ? 43  LYS A N   1 
ATOM   298  C  CA  . LYS A 1 43  ? -4.525  -10.887 22.924  1.00 58.53  ? 43  LYS A CA  1 
ATOM   299  C  C   . LYS A 1 43  ? -3.835  -10.891 21.551  1.00 59.53  ? 43  LYS A C   1 
ATOM   300  C  CB  . LYS A 1 43  ? -5.923  -10.208 22.811  1.00 55.78  ? 43  LYS A CB  1 
ATOM   301  N  N   . VAL A 1 63  ? -4.585  -24.558 -11.352 1.00 47.49  ? 63  VAL A N   1 
ATOM   302  C  CA  . VAL A 1 63  ? -5.015  -23.682 -12.541 1.00 47.97  ? 63  VAL A CA  1 
ATOM   303  C  C   . VAL A 1 63  ? -4.250  -22.342 -12.668 1.00 47.24  ? 63  VAL A C   1 
ATOM   304  O  O   . VAL A 1 63  ? -4.300  -21.509 -11.769 1.00 46.33  ? 63  VAL A O   1 
ATOM   305  C  CB  . VAL A 1 63  ? -6.487  -23.318 -12.525 1.00 47.12  ? 63  VAL A CB  1 
ATOM   306  C  CG1 . VAL A 1 63  ? -6.900  -22.677 -13.840 1.00 46.96  ? 63  VAL A CG1 1 
ATOM   307  C  CG2 . VAL A 1 63  ? -7.349  -24.507 -12.305 1.00 51.46  ? 63  VAL A CG2 1 
ATOM   308  N  N   . LEU A 1 64  ? -3.575  -22.137 -13.797 1.00 46.58  ? 64  LEU A N   1 
ATOM   309  C  CA  . LEU A 1 64  ? -3.029  -20.824 -14.100 1.00 46.52  ? 64  LEU A CA  1 
ATOM   310  C  C   . LEU A 1 64  ? -4.144  -19.888 -14.612 1.00 46.21  ? 64  LEU A C   1 
ATOM   311  O  O   . LEU A 1 64  ? -4.809  -20.187 -15.580 1.00 45.58  ? 64  LEU A O   1 
ATOM   312  C  CB  . LEU A 1 64  ? -1.840  -20.961 -15.086 1.00 47.76  ? 64  LEU A CB  1 
ATOM   313  C  CG  . LEU A 1 64  ? -0.930  -19.759 -15.460 1.00 51.52  ? 64  LEU A CG  1 
ATOM   314  C  CD1 . LEU A 1 64  ? -0.138  -19.205 -14.243 1.00 53.37  ? 64  LEU A CD1 1 
ATOM   315  C  CD2 . LEU A 1 64  ? 0.081   -20.082 -16.597 1.00 57.65  ? 64  LEU A CD2 1 
ATOM   316  N  N   . TRP A 1 65  ? -4.393  -18.774 -13.934 1.00 45.65  ? 65  TRP A N   1 
ATOM   317  C  CA  . TRP A 1 65  ? -5.250  -17.731 -14.489 1.00 45.92  ? 65  TRP A CA  1 
ATOM   318  C  C   . TRP A 1 65  ? -4.504  -16.814 -15.478 1.00 46.96  ? 65  TRP A C   1 
ATOM   319  O  O   . TRP A 1 65  ? -3.318  -16.575 -15.348 1.00 46.88  ? 65  TRP A O   1 
ATOM   320  C  CB  . TRP A 1 65  ? -5.912  -16.910 -13.369 1.00 45.09  ? 65  TRP A CB  1 
ATOM   321  C  CG  . TRP A 1 65  ? -6.540  -17.800 -12.417 1.00 47.11  ? 65  TRP A CG  1 
ATOM   322  C  CD1 . TRP A 1 65  ? -6.073  -18.141 -11.191 1.00 52.84  ? 65  TRP A CD1 1 
ATOM   323  C  CD2 . TRP A 1 65  ? -7.720  -18.588 -12.636 1.00 50.26  ? 65  TRP A CD2 1 
ATOM   324  N  NE1 . TRP A 1 65  ? -6.921  -19.045 -10.594 1.00 56.60  ? 65  TRP A NE1 1 
ATOM   325  C  CE2 . TRP A 1 65  ? -7.931  -19.356 -11.465 1.00 52.38  ? 65  TRP A CE2 1 
ATOM   326  C  CE3 . TRP A 1 65  ? -8.633  -18.699 -13.701 1.00 48.92  ? 65  TRP A CE3 1 
ATOM   327  C  CZ2 . TRP A 1 65  ? -9.032  -20.240 -11.310 1.00 54.02  ? 65  TRP A CZ2 1 
ATOM   328  C  CZ3 . TRP A 1 65  ? -9.737  -19.586 -13.560 1.00 50.57  ? 65  TRP A CZ3 1 
ATOM   329  C  CH2 . TRP A 1 65  ? -9.915  -20.348 -12.366 1.00 53.18  ? 65  TRP A CH2 1 
ATOM   330  N  N   . ASP A 1 66  ? -5.235  -16.312 -16.442 1.00 48.32  ? 66  ASP A N   1 
ATOM   331  C  CA  . ASP A 1 66  ? -4.786  -15.339 -17.397 1.00 50.19  ? 66  ASP A CA  1 
ATOM   332  C  C   . ASP A 1 66  ? -5.047  -13.980 -16.845 1.00 51.63  ? 66  ASP A C   1 
ATOM   333  O  O   . ASP A 1 66  ? -5.897  -13.284 -17.315 1.00 52.72  ? 66  ASP A O   1 
ATOM   334  C  CB  . ASP A 1 66  ? -5.614  -15.478 -18.648 1.00 49.71  ? 66  ASP A CB  1 
ATOM   335  C  CG  . ASP A 1 66  ? -5.244  -14.496 -19.699 1.00 51.97  ? 66  ASP A CG  1 
ATOM   336  O  OD1 . ASP A 1 66  ? -4.049  -14.339 -19.939 1.00 49.94  ? 66  ASP A OD1 1 
ATOM   337  O  OD2 . ASP A 1 66  ? -6.137  -13.906 -20.302 1.00 47.12  ? 66  ASP A OD2 1 
ATOM   338  N  N   . THR A 1 67  ? -4.308  -13.633 -15.800 1.00 51.43  ? 67  THR A N   1 
ATOM   339  C  CA  . THR A 1 67  ? -4.400  -12.329 -15.171 1.00 51.21  ? 67  THR A CA  1 
ATOM   340  C  C   . THR A 1 67  ? -3.023  -12.024 -14.614 1.00 50.56  ? 67  THR A C   1 
ATOM   341  O  O   . THR A 1 67  ? -2.231  -12.939 -14.390 1.00 49.40  ? 67  THR A O   1 
ATOM   342  C  CB  . THR A 1 67  ? -5.429  -12.318 -14.029 1.00 51.23  ? 67  THR A CB  1 
ATOM   343  O  OG1 . THR A 1 67  ? -5.488  -11.011 -13.447 1.00 53.62  ? 67  THR A OG1 1 
ATOM   344  C  CG2 . THR A 1 67  ? -5.046  -13.328 -12.958 1.00 51.12  ? 67  THR A CG2 1 
ATOM   345  N  N   . PRO A 1 68  ? -2.723  -10.752 -14.379 1.00 50.21  ? 68  PRO A N   1 
ATOM   346  C  CA  . PRO A 1 68  ? -1.417  -10.429 -13.809 1.00 50.06  ? 68  PRO A CA  1 
ATOM   347  C  C   . PRO A 1 68  ? -1.369  -11.080 -12.438 1.00 49.07  ? 68  PRO A C   1 
ATOM   348  O  O   . PRO A 1 68  ? -2.368  -11.051 -11.720 1.00 47.54  ? 68  PRO A O   1 
ATOM   349  C  CB  . PRO A 1 68  ? -1.466  -8.908  -13.674 1.00 50.52  ? 68  PRO A CB  1 
ATOM   350  C  CG  . PRO A 1 68  ? -2.396  -8.472  -14.747 1.00 50.96  ? 68  PRO A CG  1 
ATOM   351  C  CD  . PRO A 1 68  ? -3.433  -9.553  -14.856 1.00 51.37  ? 68  PRO A CD  1 
ATOM   352  N  N   . SER A 1 69  ? -0.228  -11.664 -12.087 1.00 49.02  ? 69  SER A N   1 
ATOM   353  C  CA  . SER A 1 69  ? -0.077  -12.340 -10.803 1.00 49.96  ? 69  SER A CA  1 
ATOM   354  C  C   . SER A 1 69  ? -0.212  -11.366 -9.638  1.00 48.88  ? 69  SER A C   1 
ATOM   355  O  O   . SER A 1 69  ? 0.499   -10.363 -9.570  1.00 48.41  ? 69  SER A O   1 
ATOM   356  C  CB  . SER A 1 69  ? 1.272   -13.059 -10.733 1.00 50.46  ? 69  SER A CB  1 
ATOM   357  O  OG  . SER A 1 69  ? 1.435   -13.719 -9.490  1.00 55.16  ? 69  SER A OG  1 
ATOM   358  N  N   . PRO A 1 70  ? -1.126  -11.668 -8.723  1.00 20.00  ? 70  PRO A N   1 
ATOM   359  C  CA  . PRO A 1 70  ? -1.344  -10.824 -7.544  1.00 20.00  ? 70  PRO A CA  1 
ATOM   360  C  C   . PRO A 1 70  ? -0.056  -10.631 -6.752  1.00 20.00  ? 70  PRO A C   1 
ATOM   361  O  O   . PRO A 1 70  ? 0.676   -11.595 -6.526  1.00 20.00  ? 70  PRO A O   1 
ATOM   362  C  CB  . PRO A 1 70  ? -2.351  -11.631 -6.722  1.00 20.00  ? 70  PRO A CB  1 
ATOM   363  C  CG  . PRO A 1 70  ? -3.097  -12.429 -7.732  1.00 20.00  ? 70  PRO A CG  1 
ATOM   364  C  CD  . PRO A 1 70  ? -2.100  -12.770 -8.803  1.00 20.00  ? 70  PRO A CD  1 
ATOM   365  N  N   . GLY A 1 71  ? 0.214   -9.398  -6.339  1.00 37.84  ? 71  GLY A N   1 
ATOM   366  C  CA  . GLY A 1 71  ? 1.419   -9.094  -5.597  1.00 40.09  ? 71  GLY A CA  1 
ATOM   367  C  C   . GLY A 1 71  ? 1.756   -7.619  -5.555  1.00 39.59  ? 71  GLY A C   1 
ATOM   368  O  O   . GLY A 1 71  ? 0.962   -6.767  -5.951  1.00 40.21  ? 71  GLY A O   1 
ATOM   369  N  N   . ILE A 1 72  ? 2.957   -7.330  -5.069  1.00 38.93  ? 72  ILE A N   1 
ATOM   370  C  CA  . ILE A 1 72  ? 3.468   -5.996  -5.005  1.00 38.03  ? 72  ILE A CA  1 
ATOM   371  C  C   . ILE A 1 72  ? 4.500   -5.811  -6.078  1.00 37.77  ? 72  ILE A C   1 
ATOM   372  O  O   . ILE A 1 72  ? 5.341   -6.634  -6.260  1.00 38.69  ? 72  ILE A O   1 
ATOM   373  C  CB  . ILE A 1 72  ? 4.053   -5.723  -3.635  1.00 38.95  ? 72  ILE A CB  1 
ATOM   374  C  CG1 . ILE A 1 72  ? 3.117   -6.256  -2.571  1.00 37.01  ? 72  ILE A CG1 1 
ATOM   375  C  CG2 . ILE A 1 72  ? 4.288   -4.265  -3.429  1.00 36.48  ? 72  ILE A CG2 1 
ATOM   376  C  CD1 . ILE A 1 72  ? 3.528   -6.005  -1.217  1.00 37.73  ? 72  ILE A CD1 1 
ATOM   377  N  N   . TYR A 1 73  ? 4.393   -4.721  -6.802  1.00 35.03  ? 73  TYR A N   1 
ATOM   378  C  CA  . TYR A 1 73  ? 5.238   -4.407  -7.925  1.00 35.36  ? 73  TYR A CA  1 
ATOM   379  C  C   . TYR A 1 73  ? 5.878   -3.042  -7.882  1.00 36.30  ? 73  TYR A C   1 
ATOM   380  O  O   . TYR A 1 73  ? 5.290   -2.111  -7.442  1.00 36.18  ? 73  TYR A O   1 
ATOM   381  C  CB  . TYR A 1 73  ? 4.413   -4.452  -9.185  1.00 36.55  ? 73  TYR A CB  1 
ATOM   382  C  CG  . TYR A 1 73  ? 3.875   -5.799  -9.550  1.00 37.60  ? 73  TYR A CG  1 
ATOM   383  C  CD1 . TYR A 1 73  ? 4.285   -6.422  -10.688 1.00 39.42  ? 73  TYR A CD1 1 
ATOM   384  C  CD2 . TYR A 1 73  ? 2.944   -6.424  -8.777  1.00 33.06  ? 73  TYR A CD2 1 
ATOM   385  C  CE1 . TYR A 1 73  ? 3.799   -7.602  -11.031 1.00 43.50  ? 73  TYR A CE1 1 
ATOM   386  C  CE2 . TYR A 1 73  ? 2.472   -7.599  -9.117  1.00 38.96  ? 73  TYR A CE2 1 
ATOM   387  C  CZ  . TYR A 1 73  ? 2.904   -8.191  -10.245 1.00 39.28  ? 73  TYR A CZ  1 
ATOM   388  O  OH  . TYR A 1 73  ? 2.432   -9.382  -10.613 1.00 43.14  ? 73  TYR A OH  1 
ATOM   389  N  N   . ARG A 1 74  ? 7.074   -2.939  -8.415  1.00 34.01  ? 74  ARG A N   1 
ATOM   390  C  CA  . ARG A 1 74  ? 7.837   -1.700  -8.440  1.00 33.59  ? 74  ARG A CA  1 
ATOM   391  C  C   . ARG A 1 74  ? 7.386   -1.016  -9.647  1.00 32.48  ? 74  ARG A C   1 
ATOM   392  O  O   . ARG A 1 74  ? 7.106   -1.657  -10.662 1.00 33.32  ? 74  ARG A O   1 
ATOM   393  C  CB  . ARG A 1 74  ? 9.371   -1.948  -8.502  1.00 33.31  ? 74  ARG A CB  1 
ATOM   394  C  CG  . ARG A 1 74  ? 9.953   -2.791  -7.292  1.00 34.36  ? 74  ARG A CG  1 
ATOM   395  C  CD  . ARG A 1 74  ? 11.549  -3.029  -7.388  1.00 35.55  ? 74  ARG A CD  1 
ATOM   396  N  NE  . ARG A 1 74  ? 11.946  -3.994  -6.353  1.00 29.72  ? 74  ARG A NE  1 
ATOM   397  C  CZ  . ARG A 1 74  ? 12.343  -3.658  -5.137  1.00 32.15  ? 74  ARG A CZ  1 
ATOM   398  N  NH1 . ARG A 1 74  ? 12.398  -2.362  -4.776  1.00 35.80  ? 74  ARG A NH1 1 
ATOM   399  N  NH2 . ARG A 1 74  ? 12.624  -4.603  -4.265  1.00 34.17  ? 74  ARG A NH2 1 
ATOM   400  N  N   . ILE A 1 75  ? 7.256   0.299   -9.585  1.00 32.33  ? 75  ILE A N   1 
ATOM   401  C  CA  . ILE A 1 75  ? 6.861   1.014   -10.773 1.00 32.15  ? 75  ILE A CA  1 
ATOM   402  C  C   . ILE A 1 75  ? 8.146   1.694   -11.191 1.00 33.59  ? 75  ILE A C   1 
ATOM   403  O  O   . ILE A 1 75  ? 8.685   2.428   -10.394 1.00 33.93  ? 75  ILE A O   1 
ATOM   404  C  CB  . ILE A 1 75  ? 5.723   2.060   -10.510 1.00 31.18  ? 75  ILE A CB  1 
ATOM   405  C  CG1 . ILE A 1 75  ? 4.425   1.346   -10.077 1.00 33.47  ? 75  ILE A CG1 1 
ATOM   406  C  CG2 . ILE A 1 75  ? 5.430   2.782   -11.787 1.00 28.19  ? 75  ILE A CG2 1 
ATOM   407  C  CD1 . ILE A 1 75  ? 3.242   2.270   -9.539  1.00 31.53  ? 75  ILE A CD1 1 
ATOM   408  N  N   . LEU A 1 76  ? 8.581   1.511   -12.441 1.00 35.21  ? 76  LEU A N   1 
ATOM   409  C  CA  . LEU A 1 76  ? 9.935   1.894   -12.850 1.00 37.02  ? 76  LEU A CA  1 
ATOM   410  C  C   . LEU A 1 76  ? 9.917   2.779   -14.052 1.00 39.15  ? 76  LEU A C   1 
ATOM   411  O  O   . LEU A 1 76  ? 9.137   2.585   -14.970 1.00 40.13  ? 76  LEU A O   1 
ATOM   412  C  CB  . LEU A 1 76  ? 10.774  0.647   -13.139 1.00 38.39  ? 76  LEU A CB  1 
ATOM   413  C  CG  . LEU A 1 76  ? 10.982  -0.450  -12.076 1.00 37.96  ? 76  LEU A CG  1 
ATOM   414  C  CD1 . LEU A 1 76  ? 11.690  -1.661  -12.653 1.00 40.43  ? 76  LEU A CD1 1 
ATOM   415  C  CD2 . LEU A 1 76  ? 11.773  0.013   -10.819 1.00 36.59  ? 76  LEU A CD2 1 
ATOM   416  N  N   . GLN A 1 77  ? 10.777  3.788   -14.045 1.00 40.67  ? 77  GLN A N   1 
ATOM   417  C  CA  . GLN A 1 77  ? 10.891  4.731   -15.124 1.00 43.39  ? 77  GLN A CA  1 
ATOM   418  C  C   . GLN A 1 77  ? 12.318  4.607   -15.727 1.00 46.12  ? 77  GLN A C   1 
ATOM   419  O  O   . GLN A 1 77  ? 13.288  4.587   -14.965 1.00 46.62  ? 77  GLN A O   1 
ATOM   420  C  CB  . GLN A 1 77  ? 10.700  6.161   -14.585 1.00 41.83  ? 77  GLN A CB  1 
ATOM   421  C  CG  . GLN A 1 77  ? 10.820  7.255   -15.668 1.00 43.56  ? 77  GLN A CG  1 
ATOM   422  C  CD  . GLN A 1 77  ? 10.479  8.605   -15.165 1.00 44.48  ? 77  GLN A CD  1 
ATOM   423  O  OE1 . GLN A 1 77  ? 9.459   8.748   -14.489 1.00 44.67  ? 77  GLN A OE1 1 
ATOM   424  N  NE2 . GLN A 1 77  ? 11.330  9.633   -15.465 1.00 46.87  ? 77  GLN A NE2 1 
ATOM   425  N  N   . ARG A 1 78  ? 12.453  4.517   -17.056 1.00 49.18  ? 78  ARG A N   1 
ATOM   426  C  CA  . ARG A 1 78  ? 13.805  4.373   -17.656 1.00 53.27  ? 78  ARG A CA  1 
ATOM   427  C  C   . ARG A 1 78  ? 14.519  5.741   -17.619 1.00 54.13  ? 78  ARG A C   1 
ATOM   428  O  O   . ARG A 1 78  ? 14.009  6.693   -18.199 1.00 55.55  ? 78  ARG A O   1 
ATOM   429  C  CB  . ARG A 1 78  ? 13.742  3.810   -19.097 1.00 54.52  ? 78  ARG A CB  1 
ATOM   430  C  CG  . ARG A 1 78  ? 15.158  3.341   -19.645 1.00 60.93  ? 78  ARG A CG  1 
ATOM   431  C  CD  . ARG A 1 78  ? 15.121  2.450   -20.944 1.00 65.80  ? 78  ARG A CD  1 
ATOM   432  N  NE  . ARG A 1 78  ? 14.695  1.058   -20.683 1.00 68.31  ? 78  ARG A NE  1 
ATOM   433  C  CZ  . ARG A 1 78  ? 15.478  0.072   -20.221 1.00 69.43  ? 78  ARG A CZ  1 
ATOM   434  N  NH1 . ARG A 1 78  ? 16.771  0.275   -19.914 1.00 68.83  ? 78  ARG A NH1 1 
ATOM   435  N  NH2 . ARG A 1 78  ? 14.952  -1.130  -20.036 1.00 67.75  ? 78  ARG A NH2 1 
ATOM   436  N  N   . GLY A 1 79  ? 15.648  5.823   -16.907 1.00 54.24  ? 79  GLY A N   1 
ATOM   437  C  CA  . GLY A 1 79  ? 16.429  7.052   -16.759 1.00 55.09  ? 79  GLY A CA  1 
ATOM   438  C  C   . GLY A 1 79  ? 17.814  6.915   -17.380 1.00 56.34  ? 79  GLY A C   1 
ATOM   439  O  O   . GLY A 1 79  ? 18.036  6.019   -18.196 1.00 56.47  ? 79  GLY A O   1 
ATOM   440  N  N   . LEU A 1 80  ? 18.743  7.790   -17.005 1.00 56.75  ? 80  LEU A N   1 
ATOM   441  C  CA  . LEU A 1 80  ? 20.093  7.726   -17.594 1.00 57.36  ? 80  LEU A CA  1 
ATOM   442  C  C   . LEU A 1 80  ? 21.029  6.752   -16.855 1.00 56.45  ? 80  LEU A C   1 
ATOM   443  O  O   . LEU A 1 80  ? 21.920  6.167   -17.469 1.00 56.96  ? 80  LEU A O   1 
ATOM   444  C  CB  . LEU A 1 80  ? 20.763  9.116   -17.668 1.00 58.24  ? 80  LEU A CB  1 
ATOM   445  C  CG  . LEU A 1 80  ? 20.393  10.165  -18.739 1.00 59.71  ? 80  LEU A CG  1 
ATOM   446  C  CD1 . LEU A 1 80  ? 20.946  11.542  -18.324 1.00 60.12  ? 80  LEU A CD1 1 
ATOM   447  C  CD2 . LEU A 1 80  ? 20.835  9.783   -20.218 1.00 63.42  ? 80  LEU A CD2 1 
ATOM   448  N  N   . LEU A 1 81  ? 20.858  6.613   -15.547 1.00 54.41  ? 81  LEU A N   1 
ATOM   449  C  CA  . LEU A 1 81  ? 21.691  5.716   -14.773 1.00 53.67  ? 81  LEU A CA  1 
ATOM   450  C  C   . LEU A 1 81  ? 21.091  4.308   -14.712 1.00 52.94  ? 81  LEU A C   1 
ATOM   451  O  O   . LEU A 1 81  ? 21.545  3.464   -13.921 1.00 52.82  ? 81  LEU A O   1 
ATOM   452  C  CB  . LEU A 1 81  ? 21.911  6.266   -13.352 1.00 53.94  ? 81  LEU A CB  1 
ATOM   453  C  CG  . LEU A 1 81  ? 23.150  7.080   -12.947 1.00 56.00  ? 81  LEU A CG  1 
ATOM   454  C  CD1 . LEU A 1 81  ? 23.240  8.297   -13.773 1.00 56.67  ? 81  LEU A CD1 1 
ATOM   455  C  CD2 . LEU A 1 81  ? 23.139  7.480   -11.461 1.00 56.82  ? 81  LEU A CD2 1 
ATOM   456  N  N   . GLY A 1 82  ? 20.063  4.056   -15.524 1.00 51.56  ? 82  GLY A N   1 
ATOM   457  C  CA  . GLY A 1 82  ? 19.239  2.865   -15.308 1.00 50.75  ? 82  GLY A CA  1 
ATOM   458  C  C   . GLY A 1 82  ? 17.797  3.213   -14.865 1.00 49.83  ? 82  GLY A C   1 
ATOM   459  O  O   . GLY A 1 82  ? 17.426  4.390   -14.730 1.00 49.58  ? 82  GLY A O   1 
ATOM   460  N  N   . ARG A 1 83  ? 16.995  2.178   -14.667 1.00 48.04  ? 83  ARG A N   1 
ATOM   461  C  CA  . ARG A 1 83  ? 15.569  2.328   -14.386 1.00 47.30  ? 83  ARG A CA  1 
ATOM   462  C  C   . ARG A 1 83  ? 15.389  2.809   -12.956 1.00 45.41  ? 83  ARG A C   1 
ATOM   463  O  O   . ARG A 1 83  ? 15.867  2.170   -12.031 1.00 46.42  ? 83  ARG A O   1 
ATOM   464  C  CB  . ARG A 1 83  ? 14.828  1.007   -14.657 1.00 46.68  ? 83  ARG A CB  1 
ATOM   465  C  CG  . ARG A 1 83  ? 14.567  0.771   -16.174 1.00 50.16  ? 83  ARG A CG  1 
ATOM   466  C  CD  . ARG A 1 83  ? 13.465  -0.302  -16.441 1.00 56.46  ? 83  ARG A CD  1 
ATOM   467  N  NE  . ARG A 1 83  ? 14.006  -1.658  -16.444 1.00 61.79  ? 83  ARG A NE  1 
ATOM   468  C  CZ  . ARG A 1 83  ? 13.283  -2.774  -16.340 1.00 64.47  ? 83  ARG A CZ  1 
ATOM   469  N  NH1 . ARG A 1 83  ? 11.942  -2.720  -16.219 1.00 65.40  ? 83  ARG A NH1 1 
ATOM   470  N  NH2 . ARG A 1 83  ? 13.904  -3.950  -16.363 1.00 63.01  ? 83  ARG A NH2 1 
ATOM   471  N  N   . SER A 1 84  ? 14.760  3.955   -12.744 1.00 41.56  ? 84  SER A N   1 
ATOM   472  C  CA  . SER A 1 84  ? 14.545  4.273   -11.347 1.00 40.12  ? 84  SER A CA  1 
ATOM   473  C  C   . SER A 1 84  ? 13.089  3.985   -10.880 1.00 37.95  ? 84  SER A C   1 
ATOM   474  O  O   . SER A 1 84  ? 12.148  4.075   -11.666 1.00 35.97  ? 84  SER A O   1 
ATOM   475  C  CB  . SER A 1 84  ? 15.012  5.683   -11.025 1.00 39.08  ? 84  SER A CB  1 
ATOM   476  O  OG  . SER A 1 84  ? 14.036  6.616   -11.338 1.00 44.73  ? 84  SER A OG  1 
ATOM   477  N  N   . GLN A 1 85  ? 12.943  3.603   -9.609  1.00 36.07  ? 85  GLN A N   1 
ATOM   478  C  CA  . GLN A 1 85  ? 11.650  3.305   -9.035  1.00 33.68  ? 85  GLN A CA  1 
ATOM   479  C  C   . GLN A 1 85  ? 10.924  4.640   -8.627  1.00 32.73  ? 85  GLN A C   1 
ATOM   480  O  O   . GLN A 1 85  ? 11.377  5.361   -7.751  1.00 30.70  ? 85  GLN A O   1 
ATOM   481  C  CB  . GLN A 1 85  ? 11.836  2.407   -7.833  1.00 33.23  ? 85  GLN A CB  1 
ATOM   482  C  CG  . GLN A 1 85  ? 10.518  1.969   -7.176  1.00 33.19  ? 85  GLN A CG  1 
ATOM   483  C  CD  . GLN A 1 85  ? 10.707  0.973   -6.053  1.00 32.84  ? 85  GLN A CD  1 
ATOM   484  O  OE1 . GLN A 1 85  ? 10.105  1.080   -4.984  1.00 37.85  ? 85  GLN A OE1 1 
ATOM   485  N  NE2 . GLN A 1 85  ? 11.539  0.018   -6.277  1.00 37.17  ? 85  GLN A NE2 1 
ATOM   486  N  N   . VAL A 1 86  ? 9.794   4.956   -9.252  1.00 29.90  ? 86  VAL A N   1 
ATOM   487  C  CA  . VAL A 1 86  ? 9.096   6.184   -8.885  1.00 29.32  ? 86  VAL A CA  1 
ATOM   488  C  C   . VAL A 1 86  ? 7.937   5.901   -7.926  1.00 30.47  ? 86  VAL A C   1 
ATOM   489  O  O   . VAL A 1 86  ? 7.272   6.808   -7.469  1.00 30.68  ? 86  VAL A O   1 
ATOM   490  C  CB  . VAL A 1 86  ? 8.552   6.866   -10.076 1.00 31.39  ? 86  VAL A CB  1 
ATOM   491  C  CG1 . VAL A 1 86  ? 9.729   7.522   -10.949 1.00 29.78  ? 86  VAL A CG1 1 
ATOM   492  C  CG2 . VAL A 1 86  ? 7.622   5.867   -10.916 1.00 29.00  ? 86  VAL A CG2 1 
ATOM   493  N  N   . GLY A 1 87  ? 7.648   4.628   -7.675  1.00 30.56  ? 87  GLY A N   1 
ATOM   494  C  CA  . GLY A 1 87  ? 6.555   4.247   -6.767  1.00 29.11  ? 87  GLY A CA  1 
ATOM   495  C  C   . GLY A 1 87  ? 6.357   2.735   -6.780  1.00 29.23  ? 87  GLY A C   1 
ATOM   496  O  O   . GLY A 1 87  ? 7.099   1.999   -7.426  1.00 29.71  ? 87  GLY A O   1 
ATOM   497  N  N   . VAL A 1 88  ? 5.312   2.291   -6.097  1.00 30.40  ? 88  VAL A N   1 
ATOM   498  C  CA  . VAL A 1 88  ? 4.957   0.863   -5.866  1.00 28.94  ? 88  VAL A CA  1 
ATOM   499  C  C   . VAL A 1 88  ? 3.425   0.720   -6.101  1.00 29.09  ? 88  VAL A C   1 
ATOM   500  O  O   . VAL A 1 88  ? 2.640   1.697   -5.896  1.00 28.01  ? 88  VAL A O   1 
ATOM   501  C  CB  . VAL A 1 88  ? 5.247   0.526   -4.433  1.00 28.50  ? 88  VAL A CB  1 
ATOM   502  C  CG1 . VAL A 1 88  ? 4.671   -0.828  -3.969  1.00 29.14  ? 88  VAL A CG1 1 
ATOM   503  C  CG2 . VAL A 1 88  ? 6.780   0.533   -4.214  1.00 31.76  ? 88  VAL A CG2 1 
ATOM   504  N  N   . GLY A 1 89  ? 2.980   -0.475  -6.500  1.00 30.43  ? 89  GLY A N   1 
ATOM   505  C  CA  . GLY A 1 89  ? 1.552   -0.752  -6.441  1.00 31.89  ? 89  GLY A CA  1 
ATOM   506  C  C   . GLY A 1 89  ? 1.275   -2.213  -6.264  1.00 33.71  ? 89  GLY A C   1 
ATOM   507  O  O   . GLY A 1 89  ? 2.192   -2.989  -6.080  1.00 33.30  ? 89  GLY A O   1 
ATOM   508  N  N   . VAL A 1 90  ? -0.012  -2.595  -6.302  1.00 34.30  ? 90  VAL A N   1 
ATOM   509  C  CA  . VAL A 1 90  ? -0.433  -3.952  -5.936  1.00 33.76  ? 90  VAL A CA  1 
ATOM   510  C  C   . VAL A 1 90  ? -1.425  -4.446  -6.987  1.00 34.55  ? 90  VAL A C   1 
ATOM   511  O  O   . VAL A 1 90  ? -2.466  -3.821  -7.189  1.00 33.48  ? 90  VAL A O   1 
ATOM   512  C  CB  . VAL A 1 90  ? -1.168  -3.900  -4.559  1.00 35.04  ? 90  VAL A CB  1 
ATOM   513  C  CG1 . VAL A 1 90  ? -1.850  -5.224  -4.213  1.00 31.53  ? 90  VAL A CG1 1 
ATOM   514  C  CG2 . VAL A 1 90  ? -0.218  -3.467  -3.437  1.00 35.13  ? 90  VAL A CG2 1 
ATOM   515  N  N   . PHE A 1 91  ? -1.163  -5.579  -7.624  1.00 35.75  ? 91  PHE A N   1 
ATOM   516  C  CA  . PHE A 1 91  ? -2.255  -6.257  -8.318  1.00 37.06  ? 91  PHE A CA  1 
ATOM   517  C  C   . PHE A 1 91  ? -3.113  -7.058  -7.336  1.00 38.56  ? 91  PHE A C   1 
ATOM   518  O  O   . PHE A 1 91  ? -2.591  -7.820  -6.539  1.00 35.48  ? 91  PHE A O   1 
ATOM   519  C  CB  . PHE A 1 91  ? -1.782  -7.215  -9.378  1.00 37.35  ? 91  PHE A CB  1 
ATOM   520  C  CG  . PHE A 1 91  ? -1.565  -6.594  -10.708 1.00 36.73  ? 91  PHE A CG  1 
ATOM   521  C  CD1 . PHE A 1 91  ? -0.290  -6.492  -11.239 1.00 35.74  ? 91  PHE A CD1 1 
ATOM   522  C  CD2 . PHE A 1 91  ? -2.644  -6.223  -11.490 1.00 41.03  ? 91  PHE A CD2 1 
ATOM   523  C  CE1 . PHE A 1 91  ? -0.084  -5.984  -12.556 1.00 33.85  ? 91  PHE A CE1 1 
ATOM   524  C  CE2 . PHE A 1 91  ? -2.462  -5.694  -12.758 1.00 36.91  ? 91  PHE A CE2 1 
ATOM   525  C  CZ  . PHE A 1 91  ? -1.188  -5.549  -13.289 1.00 37.66  ? 91  PHE A CZ  1 
ATOM   526  N  N   . GLN A 1 92  ? -4.440  -6.881  -7.415  1.00 39.34  ? 92  GLN A N   1 
ATOM   527  C  CA  . GLN A 1 92  ? -5.354  -7.776  -6.661  1.00 40.28  ? 92  GLN A CA  1 
ATOM   528  C  C   . GLN A 1 92  ? -6.591  -8.018  -7.547  1.00 41.46  ? 92  GLN A C   1 
ATOM   529  O  O   . GLN A 1 92  ? -7.100  -7.096  -8.169  1.00 40.09  ? 92  GLN A O   1 
ATOM   530  C  CB  . GLN A 1 92  ? -5.668  -7.251  -5.271  1.00 39.96  ? 92  GLN A CB  1 
ATOM   531  C  CG  . GLN A 1 92  ? -6.863  -7.926  -4.542  1.00 43.41  ? 92  GLN A CG  1 
ATOM   532  C  CD  . GLN A 1 92  ? -7.066  -7.477  -3.077  1.00 46.90  ? 92  GLN A CD  1 
ATOM   533  O  OE1 . GLN A 1 92  ? -8.223  -7.401  -2.575  1.00 45.84  ? 92  GLN A OE1 1 
ATOM   534  N  NE2 . GLN A 1 92  ? -5.962  -7.217  -2.376  1.00 42.43  ? 92  GLN A NE2 1 
ATOM   535  N  N   . GLU A 1 93  ? -6.976  -9.299  -7.713  1.00 42.74  ? 93  GLU A N   1 
ATOM   536  C  CA  . GLU A 1 93  ? -8.097  -9.652  -8.573  1.00 41.23  ? 93  GLU A CA  1 
ATOM   537  C  C   . GLU A 1 93  ? -7.965  -8.959  -9.918  1.00 40.98  ? 93  GLU A C   1 
ATOM   538  O  O   . GLU A 1 93  ? -8.929  -8.378  -10.389 1.00 41.21  ? 93  GLU A O   1 
ATOM   539  C  CB  . GLU A 1 93  ? -9.405  -9.243  -7.877  1.00 41.51  ? 93  GLU A CB  1 
ATOM   540  C  CG  . GLU A 1 93  ? -9.727  -10.047 -6.596  1.00 44.33  ? 93  GLU A CG  1 
ATOM   541  C  CD  . GLU A 1 93  ? -10.841 -9.408  -5.732  1.00 55.29  ? 93  GLU A CD  1 
ATOM   542  O  OE1 . GLU A 1 93  ? -11.982 -9.302  -6.255  1.00 58.35  ? 93  GLU A OE1 1 
ATOM   543  O  OE2 . GLU A 1 93  ? -10.585 -9.014  -4.533  1.00 55.62  ? 93  GLU A OE2 1 
ATOM   544  N  N   . GLY A 1 94  ? -6.764  -8.964  -10.507 1.00 39.93  ? 94  GLY A N   1 
ATOM   545  C  CA  . GLY A 1 94  ? -6.550  -8.502  -11.877 1.00 37.47  ? 94  GLY A CA  1 
ATOM   546  C  C   . GLY A 1 94  ? -6.509  -6.995  -12.009 1.00 37.55  ? 94  GLY A C   1 
ATOM   547  O  O   . GLY A 1 94  ? -6.347  -6.443  -13.103 1.00 37.87  ? 94  GLY A O   1 
ATOM   548  N  N   . VAL A 1 95  ? -6.621  -6.316  -10.890 1.00 37.65  ? 95  VAL A N   1 
ATOM   549  C  CA  . VAL A 1 95  ? -6.571  -4.872  -10.871 1.00 35.97  ? 95  VAL A CA  1 
ATOM   550  C  C   . VAL A 1 95  ? -5.303  -4.349  -10.222 1.00 35.64  ? 95  VAL A C   1 
ATOM   551  O  O   . VAL A 1 95  ? -4.914  -4.791  -9.186  1.00 35.57  ? 95  VAL A O   1 
ATOM   552  C  CB  . VAL A 1 95  ? -7.784  -4.268  -10.177 1.00 36.89  ? 95  VAL A CB  1 
ATOM   553  C  CG1 . VAL A 1 95  ? -7.715  -2.831  -10.234 1.00 32.86  ? 95  VAL A CG1 1 
ATOM   554  C  CG2 . VAL A 1 95  ? -9.044  -4.719  -10.827 1.00 35.39  ? 95  VAL A CG2 1 
ATOM   555  N  N   . PHE A 1 96  ? -4.666  -3.409  -10.875 1.00 34.38  ? 96  PHE A N   1 
ATOM   556  C  CA  . PHE A 1 96  ? -3.439  -2.775  -10.317 1.00 33.36  ? 96  PHE A CA  1 
ATOM   557  C  C   . PHE A 1 96  ? -3.793  -1.478  -9.601  1.00 33.53  ? 96  PHE A C   1 
ATOM   558  O  O   . PHE A 1 96  ? -4.454  -0.615  -10.180 1.00 32.81  ? 96  PHE A O   1 
ATOM   559  C  CB  . PHE A 1 96  ? -2.445  -2.439  -11.454 1.00 32.34  ? 96  PHE A CB  1 
ATOM   560  C  CG  . PHE A 1 96  ? -1.079  -2.064  -10.949 1.00 35.52  ? 96  PHE A CG  1 
ATOM   561  C  CD1 . PHE A 1 96  ? -0.281  -3.021  -10.253 1.00 30.23  ? 96  PHE A CD1 1 
ATOM   562  C  CD2 . PHE A 1 96  ? -0.590  -0.763  -11.129 1.00 28.79  ? 96  PHE A CD2 1 
ATOM   563  C  CE1 . PHE A 1 96  ? 0.965   -2.663  -9.760  1.00 36.02  ? 96  PHE A CE1 1 
ATOM   564  C  CE2 . PHE A 1 96  ? 0.685   -0.414  -10.656 1.00 31.44  ? 96  PHE A CE2 1 
ATOM   565  C  CZ  . PHE A 1 96  ? 1.459   -1.335  -9.982  1.00 30.08  ? 96  PHE A CZ  1 
ATOM   566  N  N   . HIS A 1 97  ? -3.391  -1.367  -8.331  1.00 31.83  ? 97  HIS A N   1 
ATOM   567  C  CA  . HIS A 1 97  ? -3.701  -0.229  -7.507  1.00 31.56  ? 97  HIS A CA  1 
ATOM   568  C  C   . HIS A 1 97  ? -2.387  0.518   -7.136  1.00 30.77  ? 97  HIS A C   1 
ATOM   569  O  O   . HIS A 1 97  ? -1.502  -0.065  -6.539  1.00 29.29  ? 97  HIS A O   1 
ATOM   570  C  CB  . HIS A 1 97  ? -4.311  -0.682  -6.166  1.00 29.31  ? 97  HIS A CB  1 
ATOM   571  C  CG  . HIS A 1 97  ? -5.492  -1.603  -6.304  1.00 30.74  ? 97  HIS A CG  1 
ATOM   572  N  ND1 . HIS A 1 97  ? -5.409  -2.863  -6.864  1.00 31.04  ? 97  HIS A ND1 1 
ATOM   573  C  CD2 . HIS A 1 97  ? -6.789  -1.445  -5.928  1.00 29.22  ? 97  HIS A CD2 1 
ATOM   574  C  CE1 . HIS A 1 97  ? -6.600  -3.455  -6.807  1.00 34.94  ? 97  HIS A CE1 1 
ATOM   575  N  NE2 . HIS A 1 97  ? -7.453  -2.615  -6.241  1.00 30.96  ? 97  HIS A NE2 1 
ATOM   576  N  N   . THR A 1 98  ? -2.334  1.809   -7.394  1.00 30.66  ? 98  THR A N   1 
ATOM   577  C  CA  . THR A 1 98  ? -1.167  2.592   -6.947  1.00 30.68  ? 98  THR A CA  1 
ATOM   578  C  C   . THR A 1 98  ? -1.691  3.996   -6.595  1.00 30.13  ? 98  THR A C   1 
ATOM   579  O  O   . THR A 1 98  ? -2.924  4.175   -6.351  1.00 30.68  ? 98  THR A O   1 
ATOM   580  C  CB  . THR A 1 98  ? -0.034  2.517   -8.020  1.00 29.56  ? 98  THR A CB  1 
ATOM   581  O  OG1 . THR A 1 98  ? 1.155   3.150   -7.508  1.00 31.62  ? 98  THR A OG1 1 
ATOM   582  C  CG2 . THR A 1 98  ? -0.484  3.179   -9.274  1.00 25.88  ? 98  THR A CG2 1 
ATOM   583  N  N   . MET A 1 99  ? -0.750  4.933   -6.454  1.00 29.84  ? 99  MET A N   1 
ATOM   584  C  CA  A MET A 1 99  ? -0.991  6.301   -6.058  0.58 29.15  ? 99  MET A CA  1 
ATOM   585  C  CA  B MET A 1 99  ? -1.025  6.291   -6.052  0.42 29.98  ? 99  MET A CA  1 
ATOM   586  C  C   . MET A 1 99  ? -1.105  7.176   -7.283  1.00 30.55  ? 99  MET A C   1 
ATOM   587  O  O   . MET A 1 99  ? -0.312  7.001   -8.255  1.00 28.52  ? 99  MET A O   1 
ATOM   588  C  CB  A MET A 1 99  ? 0.202   6.839   -5.260  0.58 29.34  ? 99  MET A CB  1 
ATOM   589  C  CB  B MET A 1 99  ? 0.097   6.805   -5.142  0.42 30.74  ? 99  MET A CB  1 
ATOM   590  C  CG  A MET A 1 99  ? 0.643   6.000   -4.122  0.58 30.21  ? 99  MET A CG  1 
ATOM   591  C  CG  B MET A 1 99  ? 0.389   5.908   -3.969  0.42 33.81  ? 99  MET A CG  1 
ATOM   592  S  SD  A MET A 1 99  ? -0.713  5.379   -3.104  0.58 26.17  ? 99  MET A SD  1 
ATOM   593  S  SD  B MET A 1 99  ? -0.146  6.456   -2.338  0.42 37.33  ? 99  MET A SD  1 
ATOM   594  C  CE  A MET A 1 99  ? -1.094  6.846   -2.115  0.58 26.40  ? 99  MET A CE  1 
ATOM   595  C  CE  B MET A 1 99  ? -1.878  6.734   -2.537  0.42 37.69  ? 99  MET A CE  1 
ATOM   596  N  N   . TRP A 1 100 ? -2.038  8.142   -7.227  1.00 29.37  ? 100 TRP A N   1 
ATOM   597  C  CA  . TRP A 1 100 ? -2.232  9.065   -8.308  1.00 27.77  ? 100 TRP A CA  1 
ATOM   598  C  C   . TRP A 1 100 ? -0.973  9.864   -8.584  1.00 29.07  ? 100 TRP A C   1 
ATOM   599  O  O   . TRP A 1 100 ? -0.748  10.124  -9.737  1.00 29.26  ? 100 TRP A O   1 
ATOM   600  C  CB  . TRP A 1 100 ? -3.382  10.080  -8.044  1.00 28.77  ? 100 TRP A CB  1 
ATOM   601  C  CG  . TRP A 1 100 ? -3.410  11.254  -8.969  1.00 23.91  ? 100 TRP A CG  1 
ATOM   602  C  CD1 . TRP A 1 100 ? -3.063  12.523  -8.665  1.00 24.24  ? 100 TRP A CD1 1 
ATOM   603  C  CD2 . TRP A 1 100 ? -3.807  11.261  -10.354 1.00 24.02  ? 100 TRP A CD2 1 
ATOM   604  N  NE1 . TRP A 1 100 ? -3.214  13.335  -9.771  1.00 23.74  ? 100 TRP A NE1 1 
ATOM   605  C  CE2 . TRP A 1 100 ? -3.649  12.571  -10.830 1.00 26.82  ? 100 TRP A CE2 1 
ATOM   606  C  CE3 . TRP A 1 100 ? -4.265  10.280  -11.235 1.00 31.70  ? 100 TRP A CE3 1 
ATOM   607  C  CZ2 . TRP A 1 100 ? -3.952  12.957  -12.194 1.00 30.40  ? 100 TRP A CZ2 1 
ATOM   608  C  CZ3 . TRP A 1 100 ? -4.570  10.634  -12.592 1.00 31.72  ? 100 TRP A CZ3 1 
ATOM   609  C  CH2 . TRP A 1 100 ? -4.391  11.981  -13.056 1.00 33.69  ? 100 TRP A CH2 1 
ATOM   610  N  N   . HIS A 1 101 ? -0.222  10.301  -7.579  1.00 27.90  ? 101 HIS A N   1 
ATOM   611  C  CA  . HIS A 1 101 ? 0.970   11.127  -7.866  1.00 30.55  ? 101 HIS A CA  1 
ATOM   612  C  C   . HIS A 1 101 ? 2.123   10.388  -8.526  1.00 29.86  ? 101 HIS A C   1 
ATOM   613  O  O   . HIS A 1 101 ? 2.975   11.031  -9.087  1.00 29.20  ? 101 HIS A O   1 
ATOM   614  C  CB  . HIS A 1 101 ? 1.538   11.887  -6.674  1.00 29.42  ? 101 HIS A CB  1 
ATOM   615  C  CG  . HIS A 1 101 ? 2.196   10.992  -5.672  1.00 35.19  ? 101 HIS A CG  1 
ATOM   616  N  ND1 . HIS A 1 101 ? 1.483   10.322  -4.695  1.00 29.66  ? 101 HIS A ND1 1 
ATOM   617  C  CD2 . HIS A 1 101 ? 3.489   10.608  -5.526  1.00 34.74  ? 101 HIS A CD2 1 
ATOM   618  C  CE1 . HIS A 1 101 ? 2.312   9.589   -3.979  1.00 31.88  ? 101 HIS A CE1 1 
ATOM   619  N  NE2 . HIS A 1 101 ? 3.526   9.737   -4.466  1.00 29.68  ? 101 HIS A NE2 1 
ATOM   620  N  N   . VAL A 1 102 ? 2.134   9.055   -8.439  1.00 32.08  ? 102 VAL A N   1 
ATOM   621  C  CA  . VAL A 1 102 ? 3.206   8.214   -8.970  1.00 32.72  ? 102 VAL A CA  1 
ATOM   622  C  C   . VAL A 1 102 ? 3.038   8.173   -10.497 1.00 34.63  ? 102 VAL A C   1 
ATOM   623  O  O   . VAL A 1 102 ? 3.997   8.430   -11.207 1.00 35.53  ? 102 VAL A O   1 
ATOM   624  C  CB  . VAL A 1 102 ? 3.120   6.799   -8.430  1.00 32.74  ? 102 VAL A CB  1 
ATOM   625  C  CG1 . VAL A 1 102 ? 3.996   5.843   -9.225  1.00 33.97  ? 102 VAL A CG1 1 
ATOM   626  C  CG2 . VAL A 1 102 ? 3.463   6.736   -6.948  1.00 34.55  ? 102 VAL A CG2 1 
ATOM   627  N  N   . THR A 1 103 ? 1.821   7.925   -11.020 1.00 34.59  ? 103 THR A N   1 
ATOM   628  C  CA  . THR A 1 103 ? 1.644   7.868   -12.478 1.00 32.98  ? 103 THR A CA  1 
ATOM   629  C  C   . THR A 1 103 ? 0.866   8.937   -13.191 1.00 34.08  ? 103 THR A C   1 
ATOM   630  O  O   . THR A 1 103 ? 0.989   9.073   -14.407 1.00 32.57  ? 103 THR A O   1 
ATOM   631  C  CB  . THR A 1 103 ? 0.899   6.582   -12.883 1.00 35.74  ? 103 THR A CB  1 
ATOM   632  O  OG1 . THR A 1 103 ? -0.502  6.683   -12.514 1.00 35.44  ? 103 THR A OG1 1 
ATOM   633  C  CG2 . THR A 1 103 ? 1.547   5.396   -12.261 1.00 30.31  ? 103 THR A CG2 1 
ATOM   634  N  N   . ARG A 1 104 ? -0.003  9.638   -12.457 1.00 32.80  ? 104 ARG A N   1 
ATOM   635  C  CA  A ARG A 1 104 ? -0.885  10.620  -13.014 0.47 32.62  ? 104 ARG A CA  1 
ATOM   636  C  CA  B ARG A 1 104 ? -0.883  10.624  -13.036 0.53 32.48  ? 104 ARG A CA  1 
ATOM   637  C  C   . ARG A 1 104 ? -1.642  10.077  -14.241 1.00 32.93  ? 104 ARG A C   1 
ATOM   638  O  O   . ARG A 1 104 ? -1.869  10.783  -15.187 1.00 32.45  ? 104 ARG A O   1 
ATOM   639  C  CB  A ARG A 1 104 ? -0.129  11.964  -13.263 0.47 32.46  ? 104 ARG A CB  1 
ATOM   640  C  CB  B ARG A 1 104 ? -0.139  11.960  -13.355 0.53 32.16  ? 104 ARG A CB  1 
ATOM   641  C  CG  A ARG A 1 104 ? 0.537   12.536  -11.975 0.47 28.61  ? 104 ARG A CG  1 
ATOM   642  C  CG  B ARG A 1 104 ? 0.545   12.530  -12.121 0.53 27.67  ? 104 ARG A CG  1 
ATOM   643  C  CD  A ARG A 1 104 ? 0.967   14.032  -12.148 0.47 27.43  ? 104 ARG A CD  1 
ATOM   644  C  CD  B ARG A 1 104 ? 1.015   14.020  -12.218 0.53 25.23  ? 104 ARG A CD  1 
ATOM   645  N  NE  A ARG A 1 104 ? -0.153  14.813  -12.665 0.47 27.16  ? 104 ARG A NE  1 
ATOM   646  N  NE  B ARG A 1 104 ? 1.561   14.306  -10.905 0.53 23.50  ? 104 ARG A NE  1 
ATOM   647  C  CZ  A ARG A 1 104 ? -0.998  15.512  -11.915 0.47 27.00  ? 104 ARG A CZ  1 
ATOM   648  C  CZ  B ARG A 1 104 ? 0.830   14.631  -9.841  0.53 25.50  ? 104 ARG A CZ  1 
ATOM   649  N  NH1 A ARG A 1 104 ? -0.793  15.616  -10.614 0.47 23.58  ? 104 ARG A NH1 1 
ATOM   650  N  NH1 B ARG A 1 104 ? -0.470  14.865  -9.984  0.53 23.73  ? 104 ARG A NH1 1 
ATOM   651  N  NH2 A ARG A 1 104 ? -2.020  16.134  -12.492 0.47 19.49  ? 104 ARG A NH2 1 
ATOM   652  N  NH2 B ARG A 1 104 ? 1.400   14.749  -8.662  0.53 14.58  ? 104 ARG A NH2 1 
ATOM   653  N  N   . GLY A 1 105 ? -2.047  8.810   -14.190 1.00 34.55  ? 105 GLY A N   1 
ATOM   654  C  CA  . GLY A 1 105 ? -2.881  8.235   -15.254 1.00 35.98  ? 105 GLY A CA  1 
ATOM   655  C  C   . GLY A 1 105 ? -2.069  7.695   -16.452 1.00 38.58  ? 105 GLY A C   1 
ATOM   656  O  O   . GLY A 1 105 ? -2.662  7.298   -17.435 1.00 38.58  ? 105 GLY A O   1 
ATOM   657  N  N   . ALA A 1 106 ? -0.727  7.680   -16.365 1.00 38.78  ? 106 ALA A N   1 
ATOM   658  C  CA  . ALA A 1 106 ? 0.134   7.129   -17.460 1.00 39.46  ? 106 ALA A CA  1 
ATOM   659  C  C   . ALA A 1 106 ? -0.147  5.636   -17.676 1.00 41.12  ? 106 ALA A C   1 
ATOM   660  O  O   . ALA A 1 106 ? -0.474  4.908   -16.731 1.00 41.30  ? 106 ALA A O   1 
ATOM   661  C  CB  . ALA A 1 106 ? 1.635   7.342   -17.169 1.00 37.44  ? 106 ALA A CB  1 
ATOM   662  N  N   . VAL A 1 107 ? -0.053  5.202   -18.931 1.00 41.79  ? 107 VAL A N   1 
ATOM   663  C  CA  . VAL A 1 107 ? -0.052  3.806   -19.267 1.00 42.95  ? 107 VAL A CA  1 
ATOM   664  C  C   . VAL A 1 107 ? 1.140   3.178   -18.611 1.00 41.90  ? 107 VAL A C   1 
ATOM   665  O  O   . VAL A 1 107 ? 2.194   3.827   -18.493 1.00 41.29  ? 107 VAL A O   1 
ATOM   666  C  CB  . VAL A 1 107 ? 0.047   3.567   -20.776 1.00 43.63  ? 107 VAL A CB  1 
ATOM   667  C  CG1 . VAL A 1 107 ? -1.056  4.251   -21.453 1.00 46.25  ? 107 VAL A CG1 1 
ATOM   668  C  CG2 . VAL A 1 107 ? 1.372   4.104   -21.305 1.00 46.81  ? 107 VAL A CG2 1 
ATOM   669  N  N   . LEU A 1 108 ? 0.913   1.946   -18.141 1.00 41.30  ? 108 LEU A N   1 
ATOM   670  C  CA  . LEU A 1 108 ? 1.909   1.085   -17.562 1.00 41.83  ? 108 LEU A CA  1 
ATOM   671  C  C   . LEU A 1 108 ? 2.137   -0.180  -18.429 1.00 43.98  ? 108 LEU A C   1 
ATOM   672  O  O   . LEU A 1 108 ? 1.185   -0.853  -18.854 1.00 44.21  ? 108 LEU A O   1 
ATOM   673  C  CB  . LEU A 1 108 ? 1.504   0.648   -16.152 1.00 40.45  ? 108 LEU A CB  1 
ATOM   674  C  CG  . LEU A 1 108 ? 1.237   1.779   -15.131 1.00 40.71  ? 108 LEU A CG  1 
ATOM   675  C  CD1 . LEU A 1 108 ? 0.680   1.180   -13.858 1.00 38.20  ? 108 LEU A CD1 1 
ATOM   676  C  CD2 . LEU A 1 108 ? 2.505   2.562   -14.728 1.00 32.95  ? 108 LEU A CD2 1 
ATOM   677  N  N   . MET A 1 109 ? 3.402   -0.489  -18.684 1.00 45.14  ? 109 MET A N   1 
ATOM   678  C  CA  . MET A 1 109 ? 3.798   -1.705  -19.461 1.00 46.42  ? 109 MET A CA  1 
ATOM   679  C  C   . MET A 1 109 ? 4.031   -2.831  -18.507 1.00 46.67  ? 109 MET A C   1 
ATOM   680  O  O   . MET A 1 109 ? 4.839   -2.692  -17.585 1.00 47.14  ? 109 MET A O   1 
ATOM   681  C  CB  . MET A 1 109 ? 5.124   -1.462  -20.198 1.00 46.07  ? 109 MET A CB  1 
ATOM   682  C  CG  . MET A 1 109 ? 5.072   -0.343  -21.217 1.00 47.24  ? 109 MET A CG  1 
ATOM   683  S  SD  . MET A 1 109 ? 3.614   -0.342  -22.335 1.00 52.71  ? 109 MET A SD  1 
ATOM   684  C  CE  . MET A 1 109 ? 4.094   -1.829  -23.273 1.00 51.89  ? 109 MET A CE  1 
ATOM   685  N  N   . TYR A 1 110 ? 3.305   -3.925  -18.691 1.00 47.19  ? 110 TYR A N   1 
ATOM   686  C  CA  . TYR A 1 110 ? 3.637   -5.175  -18.031 1.00 49.43  ? 110 TYR A CA  1 
ATOM   687  C  C   . TYR A 1 110 ? 3.587   -6.308  -19.062 1.00 50.12  ? 110 TYR A C   1 
ATOM   688  O  O   . TYR A 1 110 ? 2.572   -6.491  -19.775 1.00 49.51  ? 110 TYR A O   1 
ATOM   689  C  CB  . TYR A 1 110 ? 2.700   -5.469  -16.847 1.00 48.29  ? 110 TYR A CB  1 
ATOM   690  C  CG  . TYR A 1 110 ? 3.225   -6.593  -16.013 1.00 51.96  ? 110 TYR A CG  1 
ATOM   691  C  CD1 . TYR A 1 110 ? 4.597   -6.667  -15.678 1.00 53.07  ? 110 TYR A CD1 1 
ATOM   692  C  CD2 . TYR A 1 110 ? 2.385   -7.634  -15.595 1.00 52.63  ? 110 TYR A CD2 1 
ATOM   693  C  CE1 . TYR A 1 110 ? 5.103   -7.761  -14.911 1.00 56.44  ? 110 TYR A CE1 1 
ATOM   694  C  CE2 . TYR A 1 110 ? 2.869   -8.696  -14.854 1.00 54.73  ? 110 TYR A CE2 1 
ATOM   695  C  CZ  . TYR A 1 110 ? 4.225   -8.754  -14.495 1.00 57.43  ? 110 TYR A CZ  1 
ATOM   696  O  OH  . TYR A 1 110 ? 4.687   -9.838  -13.742 1.00 61.14  ? 110 TYR A OH  1 
ATOM   697  N  N   . GLN A 1 111 ? 4.695   -7.040  -19.159 1.00 51.99  ? 111 GLN A N   1 
ATOM   698  C  CA  . GLN A 1 111 ? 4.870   -8.133  -20.169 1.00 53.07  ? 111 GLN A CA  1 
ATOM   699  C  C   . GLN A 1 111 ? 4.446   -7.749  -21.567 1.00 53.05  ? 111 GLN A C   1 
ATOM   700  O  O   . GLN A 1 111 ? 3.640   -8.448  -22.195 1.00 54.19  ? 111 GLN A O   1 
ATOM   701  C  CB  . GLN A 1 111 ? 4.061   -9.346  -19.773 1.00 52.91  ? 111 GLN A CB  1 
ATOM   702  C  CG  . GLN A 1 111 ? 3.977   -9.452  -18.295 1.00 55.84  ? 111 GLN A CG  1 
ATOM   703  C  CD  . GLN A 1 111 ? 3.619   -10.820 -17.865 1.00 60.11  ? 111 GLN A CD  1 
ATOM   704  O  OE1 . GLN A 1 111 ? 2.486   -11.286 -18.091 1.00 62.68  ? 111 GLN A OE1 1 
ATOM   705  N  NE2 . GLN A 1 111 ? 4.559   -11.478 -17.202 1.00 61.24  ? 111 GLN A NE2 1 
ATOM   706  N  N   . GLY A 1 112 ? 4.940   -6.617  -22.030 1.00 53.29  ? 112 GLY A N   1 
ATOM   707  C  CA  . GLY A 1 112 ? 4.648   -6.157  -23.380 1.00 54.00  ? 112 GLY A CA  1 
ATOM   708  C  C   . GLY A 1 112 ? 3.277   -5.558  -23.586 1.00 54.84  ? 112 GLY A C   1 
ATOM   709  O  O   . GLY A 1 112 ? 3.057   -4.870  -24.618 1.00 55.27  ? 112 GLY A O   1 
ATOM   710  N  N   . LYS A 1 113 ? 2.362   -5.822  -22.630 1.00 54.09  ? 113 LYS A N   1 
ATOM   711  C  CA  . LYS A 1 113 ? 0.973   -5.287  -22.634 1.00 53.43  ? 113 LYS A CA  1 
ATOM   712  C  C   . LYS A 1 113 ? 0.814   -3.855  -22.051 1.00 52.83  ? 113 LYS A C   1 
ATOM   713  O  O   . LYS A 1 113 ? 1.432   -3.498  -21.041 1.00 50.79  ? 113 LYS A O   1 
ATOM   714  C  CB  . LYS A 1 113 ? 0.048   -6.267  -21.895 1.00 53.36  ? 113 LYS A CB  1 
ATOM   715  C  CG  . LYS A 1 113 ? -0.171  -7.568  -22.645 1.00 56.65  ? 113 LYS A CG  1 
ATOM   716  C  CD  . LYS A 1 113 ? -0.299  -8.752  -21.707 1.00 63.68  ? 113 LYS A CD  1 
ATOM   717  C  CE  . LYS A 1 113 ? -1.723  -9.345  -21.768 1.00 66.56  ? 113 LYS A CE  1 
ATOM   718  N  NZ  . LYS A 1 113 ? -1.953  -10.121 -23.057 1.00 66.92  ? 113 LYS A NZ  1 
ATOM   719  N  N   . ARG A 1 114 ? -0.041  -3.047  -22.671 1.00 52.64  ? 114 ARG A N   1 
ATOM   720  C  CA  . ARG A 1 114 ? -0.298  -1.682  -22.175 1.00 52.06  ? 114 ARG A CA  1 
ATOM   721  C  C   . ARG A 1 114 ? -1.447  -1.689  -21.143 1.00 51.94  ? 114 ARG A C   1 
ATOM   722  O  O   . ARG A 1 114 ? -2.535  -2.213  -21.418 1.00 53.46  ? 114 ARG A O   1 
ATOM   723  C  CB  . ARG A 1 114 ? -0.627  -0.755  -23.323 1.00 51.71  ? 114 ARG A CB  1 
ATOM   724  C  CG  . ARG A 1 114 ? 0.570   -0.378  -24.171 1.00 55.56  ? 114 ARG A CG  1 
ATOM   725  C  CD  . ARG A 1 114 ? 0.101   0.344   -25.435 1.00 61.61  ? 114 ARG A CD  1 
ATOM   726  N  NE  . ARG A 1 114 ? -0.648  1.574   -25.140 1.00 64.69  ? 114 ARG A NE  1 
ATOM   727  C  CZ  . ARG A 1 114 ? -0.126  2.796   -25.056 1.00 65.94  ? 114 ARG A CZ  1 
ATOM   728  N  NH1 . ARG A 1 114 ? 1.181   3.013   -25.206 1.00 65.29  ? 114 ARG A NH1 1 
ATOM   729  N  NH2 . ARG A 1 114 ? -0.932  3.818   -24.788 1.00 69.28  ? 114 ARG A NH2 1 
ATOM   730  N  N   . LEU A 1 115 ? -1.204  -1.172  -19.942 1.00 50.39  ? 115 LEU A N   1 
ATOM   731  C  CA  . LEU A 1 115 ? -2.279  -1.100  -18.917 1.00 48.45  ? 115 LEU A CA  1 
ATOM   732  C  C   . LEU A 1 115 ? -2.774  0.331   -18.862 1.00 46.44  ? 115 LEU A C   1 
ATOM   733  O  O   . LEU A 1 115 ? -2.002  1.278   -18.662 1.00 45.47  ? 115 LEU A O   1 
ATOM   734  C  CB  . LEU A 1 115 ? -1.850  -1.600  -17.526 1.00 48.10  ? 115 LEU A CB  1 
ATOM   735  C  CG  . LEU A 1 115 ? -1.216  -2.993  -17.425 1.00 51.56  ? 115 LEU A CG  1 
ATOM   736  C  CD1 . LEU A 1 115 ? -0.508  -3.238  -16.099 1.00 55.24  ? 115 LEU A CD1 1 
ATOM   737  C  CD2 . LEU A 1 115 ? -2.204  -4.119  -17.684 1.00 57.44  ? 115 LEU A CD2 1 
ATOM   738  N  N   . GLU A 1 116 ? -4.067  0.483   -19.083 1.00 44.41  ? 116 GLU A N   1 
ATOM   739  C  CA  . GLU A 1 116 ? -4.662  1.779   -19.088 1.00 42.83  ? 116 GLU A CA  1 
ATOM   740  C  C   . GLU A 1 116 ? -5.377  2.003   -17.783 1.00 39.30  ? 116 GLU A C   1 
ATOM   741  O  O   . GLU A 1 116 ? -5.899  1.056   -17.195 1.00 38.54  ? 116 GLU A O   1 
ATOM   742  C  CB  . GLU A 1 116 ? -5.587  1.909   -20.266 1.00 44.60  ? 116 GLU A CB  1 
ATOM   743  C  CG  . GLU A 1 116 ? -4.859  1.659   -21.595 1.00 49.59  ? 116 GLU A CG  1 
ATOM   744  C  CD  . GLU A 1 116 ? -4.587  2.911   -22.358 1.00 62.05  ? 116 GLU A CD  1 
ATOM   745  O  OE1 . GLU A 1 116 ? -4.649  4.039   -21.758 1.00 67.32  ? 116 GLU A OE1 1 
ATOM   746  O  OE2 . GLU A 1 116 ? -4.311  2.775   -23.588 1.00 66.41  ? 116 GLU A OE2 1 
ATOM   747  N  N   . PRO A 1 117 ? -5.369  3.252   -17.308 1.00 36.79  ? 117 PRO A N   1 
ATOM   748  C  CA  . PRO A 1 117 ? -6.028  3.591   -16.041 1.00 36.91  ? 117 PRO A CA  1 
ATOM   749  C  C   . PRO A 1 117 ? -7.573  3.437   -16.127 1.00 37.89  ? 117 PRO A C   1 
ATOM   750  O  O   . PRO A 1 117 ? -8.164  3.755   -17.190 1.00 38.07  ? 117 PRO A O   1 
ATOM   751  C  CB  . PRO A 1 117 ? -5.620  5.053   -15.794 1.00 36.64  ? 117 PRO A CB  1 
ATOM   752  C  CG  . PRO A 1 117 ? -5.417  5.667   -17.207 1.00 35.85  ? 117 PRO A CG  1 
ATOM   753  C  CD  . PRO A 1 117 ? -4.844  4.421   -18.027 1.00 36.54  ? 117 PRO A CD  1 
ATOM   754  N  N   . SER A 1 118 ? -8.221  3.042   -15.028 1.00 36.77  ? 118 SER A N   1 
ATOM   755  C  CA  . SER A 1 118 ? -9.693  2.901   -15.041 1.00 37.88  ? 118 SER A CA  1 
ATOM   756  C  C   . SER A 1 118 ? -10.423 3.817   -14.115 1.00 36.97  ? 118 SER A C   1 
ATOM   757  O  O   . SER A 1 118 ? -11.524 4.278   -14.430 1.00 38.93  ? 118 SER A O   1 
ATOM   758  C  CB  . SER A 1 118 ? -10.141 1.492   -14.657 1.00 37.83  ? 118 SER A CB  1 
ATOM   759  O  OG  . SER A 1 118 ? -9.418  0.566   -15.410 1.00 42.39  ? 118 SER A OG  1 
ATOM   760  N  N   . TRP A 1 119 ? -9.838  4.083   -12.963 1.00 35.58  ? 119 TRP A N   1 
ATOM   761  C  CA  . TRP A 1 119 ? -10.451 4.918   -11.975 1.00 34.70  ? 119 TRP A CA  1 
ATOM   762  C  C   . TRP A 1 119 ? -9.369  5.694   -11.202 1.00 35.04  ? 119 TRP A C   1 
ATOM   763  O  O   . TRP A 1 119 ? -8.255  5.177   -10.970 1.00 33.08  ? 119 TRP A O   1 
ATOM   764  C  CB  . TRP A 1 119 ? -11.292 4.006   -11.042 1.00 33.93  ? 119 TRP A CB  1 
ATOM   765  C  CG  . TRP A 1 119 ? -11.844 4.708   -9.833  1.00 35.69  ? 119 TRP A CG  1 
ATOM   766  C  CD1 . TRP A 1 119 ? -13.089 5.317   -9.703  1.00 37.41  ? 119 TRP A CD1 1 
ATOM   767  C  CD2 . TRP A 1 119 ? -11.161 4.917   -8.570  1.00 39.71  ? 119 TRP A CD2 1 
ATOM   768  N  NE1 . TRP A 1 119 ? -13.203 5.895   -8.434  1.00 37.11  ? 119 TRP A NE1 1 
ATOM   769  C  CE2 . TRP A 1 119 ? -12.036 5.673   -7.732  1.00 37.28  ? 119 TRP A CE2 1 
ATOM   770  C  CE3 . TRP A 1 119 ? -9.893  4.536   -8.065  1.00 37.99  ? 119 TRP A CE3 1 
ATOM   771  C  CZ2 . TRP A 1 119 ? -11.704 6.011   -6.431  1.00 35.67  ? 119 TRP A CZ2 1 
ATOM   772  C  CZ3 . TRP A 1 119 ? -9.572  4.891   -6.734  1.00 38.10  ? 119 TRP A CZ3 1 
ATOM   773  C  CH2 . TRP A 1 119 ? -10.475 5.623   -5.948  1.00 35.94  ? 119 TRP A CH2 1 
ATOM   774  N  N   . ALA A 1 120 ? -9.689  6.915   -10.808 1.00 34.29  ? 120 ALA A N   1 
ATOM   775  C  CA  . ALA A 1 120 ? -8.784  7.696   -9.992  1.00 35.18  ? 120 ALA A CA  1 
ATOM   776  C  C   . ALA A 1 120 ? -9.580  8.605   -9.084  1.00 35.85  ? 120 ALA A C   1 
ATOM   777  O  O   . ALA A 1 120 ? -10.726 9.002   -9.414  1.00 33.89  ? 120 ALA A O   1 
ATOM   778  C  CB  . ALA A 1 120 ? -7.883  8.538   -10.811 1.00 36.35  ? 120 ALA A CB  1 
ATOM   779  N  N   . SER A 1 121 ? -8.938  8.900   -7.954  1.00 34.67  ? 121 SER A N   1 
ATOM   780  C  CA  . SER A 1 121 ? -9.333  9.882   -7.007  1.00 33.88  ? 121 SER A CA  1 
ATOM   781  C  C   . SER A 1 121 ? -8.108  10.720  -6.656  1.00 34.33  ? 121 SER A C   1 
ATOM   782  O  O   . SER A 1 121 ? -7.176  10.340  -5.902  1.00 35.58  ? 121 SER A O   1 
ATOM   783  C  CB  . SER A 1 121 ? -9.884  9.190   -5.775  1.00 33.26  ? 121 SER A CB  1 
ATOM   784  O  OG  . SER A 1 121 ? -9.927  10.079  -4.705  1.00 36.65  ? 121 SER A OG  1 
ATOM   785  N  N   . VAL A 1 122 ? -8.087  11.896  -7.207  1.00 35.26  ? 122 VAL A N   1 
ATOM   786  C  CA  . VAL A 1 122 ? -7.033  12.813  -6.959  1.00 37.63  ? 122 VAL A CA  1 
ATOM   787  C  C   . VAL A 1 122 ? -7.037  13.139  -5.465  1.00 39.79  ? 122 VAL A C   1 
ATOM   788  O  O   . VAL A 1 122 ? -5.963  13.196  -4.839  1.00 42.27  ? 122 VAL A O   1 
ATOM   789  C  CB  . VAL A 1 122 ? -7.333  14.088  -7.754  1.00 38.57  ? 122 VAL A CB  1 
ATOM   790  C  CG1 . VAL A 1 122 ? -6.383  15.175  -7.347  1.00 39.88  ? 122 VAL A CG1 1 
ATOM   791  C  CG2 . VAL A 1 122 ? -7.277  13.795  -9.245  1.00 36.98  ? 122 VAL A CG2 1 
ATOM   792  N  N   . LYS A 1 123 ? -8.237  13.329  -4.888  1.00 37.76  ? 123 LYS A N   1 
ATOM   793  C  CA  . LYS A 1 123 ? -8.348  13.739  -3.498  1.00 36.89  ? 123 LYS A CA  1 
ATOM   794  C  C   . LYS A 1 123 ? -7.795  12.693  -2.601  1.00 33.90  ? 123 LYS A C   1 
ATOM   795  O  O   . LYS A 1 123 ? -7.138  13.005  -1.638  1.00 34.38  ? 123 LYS A O   1 
ATOM   796  C  CB  . LYS A 1 123 ? -9.834  14.012  -3.087  1.00 38.68  ? 123 LYS A CB  1 
ATOM   797  N  N   . LYS A 1 124 ? -8.091  11.425  -2.870  1.00 29.76  ? 124 LYS A N   1 
ATOM   798  C  CA  . LYS A 1 124 ? -7.439  10.411  -1.992  1.00 27.96  ? 124 LYS A CA  1 
ATOM   799  C  C   . LYS A 1 124 ? -6.039  10.049  -2.510  1.00 27.14  ? 124 LYS A C   1 
ATOM   800  O  O   . LYS A 1 124 ? -5.343  9.245   -1.875  1.00 26.07  ? 124 LYS A O   1 
ATOM   801  C  CB  . LYS A 1 124 ? -8.264  9.127   -1.938  1.00 27.79  ? 124 LYS A CB  1 
ATOM   802  C  CG  . LYS A 1 124 ? -9.774  9.383   -1.435  1.00 28.69  ? 124 LYS A CG  1 
ATOM   803  C  CD  . LYS A 1 124 ? -10.479 8.049   -1.490  1.00 32.82  ? 124 LYS A CD  1 
ATOM   804  C  CE  . LYS A 1 124 ? -12.023 8.130   -0.953  1.00 34.92  ? 124 LYS A CE  1 
ATOM   805  N  NZ  . LYS A 1 124 ? -12.780 8.741   -2.195  1.00 33.98  ? 124 LYS A NZ  1 
ATOM   806  N  N   . ASP A 1 125 ? -5.610  10.604  -3.641  1.00 26.92  ? 125 ASP A N   1 
ATOM   807  C  CA  . ASP A 1 125 ? -4.307  10.245  -4.248  1.00 24.93  ? 125 ASP A CA  1 
ATOM   808  C  C   . ASP A 1 125 ? -4.209  8.833   -4.670  1.00 26.17  ? 125 ASP A C   1 
ATOM   809  O  O   . ASP A 1 125 ? -3.171  8.214   -4.421  1.00 26.42  ? 125 ASP A O   1 
ATOM   810  C  CB  . ASP A 1 125 ? -3.146  10.536  -3.305  1.00 25.20  ? 125 ASP A CB  1 
ATOM   811  C  CG  . ASP A 1 125 ? -1.816  10.606  -4.082  1.00 27.24  ? 125 ASP A CG  1 
ATOM   812  O  OD1 . ASP A 1 125 ? -1.780  10.815  -5.334  1.00 26.47  ? 125 ASP A OD1 1 
ATOM   813  O  OD2 . ASP A 1 125 ? -0.821  10.354  -3.511  1.00 25.37  ? 125 ASP A OD2 1 
ATOM   814  N  N   . LEU A 1 126 ? -5.262  8.263   -5.301  1.00 26.43  ? 126 LEU A N   1 
ATOM   815  C  CA  . LEU A 1 126 ? -5.299  6.859   -5.666  1.00 25.00  ? 126 LEU A CA  1 
ATOM   816  C  C   . LEU A 1 126 ? -5.648  6.615   -7.133  1.00 28.06  ? 126 LEU A C   1 
ATOM   817  O  O   . LEU A 1 126 ? -6.335  7.416   -7.761  1.00 29.05  ? 126 LEU A O   1 
ATOM   818  C  CB  . LEU A 1 126 ? -6.325  6.065   -4.773  1.00 25.47  ? 126 LEU A CB  1 
ATOM   819  C  CG  . LEU A 1 126 ? -5.960  6.071   -3.275  1.00 25.67  ? 126 LEU A CG  1 
ATOM   820  C  CD1 . LEU A 1 126 ? -7.128  5.430   -2.448  1.00 26.40  ? 126 LEU A CD1 1 
ATOM   821  C  CD2 . LEU A 1 126 ? -4.642  5.208   -3.059  1.00 26.21  ? 126 LEU A CD2 1 
ATOM   822  N  N   . ILE A 1 127 ? -5.229  5.479   -7.690  1.00 28.46  ? 127 ILE A N   1 
ATOM   823  C  CA  . ILE A 1 127 ? -5.662  5.145   -9.035  1.00 27.55  ? 127 ILE A CA  1 
ATOM   824  C  C   . ILE A 1 127 ? -5.637  3.639   -9.217  1.00 30.41  ? 127 ILE A C   1 
ATOM   825  O  O   . ILE A 1 127 ? -4.780  2.977   -8.603  1.00 28.50  ? 127 ILE A O   1 
ATOM   826  C  CB  . ILE A 1 127 ? -4.753  5.879   -10.106 1.00 29.32  ? 127 ILE A CB  1 
ATOM   827  C  CG1 . ILE A 1 127 ? -5.251  5.612   -11.538 1.00 26.41  ? 127 ILE A CG1 1 
ATOM   828  C  CG2 . ILE A 1 127 ? -3.170  5.508   -9.977  1.00 25.99  ? 127 ILE A CG2 1 
ATOM   829  C  CD1 . ILE A 1 127 ? -4.411  6.470   -12.570 1.00 28.13  ? 127 ILE A CD1 1 
ATOM   830  N  N   . SER A 1 128 ? -6.567  3.090   -10.037 1.00 30.10  ? 128 SER A N   1 
ATOM   831  C  CA  . SER A 1 128 ? -6.554  1.698   -10.399 1.00 32.60  ? 128 SER A CA  1 
ATOM   832  C  C   . SER A 1 128 ? -6.561  1.502   -11.921 1.00 32.92  ? 128 SER A C   1 
ATOM   833  O  O   . SER A 1 128 ? -7.036  2.358   -12.688 1.00 33.16  ? 128 SER A O   1 
ATOM   834  C  CB  . SER A 1 128 ? -7.715  0.896   -9.706  1.00 32.76  ? 128 SER A CB  1 
ATOM   835  O  OG  . SER A 1 128 ? -8.995  1.358   -10.106 1.00 35.38  ? 128 SER A OG  1 
ATOM   836  N  N   . TYR A 1 129 ? -5.976  0.392   -12.345 1.00 33.76  ? 129 TYR A N   1 
ATOM   837  C  CA  . TYR A 1 129 ? -5.807  0.065   -13.774 1.00 35.37  ? 129 TYR A CA  1 
ATOM   838  C  C   . TYR A 1 129 ? -6.439  -1.313  -13.877 1.00 35.78  ? 129 TYR A C   1 
ATOM   839  O  O   . TYR A 1 129 ? -6.088  -2.173  -13.120 1.00 36.00  ? 129 TYR A O   1 
ATOM   840  C  CB  . TYR A 1 129 ? -4.309  -0.079  -14.171 1.00 32.23  ? 129 TYR A CB  1 
ATOM   841  C  CG  . TYR A 1 129 ? -3.566  1.222   -14.203 1.00 34.35  ? 129 TYR A CG  1 
ATOM   842  C  CD1 . TYR A 1 129 ? -3.134  1.757   -15.414 1.00 32.84  ? 129 TYR A CD1 1 
ATOM   843  C  CD2 . TYR A 1 129 ? -3.303  1.943   -13.028 1.00 29.97  ? 129 TYR A CD2 1 
ATOM   844  C  CE1 . TYR A 1 129 ? -2.466  2.964   -15.471 1.00 32.71  ? 129 TYR A CE1 1 
ATOM   845  C  CE2 . TYR A 1 129 ? -2.544  3.151   -13.080 1.00 32.07  ? 129 TYR A CE2 1 
ATOM   846  C  CZ  . TYR A 1 129 ? -2.183  3.652   -14.324 1.00 30.73  ? 129 TYR A CZ  1 
ATOM   847  O  OH  . TYR A 1 129 ? -1.477  4.807   -14.410 1.00 32.33  ? 129 TYR A OH  1 
ATOM   848  N  N   . GLY A 1 130 ? -7.341  -1.466  -14.832 1.00 38.68  ? 130 GLY A N   1 
ATOM   849  C  CA  . GLY A 1 130 ? -7.946  -2.758  -15.230 1.00 39.73  ? 130 GLY A CA  1 
ATOM   850  C  C   . GLY A 1 130 ? -9.269  -3.087  -14.582 1.00 40.33  ? 130 GLY A C   1 
ATOM   851  O  O   . GLY A 1 130 ? -9.701  -4.260  -14.599 1.00 42.57  ? 130 GLY A O   1 
ATOM   852  N  N   . GLY A 1 131 ? -9.916  -2.075  -14.020 1.00 41.14  ? 131 GLY A N   1 
ATOM   853  C  CA  . GLY A 1 131 ? -11.091 -2.269  -13.166 1.00 40.89  ? 131 GLY A CA  1 
ATOM   854  C  C   . GLY A 1 131 ? -11.090 -1.300  -12.011 1.00 41.12  ? 131 GLY A C   1 
ATOM   855  O  O   . GLY A 1 131 ? -10.170 -0.482  -11.874 1.00 41.54  ? 131 GLY A O   1 
ATOM   856  N  N   . GLY A 1 132 ? -12.114 -1.406  -11.156 1.00 41.03  ? 132 GLY A N   1 
ATOM   857  C  CA  . GLY A 1 132 ? -12.359 -0.495  -10.051 1.00 40.09  ? 132 GLY A CA  1 
ATOM   858  C  C   . GLY A 1 132 ? -11.620 -0.950  -8.791  1.00 40.40  ? 132 GLY A C   1 
ATOM   859  O  O   . GLY A 1 132 ? -11.174 -2.079  -8.711  1.00 39.08  ? 132 GLY A O   1 
ATOM   860  N  N   . TRP A 1 133 ? -11.490 -0.055  -7.825  1.00 39.67  ? 133 TRP A N   1 
ATOM   861  C  CA  . TRP A 1 133 ? -10.793 -0.326  -6.555  1.00 39.57  ? 133 TRP A CA  1 
ATOM   862  C  C   . TRP A 1 133 ? -11.236 -1.664  -5.896  1.00 41.40  ? 133 TRP A C   1 
ATOM   863  O  O   . TRP A 1 133 ? -12.440 -1.855  -5.613  1.00 41.01  ? 133 TRP A O   1 
ATOM   864  C  CB  . TRP A 1 133 ? -10.962 0.876   -5.621  1.00 36.97  ? 133 TRP A CB  1 
ATOM   865  C  CG  . TRP A 1 133 ? -9.882  0.937   -4.589  1.00 36.15  ? 133 TRP A CG  1 
ATOM   866  C  CD1 . TRP A 1 133 ? -9.976  0.539   -3.320  1.00 35.01  ? 133 TRP A CD1 1 
ATOM   867  C  CD2 . TRP A 1 133 ? -8.543  1.447   -4.764  1.00 33.17  ? 133 TRP A CD2 1 
ATOM   868  N  NE1 . TRP A 1 133 ? -8.804  0.786   -2.648  1.00 34.55  ? 133 TRP A NE1 1 
ATOM   869  C  CE2 . TRP A 1 133 ? -7.893  1.320   -3.532  1.00 34.76  ? 133 TRP A CE2 1 
ATOM   870  C  CE3 . TRP A 1 133 ? -7.845  1.980   -5.850  1.00 32.50  ? 133 TRP A CE3 1 
ATOM   871  C  CZ2 . TRP A 1 133 ? -6.538  1.718   -3.319  1.00 34.40  ? 133 TRP A CZ2 1 
ATOM   872  C  CZ3 . TRP A 1 133 ? -6.470  2.353   -5.671  1.00 32.39  ? 133 TRP A CZ3 1 
ATOM   873  C  CH2 . TRP A 1 133 ? -5.831  2.181   -4.389  1.00 30.32  ? 133 TRP A CH2 1 
ATOM   874  N  N   . ARG A 1 134 ? -10.282 -2.582  -5.673  1.00 40.78  ? 134 ARG A N   1 
ATOM   875  C  CA  A ARG A 1 134 ? -10.597 -3.898  -5.125  0.43 41.55  ? 134 ARG A CA  1 
ATOM   876  C  CA  B ARG A 1 134 ? -10.606 -3.888  -5.121  0.57 41.73  ? 134 ARG A CA  1 
ATOM   877  C  C   . ARG A 1 134 ? -10.439 -4.040  -3.605  1.00 42.29  ? 134 ARG A C   1 
ATOM   878  O  O   . ARG A 1 134 ? -10.974 -4.984  -3.017  1.00 43.41  ? 134 ARG A O   1 
ATOM   879  C  CB  A ARG A 1 134 ? -9.786  -4.989  -5.814  0.43 41.23  ? 134 ARG A CB  1 
ATOM   880  C  CB  B ARG A 1 134 ? -9.830  -4.989  -5.828  0.57 41.43  ? 134 ARG A CB  1 
ATOM   881  C  CG  A ARG A 1 134 ? -10.111 -5.202  -7.289  0.43 41.52  ? 134 ARG A CG  1 
ATOM   882  C  CG  B ARG A 1 134 ? -10.303 -5.297  -7.253  0.57 43.06  ? 134 ARG A CG  1 
ATOM   883  C  CD  A ARG A 1 134 ? -11.563 -5.670  -7.512  0.43 41.79  ? 134 ARG A CD  1 
ATOM   884  C  CD  B ARG A 1 134 ? -11.665 -6.043  -7.289  0.57 43.93  ? 134 ARG A CD  1 
ATOM   885  N  NE  A ARG A 1 134 ? -11.813 -5.992  -8.913  0.43 41.95  ? 134 ARG A NE  1 
ATOM   886  N  NE  B ARG A 1 134 ? -12.843 -5.169  -7.384  0.57 46.31  ? 134 ARG A NE  1 
ATOM   887  C  CZ  A ARG A 1 134 ? -12.584 -5.275  -9.713  0.43 42.97  ? 134 ARG A CZ  1 
ATOM   888  C  CZ  B ARG A 1 134 ? -13.808 -5.075  -6.453  0.57 48.90  ? 134 ARG A CZ  1 
ATOM   889  N  NH1 A ARG A 1 134 ? -13.191 -4.195  -9.223  0.43 42.25  ? 134 ARG A NH1 1 
ATOM   890  N  NH1 B ARG A 1 134 ? -13.738 -5.756  -5.312  0.57 51.08  ? 134 ARG A NH1 1 
ATOM   891  N  NH2 A ARG A 1 134 ? -12.765 -5.644  -10.990 0.43 41.37  ? 134 ARG A NH2 1 
ATOM   892  N  NH2 B ARG A 1 134 ? -14.847 -4.284  -6.650  0.57 46.87  ? 134 ARG A NH2 1 
ATOM   893  N  N   . PHE A 1 135 ? -9.710  -3.143  -2.957  1.00 41.51  ? 135 PHE A N   1 
ATOM   894  C  CA  . PHE A 1 135 ? -9.411  -3.404  -1.537  1.00 43.65  ? 135 PHE A CA  1 
ATOM   895  C  C   . PHE A 1 135 ? -10.651 -3.258  -0.598  1.00 45.03  ? 135 PHE A C   1 
ATOM   896  O  O   . PHE A 1 135 ? -11.394 -2.288  -0.686  1.00 45.27  ? 135 PHE A O   1 
ATOM   897  C  CB  . PHE A 1 135 ? -8.257  -2.537  -0.977  1.00 41.40  ? 135 PHE A CB  1 
ATOM   898  C  CG  . PHE A 1 135 ? -6.997  -2.571  -1.773  1.00 37.42  ? 135 PHE A CG  1 
ATOM   899  C  CD1 . PHE A 1 135 ? -6.557  -3.741  -2.409  1.00 33.71  ? 135 PHE A CD1 1 
ATOM   900  C  CD2 . PHE A 1 135 ? -6.209  -1.431  -1.848  1.00 36.90  ? 135 PHE A CD2 1 
ATOM   901  C  CE1 . PHE A 1 135 ? -5.386  -3.751  -3.127  1.00 35.75  ? 135 PHE A CE1 1 
ATOM   902  C  CE2 . PHE A 1 135 ? -5.032  -1.428  -2.544  1.00 33.95  ? 135 PHE A CE2 1 
ATOM   903  C  CZ  . PHE A 1 135 ? -4.614  -2.576  -3.198  1.00 35.48  ? 135 PHE A CZ  1 
ATOM   904  N  N   . GLN A 1 136 ? -10.783 -4.178  0.355   1.00 48.00  ? 136 GLN A N   1 
ATOM   905  C  CA  . GLN A 1 136 ? -11.948 -4.246  1.261   1.00 50.06  ? 136 GLN A CA  1 
ATOM   906  C  C   . GLN A 1 136 ? -11.625 -3.869  2.711   1.00 50.14  ? 136 GLN A C   1 
ATOM   907  O  O   . GLN A 1 136 ? -12.527 -3.411  3.451   1.00 49.96  ? 136 GLN A O   1 
ATOM   908  C  CB  . GLN A 1 136 ? -12.610 -5.638  1.170   1.00 51.12  ? 136 GLN A CB  1 
ATOM   909  C  CG  . GLN A 1 136 ? -13.372 -5.895  -0.143  1.00 56.46  ? 136 GLN A CG  1 
ATOM   910  C  CD  . GLN A 1 136 ? -14.832 -5.348  -0.145  1.00 67.23  ? 136 GLN A CD  1 
ATOM   911  O  OE1 . GLN A 1 136 ? -15.274 -4.650  0.807   1.00 71.23  ? 136 GLN A OE1 1 
ATOM   912  N  NE2 . GLN A 1 136 ? -15.591 -5.678  -1.214  1.00 66.31  ? 136 GLN A NE2 1 
ATOM   913  N  N   . GLY A 1 137 ? -10.335 -3.987  3.089   1.00 49.35  ? 137 GLY A N   1 
ATOM   914  C  CA  . GLY A 1 137 ? -9.858  -3.586  4.424   1.00 47.48  ? 137 GLY A CA  1 
ATOM   915  C  C   . GLY A 1 137 ? -10.194 -2.169  4.920   1.00 47.25  ? 137 GLY A C   1 
ATOM   916  O  O   . GLY A 1 137 ? -10.073 -1.186  4.220   1.00 47.37  ? 137 GLY A O   1 
ATOM   917  N  N   . SER A 1 138 ? -10.613 -2.072  6.164   1.00 46.98  ? 138 SER A N   1 
ATOM   918  C  CA  . SER A 1 138 ? -10.835 -0.819  6.816   1.00 46.99  ? 138 SER A CA  1 
ATOM   919  C  C   . SER A 1 138 ? -9.976  -0.947  8.073   1.00 47.81  ? 138 SER A C   1 
ATOM   920  O  O   . SER A 1 138 ? -9.962  -2.020  8.737   1.00 47.92  ? 138 SER A O   1 
ATOM   921  C  CB  . SER A 1 138 ? -12.338 -0.694  7.187   1.00 48.24  ? 138 SER A CB  1 
ATOM   922  O  OG  . SER A 1 138 ? -12.785 0.678   7.236   1.00 47.34  ? 138 SER A OG  1 
ATOM   923  N  N   . TRP A 1 139 ? -9.240  0.116   8.380   1.00 47.17  ? 139 TRP A N   1 
ATOM   924  C  CA  . TRP A 1 139 ? -8.456  0.209   9.591   1.00 47.45  ? 139 TRP A CA  1 
ATOM   925  C  C   . TRP A 1 139 ? -9.287  0.793   10.750  1.00 49.60  ? 139 TRP A C   1 
ATOM   926  O  O   . TRP A 1 139 ? -10.066 1.749   10.583  1.00 50.68  ? 139 TRP A O   1 
ATOM   927  C  CB  . TRP A 1 139 ? -7.219  1.122   9.412   1.00 45.86  ? 139 TRP A CB  1 
ATOM   928  C  CG  . TRP A 1 139 ? -6.482  1.384   10.711  1.00 39.55  ? 139 TRP A CG  1 
ATOM   929  C  CD1 . TRP A 1 139 ? -5.760  0.480   11.406  1.00 38.40  ? 139 TRP A CD1 1 
ATOM   930  C  CD2 . TRP A 1 139 ? -6.432  2.610   11.475  1.00 38.28  ? 139 TRP A CD2 1 
ATOM   931  N  NE1 . TRP A 1 139 ? -5.260  1.039   12.545  1.00 40.10  ? 139 TRP A NE1 1 
ATOM   932  C  CE2 . TRP A 1 139 ? -5.654  2.346   12.623  1.00 38.31  ? 139 TRP A CE2 1 
ATOM   933  C  CE3 . TRP A 1 139 ? -6.989  3.875   11.319  1.00 32.80  ? 139 TRP A CE3 1 
ATOM   934  C  CZ2 . TRP A 1 139 ? -5.393  3.305   13.598  1.00 40.63  ? 139 TRP A CZ2 1 
ATOM   935  C  CZ3 . TRP A 1 139 ? -6.758  4.829   12.286  1.00 39.11  ? 139 TRP A CZ3 1 
ATOM   936  C  CH2 . TRP A 1 139 ? -5.947  4.555   13.420  1.00 40.62  ? 139 TRP A CH2 1 
ATOM   937  N  N   . ASN A 1 140 ? -9.008  0.306   11.945  1.00 50.90  ? 140 ASN A N   1 
ATOM   938  C  CA  . ASN A 1 140 ? -9.759  0.710   13.127  1.00 52.22  ? 140 ASN A CA  1 
ATOM   939  C  C   . ASN A 1 140 ? -8.864  1.357   14.128  1.00 52.51  ? 140 ASN A C   1 
ATOM   940  O  O   . ASN A 1 140 ? -7.833  0.795   14.463  1.00 52.62  ? 140 ASN A O   1 
ATOM   941  C  CB  . ASN A 1 140 ? -10.387 -0.545  13.669  1.00 52.93  ? 140 ASN A CB  1 
ATOM   942  C  CG  . ASN A 1 140 ? -11.511 -1.031  12.768  1.00 55.09  ? 140 ASN A CG  1 
ATOM   943  O  OD1 . ASN A 1 140 ? -12.408 -0.214  12.402  1.00 55.80  ? 140 ASN A OD1 1 
ATOM   944  N  ND2 . ASN A 1 140 ? -11.473 -2.324  12.372  1.00 48.52  ? 140 ASN A ND2 1 
ATOM   945  N  N   . ALA A 1 141 ? -9.217  2.562   14.567  1.00 52.78  ? 141 ALA A N   1 
ATOM   946  C  CA  . ALA A 1 141 ? -8.433  3.243   15.594  1.00 53.10  ? 141 ALA A CA  1 
ATOM   947  C  C   . ALA A 1 141 ? -7.948  2.292   16.693  1.00 53.06  ? 141 ALA A C   1 
ATOM   948  O  O   . ALA A 1 141 ? -8.655  1.342   17.054  1.00 51.68  ? 141 ALA A O   1 
ATOM   949  C  CB  . ALA A 1 141 ? -9.196  4.422   16.188  1.00 53.94  ? 141 ALA A CB  1 
ATOM   950  N  N   . GLY A 1 142 ? -6.707  2.514   17.144  1.00 53.12  ? 142 GLY A N   1 
ATOM   951  C  CA  . GLY A 1 142 ? -6.029  1.626   18.109  1.00 52.02  ? 142 GLY A CA  1 
ATOM   952  C  C   . GLY A 1 142 ? -5.408  0.325   17.599  1.00 51.43  ? 142 GLY A C   1 
ATOM   953  O  O   . GLY A 1 142 ? -4.606  -0.301  18.287  1.00 52.60  ? 142 GLY A O   1 
ATOM   954  N  N   . GLU A 1 143 ? -5.740  -0.127  16.403  1.00 49.81  ? 143 GLU A N   1 
ATOM   955  C  CA  . GLU A 1 143 ? -5.041  -1.308  15.921  1.00 48.78  ? 143 GLU A CA  1 
ATOM   956  C  C   . GLU A 1 143 ? -3.749  -0.884  15.200  1.00 47.34  ? 143 GLU A C   1 
ATOM   957  O  O   . GLU A 1 143 ? -3.633  0.248   14.703  1.00 46.15  ? 143 GLU A O   1 
ATOM   958  C  CB  . GLU A 1 143 ? -5.901  -2.164  14.991  1.00 50.33  ? 143 GLU A CB  1 
ATOM   959  C  CG  . GLU A 1 143 ? -7.164  -2.834  15.613  1.00 54.90  ? 143 GLU A CG  1 
ATOM   960  C  CD  . GLU A 1 143 ? -7.954  -3.641  14.567  1.00 62.88  ? 143 GLU A CD  1 
ATOM   961  O  OE1 . GLU A 1 143 ? -7.851  -3.313  13.351  1.00 68.68  ? 143 GLU A OE1 1 
ATOM   962  O  OE2 . GLU A 1 143 ? -8.681  -4.599  14.932  1.00 66.10  ? 143 GLU A OE2 1 
ATOM   963  N  N   . GLU A 1 144 ? -2.796  -1.805  15.189  1.00 44.00  ? 144 GLU A N   1 
ATOM   964  C  CA  . GLU A 1 144 ? -1.528  -1.604  14.564  1.00 43.89  ? 144 GLU A CA  1 
ATOM   965  C  C   . GLU A 1 144 ? -1.620  -2.282  13.233  1.00 43.02  ? 144 GLU A C   1 
ATOM   966  O  O   . GLU A 1 144 ? -2.367  -3.243  13.060  1.00 42.52  ? 144 GLU A O   1 
ATOM   967  C  CB  . GLU A 1 144 ? -0.349  -2.221  15.379  1.00 42.06  ? 144 GLU A CB  1 
ATOM   968  C  CG  . GLU A 1 144 ? 0.011   -1.424  16.722  1.00 40.37  ? 144 GLU A CG  1 
ATOM   969  C  CD  . GLU A 1 144 ? 1.411   -1.748  17.264  1.00 33.73  ? 144 GLU A CD  1 
ATOM   970  O  OE1 . GLU A 1 144 ? 2.053   -2.707  16.782  1.00 37.38  ? 144 GLU A OE1 1 
ATOM   971  O  OE2 . GLU A 1 144 ? 1.926   -0.997  18.139  1.00 43.82  ? 144 GLU A OE2 1 
ATOM   972  N  N   . VAL A 1 145 ? -0.784  -1.840  12.316  1.00 41.80  ? 145 VAL A N   1 
ATOM   973  C  CA  . VAL A 1 145 ? -0.796  -2.409  11.010  1.00 41.75  ? 145 VAL A CA  1 
ATOM   974  C  C   . VAL A 1 145 ? 0.614   -2.674  10.611  1.00 41.98  ? 145 VAL A C   1 
ATOM   975  O  O   . VAL A 1 145 ? 1.542   -2.240  11.295  1.00 41.77  ? 145 VAL A O   1 
ATOM   976  C  CB  . VAL A 1 145 ? -1.373  -1.407  9.999   1.00 41.32  ? 145 VAL A CB  1 
ATOM   977  C  CG1 . VAL A 1 145 ? -2.806  -1.101  10.325  1.00 41.23  ? 145 VAL A CG1 1 
ATOM   978  C  CG2 . VAL A 1 145 ? -0.515  -0.104  9.957   1.00 39.86  ? 145 VAL A CG2 1 
ATOM   979  N  N   . GLN A 1 146 ? 0.756   -3.353  9.479   1.00 41.32  ? 146 GLN A N   1 
ATOM   980  C  CA  . GLN A 1 146 ? 2.038   -3.443  8.841   1.00 41.15  ? 146 GLN A CA  1 
ATOM   981  C  C   . GLN A 1 146 ? 2.088   -2.782  7.465   1.00 40.55  ? 146 GLN A C   1 
ATOM   982  O  O   . GLN A 1 146 ? 1.269   -3.067  6.601   1.00 40.99  ? 146 GLN A O   1 
ATOM   983  C  CB  . GLN A 1 146 ? 2.479   -4.895  8.745   1.00 41.67  ? 146 GLN A CB  1 
ATOM   984  C  CG  . GLN A 1 146 ? 2.637   -5.507  10.111  1.00 41.36  ? 146 GLN A CG  1 
ATOM   985  C  CD  . GLN A 1 146 ? 3.051   -6.947  10.092  1.00 43.26  ? 146 GLN A CD  1 
ATOM   986  O  OE1 . GLN A 1 146 ? 3.245   -7.533  11.150  1.00 42.89  ? 146 GLN A OE1 1 
ATOM   987  N  NE2 . GLN A 1 146 ? 3.170   -7.539  8.905   1.00 41.32  ? 146 GLN A NE2 1 
ATOM   988  N  N   . VAL A 1 147 ? 3.106   -1.954  7.273   1.00 38.77  ? 147 VAL A N   1 
ATOM   989  C  CA  . VAL A 1 147 ? 3.491   -1.522  5.961   1.00 37.18  ? 147 VAL A CA  1 
ATOM   990  C  C   . VAL A 1 147 ? 4.452   -2.507  5.344   1.00 37.65  ? 147 VAL A C   1 
ATOM   991  O  O   . VAL A 1 147 ? 5.495   -2.870  5.971   1.00 37.41  ? 147 VAL A O   1 
ATOM   992  C  CB  . VAL A 1 147 ? 4.092   -0.099  5.976   1.00 37.80  ? 147 VAL A CB  1 
ATOM   993  C  CG1 . VAL A 1 147 ? 4.297   0.412   4.528   1.00 35.45  ? 147 VAL A CG1 1 
ATOM   994  C  CG2 . VAL A 1 147 ? 3.212   0.828   6.753   1.00 34.16  ? 147 VAL A CG2 1 
ATOM   995  N  N   . ILE A 1 148 ? 4.093   -2.952  4.137   1.00 35.89  ? 148 ILE A N   1 
ATOM   996  C  CA  . ILE A 1 148 ? 4.963   -3.811  3.359   1.00 35.81  ? 148 ILE A CA  1 
ATOM   997  C  C   . ILE A 1 148 ? 5.771   -2.883  2.447   1.00 35.20  ? 148 ILE A C   1 
ATOM   998  O  O   . ILE A 1 148 ? 5.469   -2.715  1.296   1.00 34.84  ? 148 ILE A O   1 
ATOM   999  C  CB  . ILE A 1 148 ? 4.213   -4.940  2.577   1.00 34.68  ? 148 ILE A CB  1 
ATOM   1000 C  CG1 . ILE A 1 148 ? 3.265   -5.746  3.484   1.00 35.69  ? 148 ILE A CG1 1 
ATOM   1001 C  CG2 . ILE A 1 148 ? 5.196   -5.896  1.955   1.00 35.36  ? 148 ILE A CG2 1 
ATOM   1002 C  CD1 . ILE A 1 148 ? 2.110   -6.470  2.676   1.00 38.41  ? 148 ILE A CD1 1 
ATOM   1003 N  N   . ALA A 1 149 ? 6.766   -2.249  3.030   1.00 34.82  ? 149 ALA A N   1 
ATOM   1004 C  CA  . ALA A 1 149 ? 7.607   -1.260  2.369   1.00 35.37  ? 149 ALA A CA  1 
ATOM   1005 C  C   . ALA A 1 149 ? 8.502   -1.938  1.307   1.00 36.64  ? 149 ALA A C   1 
ATOM   1006 O  O   . ALA A 1 149 ? 9.229   -2.870  1.596   1.00 37.39  ? 149 ALA A O   1 
ATOM   1007 C  CB  . ALA A 1 149 ? 8.490   -0.576  3.445   1.00 34.57  ? 149 ALA A CB  1 
ATOM   1008 N  N   . VAL A 1 150 ? 8.408   -1.478  0.076   1.00 36.36  ? 150 VAL A N   1 
ATOM   1009 C  CA  . VAL A 1 150 ? 9.221   -1.971  -1.001  1.00 36.69  ? 150 VAL A CA  1 
ATOM   1010 C  C   . VAL A 1 150 ? 10.064  -0.748  -1.434  1.00 37.01  ? 150 VAL A C   1 
ATOM   1011 O  O   . VAL A 1 150 ? 9.699   -0.014  -2.364  1.00 35.93  ? 150 VAL A O   1 
ATOM   1012 C  CB  . VAL A 1 150 ? 8.307   -2.485  -2.126  1.00 36.25  ? 150 VAL A CB  1 
ATOM   1013 C  CG1 . VAL A 1 150 ? 9.101   -2.818  -3.345  1.00 36.21  ? 150 VAL A CG1 1 
ATOM   1014 C  CG2 . VAL A 1 150 ? 7.512   -3.729  -1.609  1.00 35.56  ? 150 VAL A CG2 1 
ATOM   1015 N  N   . GLU A 1 151 ? 11.174  -0.529  -0.731  1.00 35.56  ? 151 GLU A N   1 
ATOM   1016 C  CA  . GLU A 1 151 ? 12.062  0.586   -1.027  1.00 37.78  ? 151 GLU A CA  1 
ATOM   1017 C  C   . GLU A 1 151 ? 12.918  0.290   -2.276  1.00 37.37  ? 151 GLU A C   1 
ATOM   1018 O  O   . GLU A 1 151 ? 13.295  -0.825  -2.505  1.00 35.88  ? 151 GLU A O   1 
ATOM   1019 C  CB  . GLU A 1 151 ? 12.934  0.869   0.205   1.00 37.26  ? 151 GLU A CB  1 
ATOM   1020 C  CG  . GLU A 1 151 ? 12.153  1.372   1.425   1.00 41.96  ? 151 GLU A CG  1 
ATOM   1021 C  CD  . GLU A 1 151 ? 13.102  1.846   2.550   1.00 46.03  ? 151 GLU A CD  1 
ATOM   1022 O  OE1 . GLU A 1 151 ? 13.855  0.998   3.033   1.00 50.70  ? 151 GLU A OE1 1 
ATOM   1023 O  OE2 . GLU A 1 151 ? 13.132  3.057   2.920   1.00 47.65  ? 151 GLU A OE2 1 
ATOM   1024 N  N   . PRO A 1 152 ? 13.215  1.295   -3.089  1.00 38.96  ? 152 PRO A N   1 
ATOM   1025 C  CA  . PRO A 1 152 ? 14.148  1.116   -4.203  1.00 41.31  ? 152 PRO A CA  1 
ATOM   1026 C  C   . PRO A 1 152 ? 15.418  0.324   -3.795  1.00 42.79  ? 152 PRO A C   1 
ATOM   1027 O  O   . PRO A 1 152 ? 15.938  0.577   -2.747  1.00 43.22  ? 152 PRO A O   1 
ATOM   1028 C  CB  . PRO A 1 152 ? 14.509  2.555   -4.534  1.00 40.93  ? 152 PRO A CB  1 
ATOM   1029 C  CG  . PRO A 1 152 ? 13.283  3.228   -4.304  1.00 41.11  ? 152 PRO A CG  1 
ATOM   1030 C  CD  . PRO A 1 152 ? 12.830  2.700   -2.975  1.00 39.54  ? 152 PRO A CD  1 
ATOM   1031 N  N   . GLY A 1 153 ? 15.834  -0.666  -4.584  1.00 45.53  ? 153 GLY A N   1 
ATOM   1032 C  CA  . GLY A 1 153 ? 17.009  -1.495  -4.270  1.00 48.51  ? 153 GLY A CA  1 
ATOM   1033 C  C   . GLY A 1 153 ? 17.047  -2.270  -2.941  1.00 50.81  ? 153 GLY A C   1 
ATOM   1034 O  O   . GLY A 1 153 ? 18.114  -2.737  -2.512  1.00 51.72  ? 153 GLY A O   1 
ATOM   1035 N  N   . LYS A 1 154 ? 15.912  -2.410  -2.254  1.00 51.13  ? 154 LYS A N   1 
ATOM   1036 C  CA  . LYS A 1 154 ? 15.876  -3.213  -1.038  1.00 50.30  ? 154 LYS A CA  1 
ATOM   1037 C  C   . LYS A 1 154 ? 14.854  -4.294  -1.226  1.00 50.84  ? 154 LYS A C   1 
ATOM   1038 O  O   . LYS A 1 154 ? 13.941  -4.172  -2.102  1.00 50.56  ? 154 LYS A O   1 
ATOM   1039 C  CB  . LYS A 1 154 ? 15.490  -2.376  0.177   1.00 51.25  ? 154 LYS A CB  1 
ATOM   1040 C  CG  . LYS A 1 154 ? 16.462  -1.262  0.524   1.00 54.98  ? 154 LYS A CG  1 
ATOM   1041 C  CD  . LYS A 1 154 ? 17.812  -1.782  0.993   1.00 60.21  ? 154 LYS A CD  1 
ATOM   1042 C  CE  . LYS A 1 154 ? 18.837  -0.627  1.055   1.00 65.19  ? 154 LYS A CE  1 
ATOM   1043 N  NZ  . LYS A 1 154 ? 20.205  -1.083  1.484   1.00 69.31  ? 154 LYS A NZ  1 
ATOM   1044 N  N   . ASN A 1 155 ? 15.005  -5.366  -0.435  1.00 49.92  ? 155 ASN A N   1 
ATOM   1045 C  CA  . ASN A 1 155 ? 14.007  -6.403  -0.356  1.00 48.83  ? 155 ASN A CA  1 
ATOM   1046 C  C   . ASN A 1 155 ? 12.794  -5.823  0.379   1.00 48.49  ? 155 ASN A C   1 
ATOM   1047 O  O   . ASN A 1 155 ? 12.937  -4.930  1.267   1.00 45.86  ? 155 ASN A O   1 
ATOM   1048 C  CB  . ASN A 1 155 ? 14.528  -7.658  0.406   1.00 50.10  ? 155 ASN A CB  1 
ATOM   1049 C  CG  . ASN A 1 155 ? 15.624  -8.459  -0.396  1.00 53.39  ? 155 ASN A CG  1 
ATOM   1050 O  OD1 . ASN A 1 155 ? 16.319  -9.311  0.168   1.00 54.49  ? 155 ASN A OD1 1 
ATOM   1051 N  ND2 . ASN A 1 155 ? 15.773  -8.160  -1.694  1.00 54.20  ? 155 ASN A ND2 1 
ATOM   1052 N  N   . PRO A 1 156 ? 11.593  -6.342  0.038   1.00 47.84  ? 156 PRO A N   1 
ATOM   1053 C  CA  . PRO A 1 156 ? 10.383  -5.939  0.745   1.00 47.89  ? 156 PRO A CA  1 
ATOM   1054 C  C   . PRO A 1 156 ? 10.592  -6.147  2.251   1.00 47.49  ? 156 PRO A C   1 
ATOM   1055 O  O   . PRO A 1 156 ? 11.283  -7.076  2.650   1.00 47.73  ? 156 PRO A O   1 
ATOM   1056 C  CB  . PRO A 1 156 ? 9.341   -6.930  0.225   1.00 49.52  ? 156 PRO A CB  1 
ATOM   1057 C  CG  . PRO A 1 156 ? 9.859   -7.295  -1.155  1.00 49.86  ? 156 PRO A CG  1 
ATOM   1058 C  CD  . PRO A 1 156 ? 11.330  -7.370  -0.981  1.00 47.45  ? 156 PRO A CD  1 
ATOM   1059 N  N   . LYS A 1 157 ? 10.002  -5.291  3.070   1.00 46.25  ? 157 LYS A N   1 
ATOM   1060 C  CA  . LYS A 1 157 ? 10.147  -5.408  4.483   1.00 46.05  ? 157 LYS A CA  1 
ATOM   1061 C  C   . LYS A 1 157 ? 8.812   -5.084  5.160   1.00 44.82  ? 157 LYS A C   1 
ATOM   1062 O  O   . LYS A 1 157 ? 8.235   -4.047  4.917   1.00 45.87  ? 157 LYS A O   1 
ATOM   1063 C  CB  . LYS A 1 157 ? 11.245  -4.415  4.943   1.00 47.07  ? 157 LYS A CB  1 
ATOM   1064 C  CG  . LYS A 1 157 ? 11.641  -4.513  6.388   1.00 50.26  ? 157 LYS A CG  1 
ATOM   1065 C  CD  . LYS A 1 157 ? 12.413  -3.242  6.792   1.00 58.22  ? 157 LYS A CD  1 
ATOM   1066 C  CE  . LYS A 1 157 ? 11.991  -2.015  5.941   1.00 62.15  ? 157 LYS A CE  1 
ATOM   1067 N  NZ  . LYS A 1 157 ? 12.885  -0.818  6.134   1.00 62.27  ? 157 LYS A NZ  1 
ATOM   1068 N  N   . ASN A 1 158 ? 8.348   -5.952  6.038   1.00 43.57  ? 158 ASN A N   1 
ATOM   1069 C  CA  . ASN A 1 158 ? 7.185   -5.664  6.867   1.00 43.02  ? 158 ASN A CA  1 
ATOM   1070 C  C   . ASN A 1 158 ? 7.534   -4.821  8.070   1.00 43.19  ? 158 ASN A C   1 
ATOM   1071 O  O   . ASN A 1 158 ? 8.385   -5.209  8.860   1.00 44.68  ? 158 ASN A O   1 
ATOM   1072 C  CB  . ASN A 1 158 ? 6.488   -6.996  7.272   1.00 41.52  ? 158 ASN A CB  1 
ATOM   1073 C  CG  . ASN A 1 158 ? 5.478   -7.459  6.221   1.00 41.52  ? 158 ASN A CG  1 
ATOM   1074 O  OD1 . ASN A 1 158 ? 4.276   -7.505  6.483   1.00 43.47  ? 158 ASN A OD1 1 
ATOM   1075 N  ND2 . ASN A 1 158 ? 5.950   -7.737  5.014   1.00 42.60  ? 158 ASN A ND2 1 
ATOM   1076 N  N   . VAL A 1 159 ? 6.893   -3.659  8.203   1.00 42.57  ? 159 VAL A N   1 
ATOM   1077 C  CA  . VAL A 1 159 ? 7.096   -2.754  9.323   1.00 40.84  ? 159 VAL A CA  1 
ATOM   1078 C  C   . VAL A 1 159 ? 5.761   -2.548  10.079  1.00 40.80  ? 159 VAL A C   1 
ATOM   1079 O  O   . VAL A 1 159 ? 4.779   -1.931  9.568   1.00 40.04  ? 159 VAL A O   1 
ATOM   1080 C  CB  . VAL A 1 159 ? 7.699   -1.389  8.863   1.00 41.19  ? 159 VAL A CB  1 
ATOM   1081 C  CG1 . VAL A 1 159 ? 8.005   -0.476  10.047  1.00 40.01  ? 159 VAL A CG1 1 
ATOM   1082 C  CG2 . VAL A 1 159 ? 8.992   -1.608  8.067   1.00 41.83  ? 159 VAL A CG2 1 
ATOM   1083 N  N   . GLN A 1 160 ? 5.724   -3.079  11.296  1.00 40.14  ? 160 GLN A N   1 
ATOM   1084 C  CA  . GLN A 1 160 ? 4.554   -2.939  12.198  1.00 39.73  ? 160 GLN A CA  1 
ATOM   1085 C  C   . GLN A 1 160 ? 4.563   -1.642  12.912  1.00 39.07  ? 160 GLN A C   1 
ATOM   1086 O  O   . GLN A 1 160 ? 5.564   -1.267  13.518  1.00 40.40  ? 160 GLN A O   1 
ATOM   1087 C  CB  . GLN A 1 160 ? 4.463   -4.078  13.208  1.00 39.35  ? 160 GLN A CB  1 
ATOM   1088 C  CG  . GLN A 1 160 ? 3.074   -4.108  13.800  1.00 40.63  ? 160 GLN A CG  1 
ATOM   1089 C  CD  . GLN A 1 160 ? 2.762   -5.377  14.490  1.00 41.34  ? 160 GLN A CD  1 
ATOM   1090 O  OE1 . GLN A 1 160 ? 3.104   -6.483  14.015  1.00 40.11  ? 160 GLN A OE1 1 
ATOM   1091 N  NE2 . GLN A 1 160 ? 2.124   -5.241  15.647  1.00 39.01  ? 160 GLN A NE2 1 
ATOM   1092 N  N   . THR A 1 161 ? 3.461   -0.926  12.836  1.00 38.49  ? 161 THR A N   1 
ATOM   1093 C  CA  . THR A 1 161 ? 3.406   0.427   13.349  1.00 38.67  ? 161 THR A CA  1 
ATOM   1094 C  C   . THR A 1 161 ? 2.004   0.753   13.853  1.00 40.16  ? 161 THR A C   1 
ATOM   1095 O  O   . THR A 1 161 ? 1.008   0.188   13.380  1.00 41.16  ? 161 THR A O   1 
ATOM   1096 C  CB  . THR A 1 161 ? 3.784   1.498   12.221  1.00 38.62  ? 161 THR A CB  1 
ATOM   1097 O  OG1 . THR A 1 161 ? 3.946   2.793   12.832  1.00 43.75  ? 161 THR A OG1 1 
ATOM   1098 C  CG2 . THR A 1 161 ? 2.662   1.619   11.121  1.00 35.54  ? 161 THR A CG2 1 
ATOM   1099 N  N   . ALA A 1 162 ? 1.900   1.756   14.710  1.00 42.43  ? 162 ALA A N   1 
ATOM   1100 C  CA  . ALA A 1 162 ? 0.627   2.119   15.288  1.00 44.79  ? 162 ALA A CA  1 
ATOM   1101 C  C   . ALA A 1 162 ? 0.138   3.466   14.744  1.00 45.81  ? 162 ALA A C   1 
ATOM   1102 O  O   . ALA A 1 162 ? 0.639   4.491   15.161  1.00 46.19  ? 162 ALA A O   1 
ATOM   1103 C  CB  . ALA A 1 162 ? 0.778   2.202   16.821  1.00 44.74  ? 162 ALA A CB  1 
ATOM   1104 N  N   . PRO A 1 163 ? -0.852  3.478   13.836  1.00 45.67  ? 163 PRO A N   1 
ATOM   1105 C  CA  . PRO A 1 163 ? -1.213  4.767   13.273  1.00 47.80  ? 163 PRO A CA  1 
ATOM   1106 C  C   . PRO A 1 163 ? -1.917  5.634   14.298  1.00 51.12  ? 163 PRO A C   1 
ATOM   1107 O  O   . PRO A 1 163 ? -2.487  5.087   15.259  1.00 51.51  ? 163 PRO A O   1 
ATOM   1108 C  CB  . PRO A 1 163 ? -2.228  4.417   12.183  1.00 47.44  ? 163 PRO A CB  1 
ATOM   1109 C  CG  . PRO A 1 163 ? -2.052  3.024   11.866  1.00 45.00  ? 163 PRO A CG  1 
ATOM   1110 C  CD  . PRO A 1 163 ? -1.540  2.373   13.176  1.00 45.59  ? 163 PRO A CD  1 
ATOM   1111 N  N   . GLY A 1 164 ? -1.870  6.960   14.110  1.00 52.49  ? 164 GLY A N   1 
ATOM   1112 C  CA  . GLY A 1 164 ? -2.742  7.869   14.820  1.00 55.08  ? 164 GLY A CA  1 
ATOM   1113 C  C   . GLY A 1 164 ? -3.938  8.102   13.912  1.00 58.63  ? 164 GLY A C   1 
ATOM   1114 O  O   . GLY A 1 164 ? -4.016  7.529   12.817  1.00 58.77  ? 164 GLY A O   1 
ATOM   1115 N  N   . THR A 1 165 ? -4.880  8.937   14.343  1.00 60.33  ? 165 THR A N   1 
ATOM   1116 C  CA  . THR A 1 165 ? -5.975  9.319   13.474  1.00 62.71  ? 165 THR A CA  1 
ATOM   1117 C  C   . THR A 1 165 ? -5.969  10.839  13.358  1.00 63.69  ? 165 THR A C   1 
ATOM   1118 O  O   . THR A 1 165 ? -5.450  11.546  14.234  1.00 63.53  ? 165 THR A O   1 
ATOM   1119 C  CB  . THR A 1 165 ? -7.384  8.813   13.964  1.00 63.41  ? 165 THR A CB  1 
ATOM   1120 O  OG1 . THR A 1 165 ? -8.093  9.885   14.605  1.00 65.71  ? 165 THR A OG1 1 
ATOM   1121 C  CG2 . THR A 1 165 ? -7.269  7.656   14.920  1.00 63.23  ? 165 THR A CG2 1 
ATOM   1122 N  N   . PHE A 1 166 ? -6.505  11.335  12.248  1.00 64.80  ? 166 PHE A N   1 
ATOM   1123 C  CA  . PHE A 1 166 ? -6.584  12.771  12.019  1.00 66.04  ? 166 PHE A CA  1 
ATOM   1124 C  C   . PHE A 1 166 ? -7.934  13.052  11.385  1.00 65.43  ? 166 PHE A C   1 
ATOM   1125 O  O   . PHE A 1 166 ? -8.490  12.179  10.685  1.00 66.18  ? 166 PHE A O   1 
ATOM   1126 C  CB  . PHE A 1 166 ? -5.414  13.250  11.165  1.00 66.84  ? 166 PHE A CB  1 
ATOM   1127 C  CG  . PHE A 1 166 ? -4.076  13.129  11.853  1.00 70.86  ? 166 PHE A CG  1 
ATOM   1128 C  CD1 . PHE A 1 166 ? -3.430  14.258  12.362  1.00 74.19  ? 166 PHE A CD1 1 
ATOM   1129 C  CD2 . PHE A 1 166 ? -3.455  11.890  11.997  1.00 73.36  ? 166 PHE A CD2 1 
ATOM   1130 C  CE1 . PHE A 1 166 ? -2.187  14.158  13.008  1.00 74.34  ? 166 PHE A CE1 1 
ATOM   1131 C  CE2 . PHE A 1 166 ? -2.208  11.785  12.647  1.00 75.53  ? 166 PHE A CE2 1 
ATOM   1132 C  CZ  . PHE A 1 166 ? -1.577  12.928  13.151  1.00 74.66  ? 166 PHE A CZ  1 
ATOM   1133 N  N   . LYS A 1 167 ? -8.476  14.243  11.660  1.00 65.17  ? 167 LYS A N   1 
ATOM   1134 C  CA  . LYS A 1 167 ? -9.880  14.559  11.355  1.00 64.04  ? 167 LYS A CA  1 
ATOM   1135 C  C   . LYS A 1 167 ? -10.089 15.348  10.073  1.00 63.08  ? 167 LYS A C   1 
ATOM   1136 O  O   . LYS A 1 167 ? -9.280  16.253  9.728   1.00 64.87  ? 167 LYS A O   1 
ATOM   1137 N  N   . THR A 1 168 ? -11.176 15.007  9.366   1.00 60.30  ? 168 THR A N   1 
ATOM   1138 C  CA  . THR A 1 168 ? -11.682 15.805  8.249   1.00 55.31  ? 168 THR A CA  1 
ATOM   1139 C  C   . THR A 1 168 ? -13.182 15.653  7.990   1.00 57.56  ? 168 THR A C   1 
ATOM   1140 C  CB  . THR A 1 168 ? -11.011 15.415  6.969   1.00 49.80  ? 168 THR A CB  1 
ATOM   1141 O  OG1 . THR A 1 168 ? -11.256 14.008  6.654   1.00 46.00  ? 168 THR A OG1 1 
ATOM   1142 C  CG2 . THR A 1 168 ? -9.501  15.425  7.119   1.00 46.63  ? 168 THR A CG2 1 
ATOM   1143 N  N   . GLY A 1 171 ? -14.849 11.753  6.361   1.00 77.75  ? 171 GLY A N   1 
ATOM   1144 C  CA  . GLY A 1 171 ? -13.840 10.753  6.848   1.00 77.41  ? 171 GLY A CA  1 
ATOM   1145 C  C   . GLY A 1 171 ? -12.824 11.212  7.903   1.00 77.06  ? 171 GLY A C   1 
ATOM   1146 O  O   . GLY A 1 171 ? -12.223 12.294  7.810   1.00 77.14  ? 171 GLY A O   1 
ATOM   1147 N  N   . GLU A 1 172 ? -12.668 10.391  8.937   1.00 76.01  ? 172 GLU A N   1 
ATOM   1148 C  CA  . GLU A 1 172 ? -11.560 10.493  9.872   1.00 74.64  ? 172 GLU A CA  1 
ATOM   1149 C  C   . GLU A 1 172 ? -10.534 9.513   9.331   1.00 73.45  ? 172 GLU A C   1 
ATOM   1150 O  O   . GLU A 1 172 ? -10.877 8.373   8.979   1.00 74.37  ? 172 GLU A O   1 
ATOM   1151 C  CB  . GLU A 1 172 ? -11.980 10.079  11.297  1.00 74.72  ? 172 GLU A CB  1 
ATOM   1152 N  N   . VAL A 1 173 ? -9.280  9.942   9.262   1.00 71.23  ? 173 VAL A N   1 
ATOM   1153 C  CA  . VAL A 1 173 ? -8.250  9.155   8.555   1.00 68.17  ? 173 VAL A CA  1 
ATOM   1154 C  C   . VAL A 1 173 ? -7.126  8.631   9.462   1.00 65.61  ? 173 VAL A C   1 
ATOM   1155 O  O   . VAL A 1 173 ? -6.642  9.347   10.336  1.00 64.48  ? 173 VAL A O   1 
ATOM   1156 C  CB  . VAL A 1 173 ? -7.707  9.967   7.332   1.00 68.65  ? 173 VAL A CB  1 
ATOM   1157 C  CG1 . VAL A 1 173 ? -6.895  11.176  7.790   1.00 68.07  ? 173 VAL A CG1 1 
ATOM   1158 C  CG2 . VAL A 1 173 ? -6.937  9.068   6.356   1.00 68.38  ? 173 VAL A CG2 1 
ATOM   1159 N  N   . GLY A 1 174 ? -6.735  7.368   9.274   1.00 63.12  ? 174 GLY A N   1 
ATOM   1160 C  CA  . GLY A 1 174 ? -5.481  6.887   9.859   1.00 60.24  ? 174 GLY A CA  1 
ATOM   1161 C  C   . GLY A 1 174 ? -4.313  7.655   9.240   1.00 58.90  ? 174 GLY A C   1 
ATOM   1162 O  O   . GLY A 1 174 ? -4.371  8.026   8.057   1.00 58.30  ? 174 GLY A O   1 
ATOM   1163 N  N   . ALA A 1 175 ? -3.270  7.902   10.036  1.00 56.37  ? 175 ALA A N   1 
ATOM   1164 C  CA  . ALA A 1 175 ? -2.058  8.511   9.554   1.00 54.95  ? 175 ALA A CA  1 
ATOM   1165 C  C   . ALA A 1 175 ? -0.861  7.830   10.209  1.00 54.27  ? 175 ALA A C   1 
ATOM   1166 O  O   . ALA A 1 175 ? -0.943  7.412   11.363  1.00 54.49  ? 175 ALA A O   1 
ATOM   1167 C  CB  . ALA A 1 175 ? -2.069  9.970   9.849   1.00 55.44  ? 175 ALA A CB  1 
ATOM   1168 N  N   . ILE A 1 176 ? 0.227   7.684   9.462   1.00 51.79  ? 176 ILE A N   1 
ATOM   1169 C  CA  . ILE A 1 176 ? 1.399   6.952   9.915   1.00 50.73  ? 176 ILE A CA  1 
ATOM   1170 C  C   . ILE A 1 176 ? 2.675   7.798   9.871   1.00 50.59  ? 176 ILE A C   1 
ATOM   1171 O  O   . ILE A 1 176 ? 2.930   8.445   8.875   1.00 50.65  ? 176 ILE A O   1 
ATOM   1172 C  CB  . ILE A 1 176 ? 1.596   5.668   9.099   1.00 51.30  ? 176 ILE A CB  1 
ATOM   1173 C  CG1 . ILE A 1 176 ? 0.572   4.606   9.535   1.00 50.71  ? 176 ILE A CG1 1 
ATOM   1174 C  CG2 . ILE A 1 176 ? 3.061   5.168   9.174   1.00 48.13  ? 176 ILE A CG2 1 
ATOM   1175 C  CD1 . ILE A 1 176 ? 0.279   3.564   8.439   1.00 53.99  ? 176 ILE A CD1 1 
ATOM   1176 N  N   . ALA A 1 177 ? 3.451   7.767   10.957  1.00 49.68  ? 177 ALA A N   1 
ATOM   1177 C  CA  . ALA A 1 177 ? 4.750   8.445   11.095  1.00 50.64  ? 177 ALA A CA  1 
ATOM   1178 C  C   . ALA A 1 177 ? 5.913   7.472   10.879  1.00 50.50  ? 177 ALA A C   1 
ATOM   1179 O  O   . ALA A 1 177 ? 6.524   6.971   11.832  1.00 51.13  ? 177 ALA A O   1 
ATOM   1180 C  CB  . ALA A 1 177 ? 4.864   9.062   12.529  1.00 50.82  ? 177 ALA A CB  1 
ATOM   1181 N  N   . LEU A 1 178 ? 6.184   7.147   9.634   1.00 49.59  ? 178 LEU A N   1 
ATOM   1182 C  CA  . LEU A 1 178 ? 7.316   6.335   9.318   1.00 48.97  ? 178 LEU A CA  1 
ATOM   1183 C  C   . LEU A 1 178 ? 7.955   7.024   8.104   1.00 49.56  ? 178 LEU A C   1 
ATOM   1184 O  O   . LEU A 1 178 ? 7.288   7.747   7.383   1.00 49.82  ? 178 LEU A O   1 
ATOM   1185 C  CB  . LEU A 1 178 ? 6.884   4.907   8.979   1.00 49.21  ? 178 LEU A CB  1 
ATOM   1186 C  CG  . LEU A 1 178 ? 6.472   3.890   10.072  1.00 48.96  ? 178 LEU A CG  1 
ATOM   1187 C  CD1 . LEU A 1 178 ? 6.012   2.587   9.375   1.00 49.29  ? 178 LEU A CD1 1 
ATOM   1188 C  CD2 . LEU A 1 178 ? 7.641   3.582   11.040  1.00 48.49  ? 178 LEU A CD2 1 
ATOM   1189 N  N   . ASP A 1 179 ? 9.246   6.824   7.918   1.00 49.79  ? 179 ASP A N   1 
ATOM   1190 C  CA  . ASP A 1 179 ? 10.006  7.503   6.865   1.00 51.32  ? 179 ASP A CA  1 
ATOM   1191 C  C   . ASP A 1 179 ? 10.617  6.436   6.011   1.00 49.25  ? 179 ASP A C   1 
ATOM   1192 O  O   . ASP A 1 179 ? 11.385  5.663   6.527   1.00 50.44  ? 179 ASP A O   1 
ATOM   1193 C  CB  . ASP A 1 179 ? 11.144  8.353   7.492   1.00 52.78  ? 179 ASP A CB  1 
ATOM   1194 C  CG  . ASP A 1 179 ? 10.616  9.574   8.226   1.00 58.29  ? 179 ASP A CG  1 
ATOM   1195 O  OD1 . ASP A 1 179 ? 9.751   10.287  7.633   1.00 61.37  ? 179 ASP A OD1 1 
ATOM   1196 O  OD2 . ASP A 1 179 ? 11.050  9.812   9.389   1.00 63.62  ? 179 ASP A OD2 1 
ATOM   1197 N  N   . PHE A 1 180 ? 10.252  6.387   4.732   1.00 46.84  ? 180 PHE A N   1 
ATOM   1198 C  CA  . PHE A 1 180 ? 10.877  5.498   3.778   1.00 44.19  ? 180 PHE A CA  1 
ATOM   1199 C  C   . PHE A 1 180 ? 11.535  6.256   2.675   1.00 42.77  ? 180 PHE A C   1 
ATOM   1200 O  O   . PHE A 1 180 ? 11.238  7.433   2.499   1.00 43.07  ? 180 PHE A O   1 
ATOM   1201 C  CB  . PHE A 1 180 ? 9.851   4.506   3.225   1.00 43.16  ? 180 PHE A CB  1 
ATOM   1202 C  CG  . PHE A 1 180 ? 9.265   3.617   4.293   1.00 45.46  ? 180 PHE A CG  1 
ATOM   1203 C  CD1 . PHE A 1 180 ? 10.066  2.697   4.951   1.00 41.39  ? 180 PHE A CD1 1 
ATOM   1204 C  CD2 . PHE A 1 180 ? 7.914   3.738   4.670   1.00 43.31  ? 180 PHE A CD2 1 
ATOM   1205 C  CE1 . PHE A 1 180 ? 9.543   1.910   5.941   1.00 41.92  ? 180 PHE A CE1 1 
ATOM   1206 C  CE2 . PHE A 1 180 ? 7.382   2.922   5.650   1.00 42.88  ? 180 PHE A CE2 1 
ATOM   1207 C  CZ  . PHE A 1 180 ? 8.205   2.023   6.297   1.00 44.47  ? 180 PHE A CZ  1 
ATOM   1208 N  N   . LYS A 1 181 ? 12.441  5.589   1.943   1.00 40.88  ? 181 LYS A N   1 
ATOM   1209 C  CA  . LYS A 1 181 ? 13.087  6.213   0.767   1.00 41.04  ? 181 LYS A CA  1 
ATOM   1210 C  C   . LYS A 1 181 ? 12.071  6.737   -0.279  1.00 39.05  ? 181 LYS A C   1 
ATOM   1211 O  O   . LYS A 1 181 ? 11.004  6.176   -0.412  1.00 36.82  ? 181 LYS A O   1 
ATOM   1212 C  CB  . LYS A 1 181 ? 14.008  5.216   0.061   1.00 40.71  ? 181 LYS A CB  1 
ATOM   1213 C  CG  . LYS A 1 181 ? 15.219  4.696   0.909   1.00 46.61  ? 181 LYS A CG  1 
ATOM   1214 C  CD  . LYS A 1 181 ? 15.849  5.765   1.786   1.00 51.04  ? 181 LYS A CD  1 
ATOM   1215 C  CE  . LYS A 1 181 ? 17.240  5.316   2.366   1.00 58.75  ? 181 LYS A CE  1 
ATOM   1216 N  NZ  . LYS A 1 181 ? 17.121  4.663   3.733   1.00 61.33  ? 181 LYS A NZ  1 
ATOM   1217 N  N   . PRO A 1 182 ? 12.449  7.787   -1.033  1.00 38.40  ? 182 PRO A N   1 
ATOM   1218 C  CA  . PRO A 1 182 ? 11.665  8.214   -2.182  1.00 37.27  ? 182 PRO A CA  1 
ATOM   1219 C  C   . PRO A 1 182 ? 11.445  6.988   -3.051  1.00 36.29  ? 182 PRO A C   1 
ATOM   1220 O  O   . PRO A 1 182 ? 12.375  6.163   -3.228  1.00 36.40  ? 182 PRO A O   1 
ATOM   1221 C  CB  . PRO A 1 182 ? 12.563  9.240   -2.912  1.00 38.98  ? 182 PRO A CB  1 
ATOM   1222 C  CG  . PRO A 1 182 ? 13.504  9.788   -1.834  1.00 38.30  ? 182 PRO A CG  1 
ATOM   1223 C  CD  . PRO A 1 182 ? 13.601  8.675   -0.755  1.00 38.19  ? 182 PRO A CD  1 
ATOM   1224 N  N   . GLY A 1 183 ? 10.201  6.823   -3.520  1.00 32.89  ? 183 GLY A N   1 
ATOM   1225 C  CA  . GLY A 1 183 ? 9.825   5.751   -4.423  1.00 30.73  ? 183 GLY A CA  1 
ATOM   1226 C  C   . GLY A 1 183 ? 9.017   4.627   -3.800  1.00 31.25  ? 183 GLY A C   1 
ATOM   1227 O  O   . GLY A 1 183 ? 8.654   3.685   -4.494  1.00 32.06  ? 183 GLY A O   1 
ATOM   1228 N  N   . THR A 1 184 ? 8.805   4.690   -2.484  1.00 31.27  ? 184 THR A N   1 
ATOM   1229 C  CA  . THR A 1 184 ? 8.171   3.646   -1.735  1.00 30.68  ? 184 THR A CA  1 
ATOM   1230 C  C   . THR A 1 184 ? 6.611   3.800   -1.655  1.00 31.97  ? 184 THR A C   1 
ATOM   1231 O  O   . THR A 1 184 ? 5.882   2.845   -1.266  1.00 30.93  ? 184 THR A O   1 
ATOM   1232 C  CB  . THR A 1 184 ? 8.704   3.681   -0.312  1.00 31.89  ? 184 THR A CB  1 
ATOM   1233 O  OG1 . THR A 1 184 ? 10.156  3.816   -0.354  1.00 31.31  ? 184 THR A OG1 1 
ATOM   1234 C  CG2 . THR A 1 184 ? 8.307   2.397   0.449   1.00 27.62  ? 184 THR A CG2 1 
ATOM   1235 N  N   . SER A 1 185 ? 6.137   4.994   -1.975  1.00 29.90  ? 185 SER A N   1 
ATOM   1236 C  CA  . SER A 1 185 ? 4.732   5.319   -1.891  1.00 32.99  ? 185 SER A CA  1 
ATOM   1237 C  C   . SER A 1 185 ? 3.949   4.448   -2.830  1.00 31.92  ? 185 SER A C   1 
ATOM   1238 O  O   . SER A 1 185 ? 4.394   4.192   -3.962  1.00 31.01  ? 185 SER A O   1 
ATOM   1239 C  CB  . SER A 1 185 ? 4.463   6.795   -2.268  1.00 33.69  ? 185 SER A CB  1 
ATOM   1240 O  OG  . SER A 1 185 ? 3.149   7.063   -1.776  1.00 43.32  ? 185 SER A OG  1 
ATOM   1241 N  N   . GLY A 1 186 ? 2.796   3.973   -2.345  1.00 30.91  ? 186 GLY A N   1 
ATOM   1242 C  CA  . GLY A 1 186 ? 2.029   2.923   -2.985  1.00 31.05  ? 186 GLY A CA  1 
ATOM   1243 C  C   . GLY A 1 186 ? 2.294   1.587   -2.290  1.00 32.78  ? 186 GLY A C   1 
ATOM   1244 O  O   . GLY A 1 186 ? 1.644   0.575   -2.593  1.00 31.47  ? 186 GLY A O   1 
ATOM   1245 N  N   . SER A 1 187 ? 3.280   1.526   -1.383  1.00 30.66  ? 187 SER A N   1 
ATOM   1246 C  CA  . SER A 1 187 ? 3.415   0.248   -0.681  1.00 30.35  ? 187 SER A CA  1 
ATOM   1247 C  C   . SER A 1 187 ? 2.124   -0.030  0.165   1.00 31.22  ? 187 SER A C   1 
ATOM   1248 O  O   . SER A 1 187 ? 1.624   0.854   0.820   1.00 31.77  ? 187 SER A O   1 
ATOM   1249 C  CB  . SER A 1 187 ? 4.634   0.235   0.273   1.00 30.09  ? 187 SER A CB  1 
ATOM   1250 O  OG  . SER A 1 187 ? 5.835   0.573   -0.406  1.00 28.46  ? 187 SER A OG  1 
ATOM   1251 N  N   . PRO A 1 188 ? 1.681   -1.274  0.242   1.00 30.81  ? 188 PRO A N   1 
ATOM   1252 C  CA  . PRO A 1 188 ? 0.402   -1.530  0.902   1.00 33.43  ? 188 PRO A CA  1 
ATOM   1253 C  C   . PRO A 1 188 ? 0.528   -1.705  2.416   1.00 36.19  ? 188 PRO A C   1 
ATOM   1254 O  O   . PRO A 1 188 ? 1.616   -2.053  2.910   1.00 37.68  ? 188 PRO A O   1 
ATOM   1255 C  CB  . PRO A 1 188 ? -0.078  -2.821  0.264   1.00 32.96  ? 188 PRO A CB  1 
ATOM   1256 C  CG  . PRO A 1 188 ? 1.192   -3.562  -0.101  1.00 33.62  ? 188 PRO A CG  1 
ATOM   1257 C  CD  . PRO A 1 188 ? 2.216   -2.438  -0.451  1.00 30.17  ? 188 PRO A CD  1 
ATOM   1258 N  N   . ILE A 1 189 ? -0.560  -1.372  3.113   1.00 37.05  ? 189 ILE A N   1 
ATOM   1259 C  CA  . ILE A 1 189 ? -0.695  -1.409  4.566   1.00 38.25  ? 189 ILE A CA  1 
ATOM   1260 C  C   . ILE A 1 189 ? -1.758  -2.462  4.860   1.00 39.47  ? 189 ILE A C   1 
ATOM   1261 O  O   . ILE A 1 189 ? -2.878  -2.378  4.317   1.00 39.34  ? 189 ILE A O   1 
ATOM   1262 C  CB  . ILE A 1 189 ? -1.212  -0.045  5.092   1.00 38.38  ? 189 ILE A CB  1 
ATOM   1263 C  CG1 . ILE A 1 189 ? -0.371  1.086   4.472   1.00 37.42  ? 189 ILE A CG1 1 
ATOM   1264 C  CG2 . ILE A 1 189 ? -1.206  -0.025  6.679   1.00 34.78  ? 189 ILE A CG2 1 
ATOM   1265 C  CD1 . ILE A 1 189 ? -0.839  2.456   4.726   1.00 37.40  ? 189 ILE A CD1 1 
ATOM   1266 N  N   . VAL A 1 190 ? -1.370  -3.524  5.569   1.00 39.87  ? 190 VAL A N   1 
ATOM   1267 C  CA  . VAL A 1 190 ? -2.243  -4.674  5.791   1.00 40.63  ? 190 VAL A CA  1 
ATOM   1268 C  C   . VAL A 1 190 ? -2.611  -4.814  7.243   1.00 42.06  ? 190 VAL A C   1 
ATOM   1269 O  O   . VAL A 1 190 ? -1.858  -4.422  8.125   1.00 42.89  ? 190 VAL A O   1 
ATOM   1270 C  CB  . VAL A 1 190 ? -1.591  -5.971  5.371   1.00 41.99  ? 190 VAL A CB  1 
ATOM   1271 C  CG1 . VAL A 1 190 ? -1.470  -6.046  3.807   1.00 41.61  ? 190 VAL A CG1 1 
ATOM   1272 C  CG2 . VAL A 1 190 ? -0.253  -6.174  6.104   1.00 39.68  ? 190 VAL A CG2 1 
ATOM   1273 N  N   . ASN A 1 191 ? -3.782  -5.372  7.516   1.00 43.64  ? 191 ASN A N   1 
ATOM   1274 C  CA  . ASN A 1 191 ? -4.149  -5.651  8.913   1.00 44.14  ? 191 ASN A CA  1 
ATOM   1275 C  C   . ASN A 1 191 ? -3.750  -7.069  9.266   1.00 45.31  ? 191 ASN A C   1 
ATOM   1276 O  O   . ASN A 1 191 ? -3.249  -7.784  8.417   1.00 43.75  ? 191 ASN A O   1 
ATOM   1277 C  CB  . ASN A 1 191 ? -5.649  -5.400  9.189   1.00 43.10  ? 191 ASN A CB  1 
ATOM   1278 C  CG  . ASN A 1 191 ? -6.587  -6.223  8.285   1.00 41.39  ? 191 ASN A CG  1 
ATOM   1279 O  OD1 . ASN A 1 191 ? -6.223  -7.248  7.700   1.00 38.53  ? 191 ASN A OD1 1 
ATOM   1280 N  ND2 . ASN A 1 191 ? -7.832  -5.758  8.193   1.00 41.25  ? 191 ASN A ND2 1 
ATOM   1281 N  N   . ARG A 1 192 ? -3.958  -7.457  10.536  1.00 49.55  ? 192 ARG A N   1 
ATOM   1282 C  CA  . ARG A 1 192 ? -3.685  -8.826  11.057  1.00 52.40  ? 192 ARG A CA  1 
ATOM   1283 C  C   . ARG A 1 192 ? -4.273  -9.983  10.209  1.00 53.66  ? 192 ARG A C   1 
ATOM   1284 O  O   . ARG A 1 192 ? -3.683  -11.059 10.125  1.00 54.60  ? 192 ARG A O   1 
ATOM   1285 C  CB  . ARG A 1 192 ? -4.103  -8.891  12.532  1.00 53.76  ? 192 ARG A CB  1 
ATOM   1286 C  CG  . ARG A 1 192 ? -4.197  -10.259 13.205  1.00 58.92  ? 192 ARG A CG  1 
ATOM   1287 C  CD  . ARG A 1 192 ? -2.911  -11.071 13.111  1.00 68.11  ? 192 ARG A CD  1 
ATOM   1288 N  NE  . ARG A 1 192 ? -2.188  -11.227 14.374  1.00 72.36  ? 192 ARG A NE  1 
ATOM   1289 C  CZ  . ARG A 1 192 ? -1.348  -12.240 14.605  1.00 75.94  ? 192 ARG A CZ  1 
ATOM   1290 N  NH1 . ARG A 1 192 ? -1.176  -13.162 13.646  1.00 74.48  ? 192 ARG A NH1 1 
ATOM   1291 N  NH2 . ARG A 1 192 ? -0.692  -12.342 15.778  1.00 75.10  ? 192 ARG A NH2 1 
ATOM   1292 N  N   . GLU A 1 193 ? -5.403  -9.753  9.536   1.00 54.97  ? 193 GLU A N   1 
ATOM   1293 C  CA  . GLU A 1 193 ? -5.972  -10.741 8.598   1.00 55.29  ? 193 GLU A CA  1 
ATOM   1294 C  C   . GLU A 1 193 ? -5.265  -10.788 7.237   1.00 54.53  ? 193 GLU A C   1 
ATOM   1295 O  O   . GLU A 1 193 ? -5.601  -11.584 6.377   1.00 55.21  ? 193 GLU A O   1 
ATOM   1296 C  CB  . GLU A 1 193 ? -7.465  -10.463 8.403   1.00 56.49  ? 193 GLU A CB  1 
ATOM   1297 C  CG  . GLU A 1 193 ? -8.263  -10.298 9.727   1.00 61.44  ? 193 GLU A CG  1 
ATOM   1298 C  CD  . GLU A 1 193 ? -8.603  -8.838  10.098  1.00 68.95  ? 193 GLU A CD  1 
ATOM   1299 O  OE1 . GLU A 1 193 ? -9.584  -8.273  9.536   1.00 71.76  ? 193 GLU A OE1 1 
ATOM   1300 O  OE2 . GLU A 1 193 ? -7.912  -8.257  10.987  1.00 71.10  ? 193 GLU A OE2 1 
ATOM   1301 N  N   . GLY A 1 194 ? -4.288  -9.926  7.019   1.00 53.28  ? 194 GLY A N   1 
ATOM   1302 C  CA  . GLY A 1 194 ? -3.628  -9.893  5.727   1.00 51.64  ? 194 GLY A CA  1 
ATOM   1303 C  C   . GLY A 1 194 ? -4.434  -9.148  4.649   1.00 50.26  ? 194 GLY A C   1 
ATOM   1304 O  O   . GLY A 1 194 ? -4.118  -9.252  3.448   1.00 50.58  ? 194 GLY A O   1 
ATOM   1305 N  N   . LYS A 1 195 ? -5.450  -8.393  5.060   1.00 47.38  ? 195 LYS A N   1 
ATOM   1306 C  CA  . LYS A 1 195 ? -6.198  -7.603  4.109   1.00 46.59  ? 195 LYS A CA  1 
ATOM   1307 C  C   . LYS A 1 195 ? -5.638  -6.192  4.036   1.00 44.11  ? 195 LYS A C   1 
ATOM   1308 O  O   . LYS A 1 195 ? -5.242  -5.603  5.038   1.00 44.30  ? 195 LYS A O   1 
ATOM   1309 C  CB  . LYS A 1 195 ? -7.728  -7.571  4.394   1.00 46.80  ? 195 LYS A CB  1 
ATOM   1310 C  CG  . LYS A 1 195 ? -8.406  -8.968  4.539   1.00 52.25  ? 195 LYS A CG  1 
ATOM   1311 C  CD  . LYS A 1 195 ? -8.256  -9.825  3.239   1.00 61.55  ? 195 LYS A CD  1 
ATOM   1312 C  CE  . LYS A 1 195 ? -8.443  -11.325 3.524   1.00 65.13  ? 195 LYS A CE  1 
ATOM   1313 N  NZ  . LYS A 1 195 ? -7.694  -12.150 2.518   1.00 68.40  ? 195 LYS A NZ  1 
ATOM   1314 N  N   . ILE A 1 196 ? -5.657  -5.633  2.840   1.00 41.70  ? 196 ILE A N   1 
ATOM   1315 C  CA  . ILE A 1 196 ? -5.130  -4.297  2.643   1.00 39.50  ? 196 ILE A CA  1 
ATOM   1316 C  C   . ILE A 1 196 ? -6.064  -3.206  3.129   1.00 38.60  ? 196 ILE A C   1 
ATOM   1317 O  O   . ILE A 1 196 ? -7.165  -3.056  2.623   1.00 39.66  ? 196 ILE A O   1 
ATOM   1318 C  CB  . ILE A 1 196 ? -4.722  -4.114  1.156   1.00 39.25  ? 196 ILE A CB  1 
ATOM   1319 C  CG1 . ILE A 1 196 ? -3.605  -5.129  0.853   1.00 40.07  ? 196 ILE A CG1 1 
ATOM   1320 C  CG2 . ILE A 1 196 ? -4.372  -2.663  0.889   1.00 36.11  ? 196 ILE A CG2 1 
ATOM   1321 C  CD1 . ILE A 1 196 ? -3.164  -5.254  -0.621  1.00 41.88  ? 196 ILE A CD1 1 
ATOM   1322 N  N   . VAL A 1 197 ? -5.636  -2.423  4.099   1.00 37.81  ? 197 VAL A N   1 
ATOM   1323 C  CA  . VAL A 1 197 ? -6.462  -1.308  4.593   1.00 37.77  ? 197 VAL A CA  1 
ATOM   1324 C  C   . VAL A 1 197 ? -6.208  0.032   3.888   1.00 39.00  ? 197 VAL A C   1 
ATOM   1325 O  O   . VAL A 1 197 ? -6.909  1.025   4.136   1.00 39.20  ? 197 VAL A O   1 
ATOM   1326 C  CB  . VAL A 1 197 ? -6.337  -1.126  6.135   1.00 38.41  ? 197 VAL A CB  1 
ATOM   1327 C  CG1 . VAL A 1 197 ? -6.906  -2.368  6.869   1.00 37.95  ? 197 VAL A CG1 1 
ATOM   1328 C  CG2 . VAL A 1 197 ? -4.874  -0.876  6.561   1.00 36.09  ? 197 VAL A CG2 1 
ATOM   1329 N  N   . GLY A 1 198 ? -5.205  0.060   2.992   1.00 39.35  ? 198 GLY A N   1 
ATOM   1330 C  CA  . GLY A 1 198 ? -4.847  1.279   2.258   1.00 38.06  ? 198 GLY A CA  1 
ATOM   1331 C  C   . GLY A 1 198 ? -3.403  1.228   1.731   1.00 36.91  ? 198 GLY A C   1 
ATOM   1332 O  O   . GLY A 1 198 ? -2.710  0.250   1.879   1.00 36.70  ? 198 GLY A O   1 
ATOM   1333 N  N   . LEU A 1 199 ? -2.971  2.317   1.131   1.00 34.97  ? 199 LEU A N   1 
ATOM   1334 C  CA  . LEU A 1 199 ? -1.681  2.381   0.560   1.00 34.11  ? 199 LEU A CA  1 
ATOM   1335 C  C   . LEU A 1 199 ? -0.934  3.512   1.270   1.00 34.48  ? 199 LEU A C   1 
ATOM   1336 O  O   . LEU A 1 199 ? -1.502  4.550   1.626   1.00 33.04  ? 199 LEU A O   1 
ATOM   1337 C  CB  . LEU A 1 199 ? -1.783  2.603   -0.968  1.00 32.71  ? 199 LEU A CB  1 
ATOM   1338 C  CG  . LEU A 1 199 ? -2.324  1.489   -1.866  1.00 30.27  ? 199 LEU A CG  1 
ATOM   1339 C  CD1 . LEU A 1 199 ? -2.218  1.816   -3.386  1.00 31.43  ? 199 LEU A CD1 1 
ATOM   1340 C  CD2 . LEU A 1 199 ? -1.766  0.117   -1.604  1.00 31.91  ? 199 LEU A CD2 1 
ATOM   1341 N  N   . TYR A 1 200 ? 0.355   3.288   1.459   1.00 34.51  ? 200 TYR A N   1 
ATOM   1342 C  CA  . TYR A 1 200 ? 1.214   4.197   2.182   1.00 36.18  ? 200 TYR A CA  1 
ATOM   1343 C  C   . TYR A 1 200 ? 1.408   5.462   1.339   1.00 37.89  ? 200 TYR A C   1 
ATOM   1344 O  O   . TYR A 1 200 ? 1.979   5.459   0.260   1.00 36.57  ? 200 TYR A O   1 
ATOM   1345 C  CB  . TYR A 1 200 ? 2.542   3.495   2.482   1.00 35.92  ? 200 TYR A CB  1 
ATOM   1346 C  CG  . TYR A 1 200 ? 3.583   4.438   3.029   1.00 39.09  ? 200 TYR A CG  1 
ATOM   1347 C  CD1 . TYR A 1 200 ? 3.519   4.842   4.380   1.00 41.66  ? 200 TYR A CD1 1 
ATOM   1348 C  CD2 . TYR A 1 200 ? 4.634   4.908   2.229   1.00 39.33  ? 200 TYR A CD2 1 
ATOM   1349 C  CE1 . TYR A 1 200 ? 4.421   5.700   4.913   1.00 43.07  ? 200 TYR A CE1 1 
ATOM   1350 C  CE2 . TYR A 1 200 ? 5.603   5.785   2.769   1.00 42.50  ? 200 TYR A CE2 1 
ATOM   1351 C  CZ  . TYR A 1 200 ? 5.454   6.192   4.107   1.00 44.14  ? 200 TYR A CZ  1 
ATOM   1352 O  OH  . TYR A 1 200 ? 6.346   7.041   4.719   1.00 50.67  ? 200 TYR A OH  1 
ATOM   1353 N  N   . GLY A 1 201 ? 0.897   6.551   1.852   1.00 41.93  ? 201 GLY A N   1 
ATOM   1354 C  CA  . GLY A 1 201 ? 0.628   7.730   1.020   1.00 45.90  ? 201 GLY A CA  1 
ATOM   1355 C  C   . GLY A 1 201 ? 1.818   8.643   1.057   1.00 47.71  ? 201 GLY A C   1 
ATOM   1356 O  O   . GLY A 1 201 ? 2.846   8.279   1.642   1.00 47.99  ? 201 GLY A O   1 
ATOM   1357 N  N   . ASN A 1 202 ? 1.677   9.772   0.372   1.00 50.04  ? 202 ASN A N   1 
ATOM   1358 C  CA  . ASN A 1 202 ? 2.472   10.982  0.570   1.00 53.86  ? 202 ASN A CA  1 
ATOM   1359 C  C   . ASN A 1 202 ? 2.024   11.686  1.868   1.00 54.72  ? 202 ASN A C   1 
ATOM   1360 O  O   . ASN A 1 202 ? 0.869   11.607  2.314   1.00 54.54  ? 202 ASN A O   1 
ATOM   1361 C  CB  . ASN A 1 202 ? 2.227   11.966  -0.587  1.00 54.32  ? 202 ASN A CB  1 
ATOM   1362 C  CG  . ASN A 1 202 ? 3.435   12.152  -1.504  1.00 58.62  ? 202 ASN A CG  1 
ATOM   1363 O  OD1 . ASN A 1 202 ? 4.548   11.587  -1.316  1.00 60.48  ? 202 ASN A OD1 1 
ATOM   1364 N  ND2 . ASN A 1 202 ? 3.232   12.994  -2.500  1.00 60.79  ? 202 ASN A ND2 1 
ATOM   1365 N  N   . GLY A 1 203 ? 2.944   12.395  2.486   1.00 57.06  ? 203 GLY A N   1 
ATOM   1366 C  CA  . GLY A 1 203 ? 2.594   12.954  3.783   1.00 57.16  ? 203 GLY A CA  1 
ATOM   1367 C  C   . GLY A 1 203 ? 2.481   14.440  3.773   1.00 56.72  ? 203 GLY A C   1 
ATOM   1368 O  O   . GLY A 1 203 ? 2.855   15.093  2.806   1.00 57.49  ? 203 GLY A O   1 
ATOM   1369 N  N   . VAL A 1 204 ? 1.910   14.960  4.842   1.00 56.41  ? 204 VAL A N   1 
ATOM   1370 C  CA  . VAL A 1 204 ? 2.114   16.342  5.210   1.00 55.59  ? 204 VAL A CA  1 
ATOM   1371 C  C   . VAL A 1 204 ? 3.140   16.261  6.287   1.00 54.52  ? 204 VAL A C   1 
ATOM   1372 O  O   . VAL A 1 204 ? 3.494   15.149  6.750   1.00 54.42  ? 204 VAL A O   1 
ATOM   1373 C  CB  . VAL A 1 204 ? 0.821   17.035  5.767   1.00 56.12  ? 204 VAL A CB  1 
ATOM   1374 C  CG1 . VAL A 1 204 ? -0.286  17.043  4.725   1.00 55.38  ? 204 VAL A CG1 1 
ATOM   1375 C  CG2 . VAL A 1 204 ? 0.356   16.376  7.087   1.00 57.23  ? 204 VAL A CG2 1 
ATOM   1376 N  N   . VAL A 1 205 ? 3.600   17.439  6.716   1.00 52.61  ? 205 VAL A N   1 
ATOM   1377 C  CA  . VAL A 1 205 ? 4.660   17.532  7.701   1.00 49.54  ? 205 VAL A CA  1 
ATOM   1378 C  C   . VAL A 1 205 ? 4.317   18.648  8.646   1.00 52.40  ? 205 VAL A C   1 
ATOM   1379 C  CB  . VAL A 1 205 ? 6.001   17.852  7.022   1.00 47.83  ? 205 VAL A CB  1 
ATOM   1380 C  CG1 . VAL A 1 205 ? 7.154   18.079  8.102   1.00 40.26  ? 205 VAL A CG1 1 
ATOM   1381 C  CG2 . VAL A 1 205 ? 6.409   16.628  6.096   1.00 43.40  ? 205 VAL A CG2 1 
ATOM   1382 N  N   . THR A 1 210 ? 7.469   15.935  12.104  1.00 61.95  ? 210 THR A N   1 
ATOM   1383 C  CA  . THR A 1 210 ? 6.002   15.566  12.143  1.00 62.02  ? 210 THR A CA  1 
ATOM   1384 C  C   . THR A 1 210 ? 5.477   15.121  10.735  1.00 60.77  ? 210 THR A C   1 
ATOM   1385 O  O   . THR A 1 210 ? 4.341   15.445  10.315  1.00 60.25  ? 210 THR A O   1 
ATOM   1386 C  CB  . THR A 1 210 ? 5.092   16.647  12.937  1.00 62.35  ? 210 THR A CB  1 
ATOM   1387 O  OG1 . THR A 1 210 ? 3.690   16.434  12.701  1.00 64.11  ? 210 THR A OG1 1 
ATOM   1388 C  CG2 . THR A 1 210 ? 5.432   18.091  12.589  1.00 63.10  ? 210 THR A CG2 1 
ATOM   1389 N  N   . TYR A 1 211 ? 6.315   14.331  10.055  1.00 58.81  ? 211 TYR A N   1 
ATOM   1390 C  CA  . TYR A 1 211 ? 5.951   13.709  8.782   1.00 57.98  ? 211 TYR A CA  1 
ATOM   1391 C  C   . TYR A 1 211 ? 5.008   12.537  8.946   1.00 55.95  ? 211 TYR A C   1 
ATOM   1392 O  O   . TYR A 1 211 ? 5.433   11.431  9.291   1.00 58.25  ? 211 TYR A O   1 
ATOM   1393 C  CB  . TYR A 1 211 ? 7.195   13.252  7.968   1.00 57.88  ? 211 TYR A CB  1 
ATOM   1394 N  N   . VAL A 1 212 ? 3.746   12.747  8.619   1.00 53.01  ? 212 VAL A N   1 
ATOM   1395 C  CA  . VAL A 1 212 ? 2.807   11.653  8.629   1.00 50.50  ? 212 VAL A CA  1 
ATOM   1396 C  C   . VAL A 1 212 ? 2.220   11.395  7.220   1.00 49.48  ? 212 VAL A C   1 
ATOM   1397 O  O   . VAL A 1 212 ? 1.863   12.336  6.494   1.00 47.91  ? 212 VAL A O   1 
ATOM   1398 C  CB  . VAL A 1 212 ? 1.667   11.940  9.631   1.00 50.87  ? 212 VAL A CB  1 
ATOM   1399 C  CG1 . VAL A 1 212 ? 2.168   11.827  11.124  1.00 50.18  ? 212 VAL A CG1 1 
ATOM   1400 C  CG2 . VAL A 1 212 ? 1.121   13.291  9.376   1.00 50.12  ? 212 VAL A CG2 1 
ATOM   1401 N  N   . SER A 1 213 ? 2.064   10.123  6.863   1.00 46.88  ? 213 SER A N   1 
ATOM   1402 C  CA  . SER A 1 213 ? 1.356   9.783   5.646   1.00 45.51  ? 213 SER A CA  1 
ATOM   1403 C  C   . SER A 1 213 ? -0.034  9.216   6.002   1.00 44.69  ? 213 SER A C   1 
ATOM   1404 O  O   . SER A 1 213 ? -0.170  8.420   6.950   1.00 43.58  ? 213 SER A O   1 
ATOM   1405 C  CB  . SER A 1 213 ? 2.122   8.726   4.881   1.00 45.60  ? 213 SER A CB  1 
ATOM   1406 O  OG  . SER A 1 213 ? 1.160   7.900   4.200   1.00 48.39  ? 213 SER A OG  1 
ATOM   1407 N  N   . ALA A 1 214 ? -1.031  9.625   5.233   1.00 42.68  ? 214 ALA A N   1 
ATOM   1408 C  CA  . ALA A 1 214 ? -2.360  9.066   5.285   1.00 42.50  ? 214 ALA A CA  1 
ATOM   1409 C  C   . ALA A 1 214 ? -2.340  7.623   4.936   1.00 42.93  ? 214 ALA A C   1 
ATOM   1410 O  O   . ALA A 1 214 ? -1.505  7.162   4.156   1.00 44.68  ? 214 ALA A O   1 
ATOM   1411 C  CB  . ALA A 1 214 ? -3.315  9.840   4.328   1.00 42.98  ? 214 ALA A CB  1 
ATOM   1412 N  N   . ILE A 1 215 ? -3.200  6.869   5.603   1.00 43.01  ? 215 ILE A N   1 
ATOM   1413 C  CA  . ILE A 1 215 ? -3.585  5.563   5.137   1.00 42.07  ? 215 ILE A CA  1 
ATOM   1414 C  C   . ILE A 1 215 ? -4.585  5.722   3.981   1.00 41.42  ? 215 ILE A C   1 
ATOM   1415 O  O   . ILE A 1 215 ? -5.782  5.866   4.181   1.00 41.82  ? 215 ILE A O   1 
ATOM   1416 C  CB  . ILE A 1 215 ? -4.187  4.705   6.283   1.00 41.89  ? 215 ILE A CB  1 
ATOM   1417 C  CG1 . ILE A 1 215 ? -3.080  4.210   7.208   1.00 41.70  ? 215 ILE A CG1 1 
ATOM   1418 C  CG2 . ILE A 1 215 ? -4.780  3.416   5.726   1.00 39.17  ? 215 ILE A CG2 1 
ATOM   1419 C  CD1 . ILE A 1 215 ? -3.601  3.541   8.508   1.00 39.34  ? 215 ILE A CD1 1 
ATOM   1420 N  N   . ALA A 1 216 ? -4.100  5.685   2.759   1.00 40.39  ? 216 ALA A N   1 
ATOM   1421 C  CA  . ALA A 1 216 ? -4.919  6.104   1.642   1.00 38.38  ? 216 ALA A CA  1 
ATOM   1422 C  C   . ALA A 1 216 ? -5.772  4.953   1.174   1.00 38.53  ? 216 ALA A C   1 
ATOM   1423 O  O   . ALA A 1 216 ? -5.247  4.006   0.607   1.00 39.02  ? 216 ALA A O   1 
ATOM   1424 C  CB  . ALA A 1 216 ? -4.029  6.628   0.532   1.00 39.12  ? 216 ALA A CB  1 
ATOM   1425 N  N   . GLN A 1 217 ? -7.093  5.048   1.381   1.00 37.58  ? 217 GLN A N   1 
ATOM   1426 C  CA  . GLN A 1 217 ? -8.059  3.958   1.036   1.00 37.90  ? 217 GLN A CA  1 
ATOM   1427 C  C   . GLN A 1 217 ? -9.334  4.545   0.395   1.00 36.91  ? 217 GLN A C   1 
ATOM   1428 O  O   . GLN A 1 217 ? -9.681  5.742   0.569   1.00 39.12  ? 217 GLN A O   1 
ATOM   1429 C  CB  . GLN A 1 217 ? -8.407  3.090   2.265   1.00 37.04  ? 217 GLN A CB  1 
ATOM   1430 C  CG  . GLN A 1 217 ? -9.301  1.840   2.007   1.00 37.88  ? 217 GLN A CG  1 
ATOM   1431 C  CD  . GLN A 1 217 ? -8.587  0.667   1.336   1.00 40.44  ? 217 GLN A CD  1 
ATOM   1432 O  OE1 . GLN A 1 217 ? -8.066  0.761   0.220   1.00 42.73  ? 217 GLN A OE1 1 
ATOM   1433 N  NE2 . GLN A 1 217 ? -8.627  -0.469  1.988   1.00 42.16  ? 217 GLN A NE2 1 
ATOM   1434 N  N   . ALA A 1 218 ? -9.940  3.730   -0.423  1.00 37.05  ? 218 ALA A N   1 
ATOM   1435 C  CA  . ALA A 1 218 ? -11.201 4.018   -1.112  1.00 39.14  ? 218 ALA A CA  1 
ATOM   1436 C  C   . ALA A 1 218 ? -12.077 2.790   -0.843  1.00 41.15  ? 218 ALA A C   1 
ATOM   1437 O  O   . ALA A 1 218 ? -11.570 1.690   -0.581  1.00 39.45  ? 218 ALA A O   1 
ATOM   1438 C  CB  . ALA A 1 218 ? -11.005 4.166   -2.641  1.00 37.44  ? 218 ALA A CB  1 
ATOM   1439 N  N   . LYS A 1 219 ? -13.377 2.991   -1.003  1.00 44.69  ? 219 LYS A N   1 
ATOM   1440 C  CA  . LYS A 1 219 ? -14.365 1.922   -0.960  1.00 47.43  ? 219 LYS A CA  1 
ATOM   1441 C  C   . LYS A 1 219 ? -14.179 1.092   -2.209  1.00 47.22  ? 219 LYS A C   1 
ATOM   1442 O  O   . LYS A 1 219 ? -13.942 1.650   -3.306  1.00 48.02  ? 219 LYS A O   1 
ATOM   1443 C  CB  . LYS A 1 219 ? -15.758 2.588   -0.936  1.00 48.63  ? 219 LYS A CB  1 
ATOM   1444 C  CG  . LYS A 1 219 ? -16.990 1.681   -1.065  1.00 54.29  ? 219 LYS A CG  1 
ATOM   1445 C  CD  . LYS A 1 219 ? -18.302 2.553   -1.106  1.00 61.81  ? 219 LYS A CD  1 
ATOM   1446 C  CE  . LYS A 1 219 ? -19.582 1.704   -0.836  1.00 65.91  ? 219 LYS A CE  1 
ATOM   1447 N  NZ  . LYS A 1 219 ? -19.722 0.508   -1.758  1.00 67.97  ? 219 LYS A NZ  1 
ATOM   1448 N  N   . ALA A 1 220 ? -14.304 -0.220  -2.074  1.00 47.39  ? 220 ALA A N   1 
ATOM   1449 C  CA  . ALA A 1 220 ? -14.295 -1.154  -3.237  1.00 48.89  ? 220 ALA A CA  1 
ATOM   1450 C  C   . ALA A 1 220 ? -15.442 -0.968  -4.229  1.00 50.81  ? 220 ALA A C   1 
ATOM   1451 O  O   . ALA A 1 220 ? -16.458 -0.448  -3.845  1.00 51.15  ? 220 ALA A O   1 
ATOM   1452 C  CB  . ALA A 1 220 ? -14.274 -2.555  -2.763  1.00 48.20  ? 220 ALA A CB  1 
ATOM   1453 N  N   . SER A 1 221 ? -15.281 -1.405  -5.493  1.00 52.58  ? 221 SER A N   1 
ATOM   1454 C  CA  . SER A 1 221 ? -16.235 -1.067  -6.559  1.00 55.56  ? 221 SER A CA  1 
ATOM   1455 C  C   . SER A 1 221 ? -17.314 -2.156  -6.916  1.00 56.72  ? 221 SER A C   1 
ATOM   1456 O  O   . SER A 1 221 ? -17.195 -3.347  -6.539  1.00 57.00  ? 221 SER A O   1 
ATOM   1457 C  CB  . SER A 1 221 ? -15.469 -0.652  -7.817  1.00 55.77  ? 221 SER A CB  1 
ATOM   1458 O  OG  . SER A 1 221 ? -14.717 -1.766  -8.327  1.00 56.97  ? 221 SER A OG  1 
ATOM   1459 N  N   . GLN A 1 222 ? -18.364 -1.745  -7.635  1.00 57.95  ? 222 GLN A N   1 
ATOM   1460 C  CA  . GLN A 1 222 ? -19.469 -2.680  -8.029  1.00 58.46  ? 222 GLN A CA  1 
ATOM   1461 C  C   . GLN A 1 222 ? -20.029 -2.459  -9.442  1.00 57.02  ? 222 GLN A C   1 
ATOM   1462 O  O   . GLN A 1 222 ? -19.903 -1.350  -10.008 1.00 57.35  ? 222 GLN A O   1 
ATOM   1463 C  CB  . GLN A 1 222 ? -20.625 -2.652  -6.998  1.00 60.05  ? 222 GLN A CB  1 
ATOM   1464 C  CG  . GLN A 1 222 ? -20.927 -1.283  -6.332  1.00 64.21  ? 222 GLN A CG  1 
ATOM   1465 C  CD  . GLN A 1 222 ? -21.856 -1.447  -5.112  1.00 71.66  ? 222 GLN A CD  1 
ATOM   1466 O  OE1 . GLN A 1 222 ? -21.410 -1.357  -3.943  1.00 73.28  ? 222 GLN A OE1 1 
ATOM   1467 N  NE2 . GLN A 1 222 ? -23.141 -1.758  -5.377  1.00 71.52  ? 222 GLN A NE2 1 
ATOM   1468 N  N   . GLU A 1 223 ? -20.610 -3.535  -10.019 1.00 54.96  ? 223 GLU A N   1 
ATOM   1469 C  CA  . GLU A 1 223 ? -21.516 -3.473  -11.185 1.00 51.79  ? 223 GLU A CA  1 
ATOM   1470 C  C   . GLU A 1 223 ? -22.729 -2.568  -10.900 1.00 53.43  ? 223 GLU A C   1 
ATOM   1471 C  CB  . GLU A 1 223 ? -22.014 -4.891  -11.549 1.00 47.52  ? 223 GLU A CB  1 
HETATM 1472 NI NI  . NI  B 2 .   ? 9.336   1.002   20.395  0.50 57.16  ? 301 NI  A NI  1 
HETATM 1473 NI NI  . NI  C 2 .   ? 5.941   9.723   -3.780  0.74 60.61  ? 302 NI  A NI  1 
HETATM 1474 NI NI  . NI  D 2 .   ? 3.049   10.665  -26.435 1.00 138.74 ? 303 NI  A NI  1 
HETATM 1475 CD CD  . CD  E 3 .   ? 4.126   -2.107  17.988  1.00 47.52  ? 304 CD  A CD  1 
HETATM 1476 S  S   . SO4 F 4 .   ? 9.278   -9.748  4.379   0.50 64.84  ? 305 SO4 A S   1 
HETATM 1477 O  O1  . SO4 F 4 .   ? 10.541  -9.837  3.632   0.50 63.95  ? 305 SO4 A O1  1 
HETATM 1478 O  O2  . SO4 F 4 .   ? 9.535   -9.086  5.673   0.50 58.86  ? 305 SO4 A O2  1 
HETATM 1479 O  O3  . SO4 F 4 .   ? 8.291   -8.956  3.606   0.50 59.47  ? 305 SO4 A O3  1 
HETATM 1480 O  O4  . SO4 F 4 .   ? 8.801   -11.129 4.525   0.50 63.18  ? 305 SO4 A O4  1 
HETATM 1481 O  O   . HOH G 5 .   ? -12.467 -0.063  3.001   1.00 58.02  ? 401 HOH A O   1 
HETATM 1482 O  O   . HOH G 5 .   ? 11.974  -2.374  1.342   1.00 31.92  ? 402 HOH A O   1 
HETATM 1483 O  O   . HOH G 5 .   ? 2.744   5.109   12.856  1.00 52.58  ? 403 HOH A O   1 
HETATM 1484 O  O   . HOH G 5 .   ? 14.444  -0.690  -7.372  1.00 44.02  ? 404 HOH A O   1 
HETATM 1485 O  O   . HOH G 5 .   ? -7.168  -6.909  0.783   1.00 50.99  ? 405 HOH A O   1 
HETATM 1486 O  O   . HOH G 5 .   ? -1.752  -14.769 -12.703 1.00 50.81  ? 406 HOH A O   1 
HETATM 1487 O  O   . HOH G 5 .   ? -8.586  -3.830  9.863   1.00 43.71  ? 407 HOH A O   1 
HETATM 1488 O  O   . HOH G 5 .   ? 15.461  3.994   -8.020  1.00 46.75  ? 408 HOH A O   1 
HETATM 1489 O  O   . HOH G 5 .   ? 7.848   -9.032  -13.098 1.00 50.89  ? 409 HOH A O   1 
HETATM 1490 O  O   . HOH G 5 .   ? 3.921   13.438  -8.577  1.00 27.84  ? 410 HOH A O   1 
HETATM 1491 O  O   . HOH G 5 .   ? -14.510 5.387   -1.961  1.00 50.04  ? 411 HOH A O   1 
HETATM 1492 O  O   . HOH G 5 .   ? -4.355  -10.000 -9.748  1.00 45.74  ? 412 HOH A O   1 
HETATM 1493 O  O   . HOH G 5 .   ? -11.476 -6.028  -13.755 1.00 59.00  ? 413 HOH A O   1 
HETATM 1494 O  O   . HOH G 5 .   ? -0.262  -10.871 -2.883  1.00 45.76  ? 414 HOH A O   1 
HETATM 1495 O  O   . HOH G 5 .   ? 7.797   7.975   -2.036  1.00 42.10  ? 415 HOH A O   1 
HETATM 1496 O  O   . HOH G 5 .   ? 4.898   -0.343  16.203  1.00 39.11  ? 416 HOH A O   1 
HETATM 1497 O  O   . HOH G 5 .   ? 6.539   -4.886  -20.243 1.00 57.45  ? 417 HOH A O   1 
HETATM 1498 O  O   . HOH G 5 .   ? -6.332  -11.856 -6.212  1.00 47.07  ? 419 HOH A O   1 
HETATM 1499 O  O   . HOH G 5 .   ? 13.925  1.721   5.774   1.00 53.86  ? 421 HOH A O   1 
HETATM 1500 O  O   . HOH G 5 .   ? -4.673  -5.720  12.263  1.00 49.10  ? 423 HOH A O   1 
HETATM 1501 O  O   . HOH G 5 .   ? -9.243  -14.482 24.581  1.00 62.93  ? 424 HOH A O   1 
HETATM 1502 O  O   . HOH G 5 .   ? 4.005   5.546   -19.599 1.00 59.85  ? 425 HOH A O   1 
HETATM 1503 O  O   . HOH G 5 .   ? -13.147 2.373   -7.964  1.00 47.33  ? 427 HOH A O   1 
HETATM 1504 O  O   . HOH G 5 .   ? -15.322 -12.099 39.579  1.00 74.71  ? 428 HOH A O   1 
HETATM 1505 O  O   . HOH G 5 .   ? -10.227 3.987   9.264   1.00 54.90  ? 429 HOH A O   1 
HETATM 1506 O  O   . HOH G 5 .   ? -0.581  10.554  -0.517  1.00 46.77  ? 430 HOH A O   1 
HETATM 1507 O  O   . HOH G 5 .   ? -18.166 -2.940  -2.806  1.00 67.79  ? 431 HOH A O   1 
HETATM 1508 O  O   . HOH G 5 .   ? -2.589  15.514  -14.966 1.00 50.51  ? 432 HOH A O   1 
HETATM 1509 O  O   . HOH G 5 .   ? -2.170  -16.185 -19.559 1.00 55.66  ? 433 HOH A O   1 
HETATM 1510 O  O   . HOH G 5 .   ? 5.091   -9.569  3.480   1.00 55.42  ? 434 HOH A O   1 
HETATM 1511 O  O   . HOH G 5 .   ? -14.212 3.173   -5.329  1.00 47.94  ? 435 HOH A O   1 
HETATM 1512 O  O   . HOH G 5 .   ? -3.873  -8.568  -1.987  1.00 48.96  ? 437 HOH A O   1 
HETATM 1513 O  O   . HOH G 5 .   ? 14.827  4.532   4.778   1.00 73.44  ? 438 HOH A O   1 
HETATM 1514 O  O   . HOH G 5 .   ? -8.629  2.037   5.994   1.00 38.29  ? 439 HOH A O   1 
# 
loop_
_pdbx_poly_seq_scheme.asym_id 
_pdbx_poly_seq_scheme.entity_id 
_pdbx_poly_seq_scheme.seq_id 
_pdbx_poly_seq_scheme.mon_id 
_pdbx_poly_seq_scheme.ndb_seq_num 
_pdbx_poly_seq_scheme.pdb_seq_num 
_pdbx_poly_seq_scheme.auth_seq_num 
_pdbx_poly_seq_scheme.pdb_mon_id 
_pdbx_poly_seq_scheme.auth_mon_id 
_pdbx_poly_seq_scheme.pdb_strand_id 
_pdbx_poly_seq_scheme.pdb_ins_code 
_pdbx_poly_seq_scheme.hetero 
A 1 1   GLY 1   1   ?   ?   ?   A . n 
A 1 2   ALA 2   2   ?   ?   ?   A . n 
A 1 3   HIS 3   3   3   HIS HIS A . n 
A 1 4   MET 4   4   4   MET MET A . n 
A 1 5   ALA 5   5   5   ALA ALA A . n 
A 1 6   ASP 6   6   6   ASP ASP A . n 
A 1 7   LEU 7   7   7   LEU LEU A . n 
A 1 8   SER 8   8   8   SER SER A . n 
A 1 9   LEU 9   9   9   LEU LEU A . n 
A 1 10  GLU 10  10  10  GLU GLU A . n 
A 1 11  LYS 11  11  11  LYS LYS A . n 
A 1 12  ALA 12  12  12  ALA ALA A . n 
A 1 13  ALA 13  13  13  ALA ALA A . n 
A 1 14  GLU 14  14  14  GLU GLU A . n 
A 1 15  VAL 15  15  15  VAL VAL A . n 
A 1 16  SER 16  16  16  SER SER A . n 
A 1 17  TRP 17  17  17  TRP TRP A . n 
A 1 18  GLU 18  18  18  GLU GLU A . n 
A 1 19  GLU 19  19  19  GLU GLU A . n 
A 1 20  GLU 20  20  20  GLU GLU A . n 
A 1 21  ALA 21  21  21  ALA ALA A . n 
A 1 22  GLU 22  22  22  GLU GLU A . n 
A 1 23  HIS 23  23  23  HIS HIS A . n 
A 1 24  SER 24  24  24  SER SER A . n 
A 1 25  GLY 25  25  25  GLY GLY A . n 
A 1 26  ALA 26  26  26  ALA ALA A . n 
A 1 27  SER 27  27  27  SER SER A . n 
A 1 28  HIS 28  28  28  HIS HIS A . n 
A 1 29  ASN 29  29  29  ASN ASN A . n 
A 1 30  ILE 30  30  30  ILE ILE A . n 
A 1 31  LEU 31  31  31  LEU LEU A . n 
A 1 32  VAL 32  32  32  VAL VAL A . n 
A 1 33  GLU 33  33  33  GLU GLU A . n 
A 1 34  VAL 34  34  34  VAL VAL A . n 
A 1 35  GLN 35  35  35  GLN GLN A . n 
A 1 36  ASP 36  36  36  ASP ASP A . n 
A 1 37  ASP 37  37  37  ASP ASP A . n 
A 1 38  GLY 38  38  38  GLY GLY A . n 
A 1 39  THR 39  39  39  THR THR A . n 
A 1 40  MET 40  40  40  MET MET A . n 
A 1 41  LYS 41  41  41  LYS LYS A . n 
A 1 42  ILE 42  42  42  ILE ILE A . n 
A 1 43  LYS 43  43  43  LYS LYS A . n 
A 1 44  ASP 44  44  ?   ?   ?   A . n 
A 1 45  GLU 45  45  ?   ?   ?   A . n 
A 1 46  GLU 46  46  ?   ?   ?   A . n 
A 1 47  ARG 47  47  ?   ?   ?   A . n 
A 1 48  ASP 48  48  ?   ?   ?   A . n 
A 1 49  ASP 49  49  ?   ?   ?   A . n 
A 1 50  THR 50  50  ?   ?   ?   A . n 
A 1 51  LEU 51  51  ?   ?   ?   A . n 
A 1 52  GLY 52  52  ?   ?   ?   A . n 
A 1 53  GLY 53  53  ?   ?   ?   A . n 
A 1 54  GLY 54  54  ?   ?   ?   A . n 
A 1 55  GLY 55  55  ?   ?   ?   A . n 
A 1 56  SER 56  56  ?   ?   ?   A . n 
A 1 57  GLY 57  57  ?   ?   ?   A . n 
A 1 58  GLY 58  58  ?   ?   ?   A . n 
A 1 59  GLY 59  59  ?   ?   ?   A . n 
A 1 60  GLY 60  60  ?   ?   ?   A . n 
A 1 61  SER 61  61  ?   ?   ?   A . n 
A 1 62  GLY 62  62  ?   ?   ?   A . n 
A 1 63  VAL 63  63  63  VAL VAL A . n 
A 1 64  LEU 64  64  64  LEU LEU A . n 
A 1 65  TRP 65  65  65  TRP TRP A . n 
A 1 66  ASP 66  66  66  ASP ASP A . n 
A 1 67  THR 67  67  67  THR THR A . n 
A 1 68  PRO 68  68  68  PRO PRO A . n 
A 1 69  SER 69  69  69  SER SER A . n 
A 1 70  PRO 70  70  70  PRO PRO A . n 
A 1 71  GLY 71  71  71  GLY GLY A . n 
A 1 72  ILE 72  72  72  ILE ILE A . n 
A 1 73  TYR 73  73  73  TYR TYR A . n 
A 1 74  ARG 74  74  74  ARG ARG A . n 
A 1 75  ILE 75  75  75  ILE ILE A . n 
A 1 76  LEU 76  76  76  LEU LEU A . n 
A 1 77  GLN 77  77  77  GLN GLN A . n 
A 1 78  ARG 78  78  78  ARG ARG A . n 
A 1 79  GLY 79  79  79  GLY GLY A . n 
A 1 80  LEU 80  80  80  LEU LEU A . n 
A 1 81  LEU 81  81  81  LEU LEU A . n 
A 1 82  GLY 82  82  82  GLY GLY A . n 
A 1 83  ARG 83  83  83  ARG ARG A . n 
A 1 84  SER 84  84  84  SER SER A . n 
A 1 85  GLN 85  85  85  GLN GLN A . n 
A 1 86  VAL 86  86  86  VAL VAL A . n 
A 1 87  GLY 87  87  87  GLY GLY A . n 
A 1 88  VAL 88  88  88  VAL VAL A . n 
A 1 89  GLY 89  89  89  GLY GLY A . n 
A 1 90  VAL 90  90  90  VAL VAL A . n 
A 1 91  PHE 91  91  91  PHE PHE A . n 
A 1 92  GLN 92  92  92  GLN GLN A . n 
A 1 93  GLU 93  93  93  GLU GLU A . n 
A 1 94  GLY 94  94  94  GLY GLY A . n 
A 1 95  VAL 95  95  95  VAL VAL A . n 
A 1 96  PHE 96  96  96  PHE PHE A . n 
A 1 97  HIS 97  97  97  HIS HIS A . n 
A 1 98  THR 98  98  98  THR THR A . n 
A 1 99  MET 99  99  99  MET MET A . n 
A 1 100 TRP 100 100 100 TRP TRP A . n 
A 1 101 HIS 101 101 101 HIS HIS A . n 
A 1 102 VAL 102 102 102 VAL VAL A . n 
A 1 103 THR 103 103 103 THR THR A . n 
A 1 104 ARG 104 104 104 ARG ARG A . n 
A 1 105 GLY 105 105 105 GLY GLY A . n 
A 1 106 ALA 106 106 106 ALA ALA A . n 
A 1 107 VAL 107 107 107 VAL VAL A . n 
A 1 108 LEU 108 108 108 LEU LEU A . n 
A 1 109 MET 109 109 109 MET MET A . n 
A 1 110 TYR 110 110 110 TYR TYR A . n 
A 1 111 GLN 111 111 111 GLN GLN A . n 
A 1 112 GLY 112 112 112 GLY GLY A . n 
A 1 113 LYS 113 113 113 LYS LYS A . n 
A 1 114 ARG 114 114 114 ARG ARG A . n 
A 1 115 LEU 115 115 115 LEU LEU A . n 
A 1 116 GLU 116 116 116 GLU GLU A . n 
A 1 117 PRO 117 117 117 PRO PRO A . n 
A 1 118 SER 118 118 118 SER SER A . n 
A 1 119 TRP 119 119 119 TRP TRP A . n 
A 1 120 ALA 120 120 120 ALA ALA A . n 
A 1 121 SER 121 121 121 SER SER A . n 
A 1 122 VAL 122 122 122 VAL VAL A . n 
A 1 123 LYS 123 123 123 LYS LYS A . n 
A 1 124 LYS 124 124 124 LYS LYS A . n 
A 1 125 ASP 125 125 125 ASP ASP A . n 
A 1 126 LEU 126 126 126 LEU LEU A . n 
A 1 127 ILE 127 127 127 ILE ILE A . n 
A 1 128 SER 128 128 128 SER SER A . n 
A 1 129 TYR 129 129 129 TYR TYR A . n 
A 1 130 GLY 130 130 130 GLY GLY A . n 
A 1 131 GLY 131 131 131 GLY GLY A . n 
A 1 132 GLY 132 132 132 GLY GLY A . n 
A 1 133 TRP 133 133 133 TRP TRP A . n 
A 1 134 ARG 134 134 134 ARG ARG A . n 
A 1 135 PHE 135 135 135 PHE PHE A . n 
A 1 136 GLN 136 136 136 GLN GLN A . n 
A 1 137 GLY 137 137 137 GLY GLY A . n 
A 1 138 SER 138 138 138 SER SER A . n 
A 1 139 TRP 139 139 139 TRP TRP A . n 
A 1 140 ASN 140 140 140 ASN ASN A . n 
A 1 141 ALA 141 141 141 ALA ALA A . n 
A 1 142 GLY 142 142 142 GLY GLY A . n 
A 1 143 GLU 143 143 143 GLU GLU A . n 
A 1 144 GLU 144 144 144 GLU GLU A . n 
A 1 145 VAL 145 145 145 VAL VAL A . n 
A 1 146 GLN 146 146 146 GLN GLN A . n 
A 1 147 VAL 147 147 147 VAL VAL A . n 
A 1 148 ILE 148 148 148 ILE ILE A . n 
A 1 149 ALA 149 149 149 ALA ALA A . n 
A 1 150 VAL 150 150 150 VAL VAL A . n 
A 1 151 GLU 151 151 151 GLU GLU A . n 
A 1 152 PRO 152 152 152 PRO PRO A . n 
A 1 153 GLY 153 153 153 GLY GLY A . n 
A 1 154 LYS 154 154 154 LYS LYS A . n 
A 1 155 ASN 155 155 155 ASN ASN A . n 
A 1 156 PRO 156 156 156 PRO PRO A . n 
A 1 157 LYS 157 157 157 LYS LYS A . n 
A 1 158 ASN 158 158 158 ASN ASN A . n 
A 1 159 VAL 159 159 159 VAL VAL A . n 
A 1 160 GLN 160 160 160 GLN GLN A . n 
A 1 161 THR 161 161 161 THR THR A . n 
A 1 162 ALA 162 162 162 ALA ALA A . n 
A 1 163 PRO 163 163 163 PRO PRO A . n 
A 1 164 GLY 164 164 164 GLY GLY A . n 
A 1 165 THR 165 165 165 THR THR A . n 
A 1 166 PHE 166 166 166 PHE PHE A . n 
A 1 167 LYS 167 167 167 LYS LYS A . n 
A 1 168 THR 168 168 168 THR THR A . n 
A 1 169 PRO 169 169 ?   ?   ?   A . n 
A 1 170 GLU 170 170 ?   ?   ?   A . n 
A 1 171 GLY 171 171 171 GLY GLY A . n 
A 1 172 GLU 172 172 172 GLU GLU A . n 
A 1 173 VAL 173 173 173 VAL VAL A . n 
A 1 174 GLY 174 174 174 GLY GLY A . n 
A 1 175 ALA 175 175 175 ALA ALA A . n 
A 1 176 ILE 176 176 176 ILE ILE A . n 
A 1 177 ALA 177 177 177 ALA ALA A . n 
A 1 178 LEU 178 178 178 LEU LEU A . n 
A 1 179 ASP 179 179 179 ASP ASP A . n 
A 1 180 PHE 180 180 180 PHE PHE A . n 
A 1 181 LYS 181 181 181 LYS LYS A . n 
A 1 182 PRO 182 182 182 PRO PRO A . n 
A 1 183 GLY 183 183 183 GLY GLY A . n 
A 1 184 THR 184 184 184 THR THR A . n 
A 1 185 SER 185 185 185 SER SER A . n 
A 1 186 GLY 186 186 186 GLY GLY A . n 
A 1 187 SER 187 187 187 SER SER A . n 
A 1 188 PRO 188 188 188 PRO PRO A . n 
A 1 189 ILE 189 189 189 ILE ILE A . n 
A 1 190 VAL 190 190 190 VAL VAL A . n 
A 1 191 ASN 191 191 191 ASN ASN A . n 
A 1 192 ARG 192 192 192 ARG ARG A . n 
A 1 193 GLU 193 193 193 GLU GLU A . n 
A 1 194 GLY 194 194 194 GLY GLY A . n 
A 1 195 LYS 195 195 195 LYS LYS A . n 
A 1 196 ILE 196 196 196 ILE ILE A . n 
A 1 197 VAL 197 197 197 VAL VAL A . n 
A 1 198 GLY 198 198 198 GLY GLY A . n 
A 1 199 LEU 199 199 199 LEU LEU A . n 
A 1 200 TYR 200 200 200 TYR TYR A . n 
A 1 201 GLY 201 201 201 GLY GLY A . n 
A 1 202 ASN 202 202 202 ASN ASN A . n 
A 1 203 GLY 203 203 203 GLY GLY A . n 
A 1 204 VAL 204 204 204 VAL VAL A . n 
A 1 205 VAL 205 205 205 VAL VAL A . n 
A 1 206 THR 206 206 ?   ?   ?   A . n 
A 1 207 THR 207 207 ?   ?   ?   A . n 
A 1 208 SER 208 208 ?   ?   ?   A . n 
A 1 209 GLY 209 209 ?   ?   ?   A . n 
A 1 210 THR 210 210 210 THR THR A . n 
A 1 211 TYR 211 211 211 TYR TYR A . n 
A 1 212 VAL 212 212 212 VAL VAL A . n 
A 1 213 SER 213 213 213 SER SER A . n 
A 1 214 ALA 214 214 214 ALA ALA A . n 
A 1 215 ILE 215 215 215 ILE ILE A . n 
A 1 216 ALA 216 216 216 ALA ALA A . n 
A 1 217 GLN 217 217 217 GLN GLN A . n 
A 1 218 ALA 218 218 218 ALA ALA A . n 
A 1 219 LYS 219 219 219 LYS LYS A . n 
A 1 220 ALA 220 220 220 ALA ALA A . n 
A 1 221 SER 221 221 221 SER SER A . n 
A 1 222 GLN 222 222 222 GLN GLN A . n 
A 1 223 GLU 223 223 223 GLU GLU A . n 
A 1 224 GLY 224 224 ?   ?   ?   A . n 
A 1 225 PRO 225 225 ?   ?   ?   A . n 
A 1 226 LEU 226 226 ?   ?   ?   A . n 
A 1 227 PRO 227 227 ?   ?   ?   A . n 
A 1 228 GLU 228 228 ?   ?   ?   A . n 
A 1 229 ILE 229 229 ?   ?   ?   A . n 
A 1 230 GLU 230 230 ?   ?   ?   A . n 
A 1 231 ASP 231 231 ?   ?   ?   A . n 
A 1 232 GLU 232 232 ?   ?   ?   A . n 
A 1 233 VAL 233 233 ?   ?   ?   A . n 
A 1 234 PHE 234 234 ?   ?   ?   A . n 
A 1 235 ARG 235 235 ?   ?   ?   A . n 
A 1 236 LYS 236 236 ?   ?   ?   A . n 
# 
loop_
_pdbx_nonpoly_scheme.asym_id 
_pdbx_nonpoly_scheme.entity_id 
_pdbx_nonpoly_scheme.mon_id 
_pdbx_nonpoly_scheme.ndb_seq_num 
_pdbx_nonpoly_scheme.pdb_seq_num 
_pdbx_nonpoly_scheme.auth_seq_num 
_pdbx_nonpoly_scheme.pdb_mon_id 
_pdbx_nonpoly_scheme.auth_mon_id 
_pdbx_nonpoly_scheme.pdb_strand_id 
_pdbx_nonpoly_scheme.pdb_ins_code 
B 2 NI  1  301 301 NI  NI  A . 
C 2 NI  1  302 302 NI  NI  A . 
D 2 NI  1  303 303 NI  NI  A . 
E 3 CD  1  304 304 CD  CD  A . 
F 4 SO4 1  305 305 SO4 SO4 A . 
G 5 HOH 1  401 401 HOH HOH A . 
G 5 HOH 2  402 402 HOH HOH A . 
G 5 HOH 3  403 403 HOH HOH A . 
G 5 HOH 4  404 404 HOH HOH A . 
G 5 HOH 5  405 405 HOH HOH A . 
G 5 HOH 6  406 406 HOH HOH A . 
G 5 HOH 7  407 407 HOH HOH A . 
G 5 HOH 8  408 408 HOH HOH A . 
G 5 HOH 9  409 409 HOH HOH A . 
G 5 HOH 10 410 410 HOH HOH A . 
G 5 HOH 11 411 411 HOH HOH A . 
G 5 HOH 12 412 412 HOH HOH A . 
G 5 HOH 13 413 413 HOH HOH A . 
G 5 HOH 14 414 414 HOH HOH A . 
G 5 HOH 15 415 415 HOH HOH A . 
G 5 HOH 16 416 416 HOH HOH A . 
G 5 HOH 17 417 417 HOH HOH A . 
G 5 HOH 18 419 419 HOH HOH A . 
G 5 HOH 19 421 421 HOH HOH A . 
G 5 HOH 20 423 423 HOH HOH A . 
G 5 HOH 21 424 424 HOH HOH A . 
G 5 HOH 22 425 425 HOH HOH A . 
G 5 HOH 23 427 427 HOH HOH A . 
G 5 HOH 24 428 428 HOH HOH A . 
G 5 HOH 25 429 429 HOH HOH A . 
G 5 HOH 26 430 430 HOH HOH A . 
G 5 HOH 27 431 431 HOH HOH A . 
G 5 HOH 28 432 432 HOH HOH A . 
G 5 HOH 29 433 433 HOH HOH A . 
G 5 HOH 30 434 434 HOH HOH A . 
G 5 HOH 31 435 435 HOH HOH A . 
G 5 HOH 32 437 437 HOH HOH A . 
G 5 HOH 33 438 438 HOH HOH A . 
G 5 HOH 34 439 439 HOH HOH A . 
# 
loop_
_pdbx_struct_assembly.id 
_pdbx_struct_assembly.details 
_pdbx_struct_assembly.method_details 
_pdbx_struct_assembly.oligomeric_details 
_pdbx_struct_assembly.oligomeric_count 
1 author_and_software_defined_assembly PISA dimeric    2 
2 software_defined_assembly            PISA tetrameric 4 
# 
loop_
_pdbx_struct_assembly_gen.assembly_id 
_pdbx_struct_assembly_gen.oper_expression 
_pdbx_struct_assembly_gen.asym_id_list 
1 1,2     A,B,C,D,E,F,G 
2 1,3,4,5 A,B,C,D,E,F,G 
# 
loop_
_pdbx_struct_assembly_prop.biol_id 
_pdbx_struct_assembly_prop.type 
_pdbx_struct_assembly_prop.value 
_pdbx_struct_assembly_prop.details 
1 'ABSA (A^2)' 2990  ? 
1 MORE         -20   ? 
1 'SSA (A^2)'  19430 ? 
2 'ABSA (A^2)' 4690  ? 
2 MORE         -28   ? 
2 'SSA (A^2)'  40170 ? 
# 
loop_
_pdbx_struct_oper_list.id 
_pdbx_struct_oper_list.type 
_pdbx_struct_oper_list.name 
_pdbx_struct_oper_list.symmetry_operation 
_pdbx_struct_oper_list.matrix[1][1] 
_pdbx_struct_oper_list.matrix[1][2] 
_pdbx_struct_oper_list.matrix[1][3] 
_pdbx_struct_oper_list.vector[1] 
_pdbx_struct_oper_list.matrix[2][1] 
_pdbx_struct_oper_list.matrix[2][2] 
_pdbx_struct_oper_list.matrix[2][3] 
_pdbx_struct_oper_list.vector[2] 
_pdbx_struct_oper_list.matrix[3][1] 
_pdbx_struct_oper_list.matrix[3][2] 
_pdbx_struct_oper_list.matrix[3][3] 
_pdbx_struct_oper_list.vector[3] 
1 'identity operation'         1_555 x,y,z       1.0000000000  0.0000000000  0.0000000000  0.0000000000   0.0000000000  1.0000000000  0.0000000000  0.0000000000   0.0000000000  0.0000000000  1.0000000000  0.0000000000  
2 'crystal symmetry operation' 2_445 -x-1,-y-1,z -0.3482387391 -0.1591566677 0.9237959384  17.7713645282  -0.1591566677 -0.9611347799 -0.2255861034 21.3126341570  0.9237959384  -0.2255861034 0.3093735190  -8.8662861356 
3 'crystal symmetry operation' 2_455 -x-1,-y,z   -0.3482387391 -0.1591566677 0.9237959384  -30.2179071398 -0.1591566677 -0.9611347799 -0.2255861034 -1.0246424044  0.9237959384  -0.2255861034 0.3093735190  21.1429621821 
4 'crystal symmetry operation' 3_455 -x-1,y,-z   0.2440152290  0.5790442582  -0.7779230778 25.8275268281  0.5790442582  -0.7304757649 -0.3620951585 4.6745537479   -0.7779230778 -0.3620951585 -0.5135394641 44.7815615743 
5 'crystal symmetry operation' 4_555 x,-y,-z     -0.8957764899 -0.4198875905 -0.1458728605 1.4129857813   -0.4198875905 0.6916105448  0.5876812619  -19.7302396768 -0.1458728605 0.5876812619  -0.7958340549 57.8020414876 
# 
loop_
_pdbx_struct_conn_angle.id 
_pdbx_struct_conn_angle.ptnr1_label_atom_id 
_pdbx_struct_conn_angle.ptnr1_label_alt_id 
_pdbx_struct_conn_angle.ptnr1_label_asym_id 
_pdbx_struct_conn_angle.ptnr1_label_comp_id 
_pdbx_struct_conn_angle.ptnr1_label_seq_id 
_pdbx_struct_conn_angle.ptnr1_auth_atom_id 
_pdbx_struct_conn_angle.ptnr1_auth_asym_id 
_pdbx_struct_conn_angle.ptnr1_auth_comp_id 
_pdbx_struct_conn_angle.ptnr1_auth_seq_id 
_pdbx_struct_conn_angle.ptnr1_PDB_ins_code 
_pdbx_struct_conn_angle.ptnr1_symmetry 
_pdbx_struct_conn_angle.ptnr2_label_atom_id 
_pdbx_struct_conn_angle.ptnr2_label_alt_id 
_pdbx_struct_conn_angle.ptnr2_label_asym_id 
_pdbx_struct_conn_angle.ptnr2_label_comp_id 
_pdbx_struct_conn_angle.ptnr2_label_seq_id 
_pdbx_struct_conn_angle.ptnr2_auth_atom_id 
_pdbx_struct_conn_angle.ptnr2_auth_asym_id 
_pdbx_struct_conn_angle.ptnr2_auth_comp_id 
_pdbx_struct_conn_angle.ptnr2_auth_seq_id 
_pdbx_struct_conn_angle.ptnr2_PDB_ins_code 
_pdbx_struct_conn_angle.ptnr2_symmetry 
_pdbx_struct_conn_angle.ptnr3_label_atom_id 
_pdbx_struct_conn_angle.ptnr3_label_alt_id 
_pdbx_struct_conn_angle.ptnr3_label_asym_id 
_pdbx_struct_conn_angle.ptnr3_label_comp_id 
_pdbx_struct_conn_angle.ptnr3_label_seq_id 
_pdbx_struct_conn_angle.ptnr3_auth_atom_id 
_pdbx_struct_conn_angle.ptnr3_auth_asym_id 
_pdbx_struct_conn_angle.ptnr3_auth_comp_id 
_pdbx_struct_conn_angle.ptnr3_auth_seq_id 
_pdbx_struct_conn_angle.ptnr3_PDB_ins_code 
_pdbx_struct_conn_angle.ptnr3_symmetry 
_pdbx_struct_conn_angle.value 
_pdbx_struct_conn_angle.value_esd 
1  ND1 ? A HIS 23  ? A HIS 23  ? 1_555 CD ? E CD . ? A CD 304 ? 1_555 ND1 ? A HIS 28  ? A HIS 28  ? 1_555 106.0 ? 
2  ND1 ? A HIS 23  ? A HIS 23  ? 1_555 CD ? E CD . ? A CD 304 ? 1_555 OE2 ? A GLU 144 ? A GLU 144 ? 1_555 153.0 ? 
3  ND1 ? A HIS 28  ? A HIS 28  ? 1_555 CD ? E CD . ? A CD 304 ? 1_555 OE2 ? A GLU 144 ? A GLU 144 ? 1_555 100.9 ? 
4  ND1 ? A HIS 23  ? A HIS 23  ? 1_555 CD ? E CD . ? A CD 304 ? 1_555 OE1 ? A GLU 144 ? A GLU 144 ? 1_555 100.5 ? 
5  ND1 ? A HIS 28  ? A HIS 28  ? 1_555 CD ? E CD . ? A CD 304 ? 1_555 OE1 ? A GLU 144 ? A GLU 144 ? 1_555 153.5 ? 
6  OE2 ? A GLU 144 ? A GLU 144 ? 1_555 CD ? E CD . ? A CD 304 ? 1_555 OE1 ? A GLU 144 ? A GLU 144 ? 1_555 52.5  ? 
7  ND1 ? A HIS 23  ? A HIS 23  ? 1_555 CD ? E CD . ? A CD 304 ? 1_555 O   ? G HOH .   ? A HOH 416 ? 1_555 94.2  ? 
8  ND1 ? A HIS 28  ? A HIS 28  ? 1_555 CD ? E CD . ? A CD 304 ? 1_555 O   ? G HOH .   ? A HOH 416 ? 1_555 83.5  ? 
9  OE2 ? A GLU 144 ? A GLU 144 ? 1_555 CD ? E CD . ? A CD 304 ? 1_555 O   ? G HOH .   ? A HOH 416 ? 1_555 90.1  ? 
10 OE1 ? A GLU 144 ? A GLU 144 ? 1_555 CD ? E CD . ? A CD 304 ? 1_555 O   ? G HOH .   ? A HOH 416 ? 1_555 94.5  ? 
# 
loop_
_pdbx_audit_revision_history.ordinal 
_pdbx_audit_revision_history.data_content_type 
_pdbx_audit_revision_history.major_revision 
_pdbx_audit_revision_history.minor_revision 
_pdbx_audit_revision_history.revision_date 
1 'Structure model' 1 0 2010-03-02 
2 'Structure model' 1 1 2011-07-13 
3 'Structure model' 1 2 2017-06-21 
4 'Structure model' 1 3 2023-09-06 
# 
_pdbx_audit_revision_details.ordinal             1 
_pdbx_audit_revision_details.revision_ordinal    1 
_pdbx_audit_revision_details.data_content_type   'Structure model' 
_pdbx_audit_revision_details.provider            repository 
_pdbx_audit_revision_details.type                'Initial release' 
_pdbx_audit_revision_details.description         ? 
_pdbx_audit_revision_details.details             ? 
# 
loop_
_pdbx_audit_revision_group.ordinal 
_pdbx_audit_revision_group.revision_ordinal 
_pdbx_audit_revision_group.data_content_type 
_pdbx_audit_revision_group.group 
1 2 'Structure model' 'Version format compliance' 
2 3 'Structure model' 'Database references'       
3 3 'Structure model' 'Source and taxonomy'       
4 3 'Structure model' 'Structure summary'         
5 4 'Structure model' 'Data collection'           
6 4 'Structure model' 'Database references'       
7 4 'Structure model' 'Derived calculations'      
8 4 'Structure model' 'Refinement description'    
# 
loop_
_pdbx_audit_revision_category.ordinal 
_pdbx_audit_revision_category.revision_ordinal 
_pdbx_audit_revision_category.data_content_type 
_pdbx_audit_revision_category.category 
1  3 'Structure model' entity                        
2  3 'Structure model' entity_src_gen                
3  3 'Structure model' struct_ref                    
4  3 'Structure model' struct_ref_seq                
5  3 'Structure model' struct_ref_seq_dif            
6  4 'Structure model' chem_comp_atom                
7  4 'Structure model' chem_comp_bond                
8  4 'Structure model' database_2                    
9  4 'Structure model' pdbx_initial_refinement_model 
10 4 'Structure model' struct_conn                   
11 4 'Structure model' struct_site                   
# 
loop_
_pdbx_audit_revision_item.ordinal 
_pdbx_audit_revision_item.revision_ordinal 
_pdbx_audit_revision_item.data_content_type 
_pdbx_audit_revision_item.item 
1  3 'Structure model' '_entity.pdbx_ec'                         
2  3 'Structure model' '_struct_ref.db_code'                     
3  3 'Structure model' '_struct_ref.pdbx_align_begin'            
4  3 'Structure model' '_struct_ref.pdbx_db_accession'           
5  3 'Structure model' '_struct_ref_seq.db_align_beg'            
6  3 'Structure model' '_struct_ref_seq.db_align_end'            
7  3 'Structure model' '_struct_ref_seq.pdbx_auth_seq_align_beg' 
8  3 'Structure model' '_struct_ref_seq.pdbx_auth_seq_align_end' 
9  3 'Structure model' '_struct_ref_seq.pdbx_db_accession'       
10 3 'Structure model' '_struct_ref_seq.seq_align_beg'           
11 3 'Structure model' '_struct_ref_seq.seq_align_end'           
12 4 'Structure model' '_database_2.pdbx_DOI'                    
13 4 'Structure model' '_database_2.pdbx_database_accession'     
14 4 'Structure model' '_struct_conn.pdbx_dist_value'            
15 4 'Structure model' '_struct_conn.ptnr1_auth_comp_id'         
16 4 'Structure model' '_struct_conn.ptnr1_auth_seq_id'          
17 4 'Structure model' '_struct_conn.ptnr1_label_atom_id'        
18 4 'Structure model' '_struct_conn.ptnr1_label_comp_id'        
19 4 'Structure model' '_struct_conn.ptnr1_label_seq_id'         
20 4 'Structure model' '_struct_conn.ptnr2_auth_comp_id'         
21 4 'Structure model' '_struct_conn.ptnr2_auth_seq_id'          
22 4 'Structure model' '_struct_conn.ptnr2_label_asym_id'        
23 4 'Structure model' '_struct_conn.ptnr2_label_atom_id'        
24 4 'Structure model' '_struct_conn.ptnr2_label_comp_id'        
25 4 'Structure model' '_struct_site.pdbx_auth_asym_id'          
26 4 'Structure model' '_struct_site.pdbx_auth_comp_id'          
27 4 'Structure model' '_struct_site.pdbx_auth_seq_id'           
# 
loop_
_software.name 
_software.classification 
_software.version 
_software.citation_id 
_software.pdbx_ordinal 
_software.date 
_software.type 
_software.location 
_software.language 
Blu-Ice  'data collection' .        ? 1 ? ? ? ? 
PHASER   phasing           .        ? 2 ? ? ? ? 
REFMAC   refinement        5.5.0072 ? 3 ? ? ? ? 
HKL-2000 'data reduction'  .        ? 4 ? ? ? ? 
HKL-2000 'data scaling'    .        ? 5 ? ? ? ? 
# 
_pdbx_entry_details.entry_id                 3L6P 
_pdbx_entry_details.nonpolymer_details       ? 
_pdbx_entry_details.sequence_details         
;RESIDUES ALA-5 TO LEU-51 REPRESENT RESIDUES 49-95 OF NS2B
RESIDUES SER-61 TO PRO-70 REPRESENT RESIDUES 1-10 OF NS3
RESIDUES GLY-71 TO LYS-236 REPRESENT RESIDUES 21-186 OF NS3
;
_pdbx_entry_details.compound_details         ? 
_pdbx_entry_details.source_details           ? 
_pdbx_entry_details.has_ligand_of_interest   ? 
# 
_pdbx_validate_torsion.id              1 
_pdbx_validate_torsion.PDB_model_num   1 
_pdbx_validate_torsion.auth_comp_id    MET 
_pdbx_validate_torsion.auth_asym_id    A 
_pdbx_validate_torsion.auth_seq_id     4 
_pdbx_validate_torsion.PDB_ins_code    ? 
_pdbx_validate_torsion.label_alt_id    ? 
_pdbx_validate_torsion.phi             -112.35 
_pdbx_validate_torsion.psi             -140.67 
# 
loop_
_pdbx_unobs_or_zero_occ_atoms.id 
_pdbx_unobs_or_zero_occ_atoms.PDB_model_num 
_pdbx_unobs_or_zero_occ_atoms.polymer_flag 
_pdbx_unobs_or_zero_occ_atoms.occupancy_flag 
_pdbx_unobs_or_zero_occ_atoms.auth_asym_id 
_pdbx_unobs_or_zero_occ_atoms.auth_comp_id 
_pdbx_unobs_or_zero_occ_atoms.auth_seq_id 
_pdbx_unobs_or_zero_occ_atoms.PDB_ins_code 
_pdbx_unobs_or_zero_occ_atoms.auth_atom_id 
_pdbx_unobs_or_zero_occ_atoms.label_alt_id 
_pdbx_unobs_or_zero_occ_atoms.label_asym_id 
_pdbx_unobs_or_zero_occ_atoms.label_comp_id 
_pdbx_unobs_or_zero_occ_atoms.label_seq_id 
_pdbx_unobs_or_zero_occ_atoms.label_atom_id 
1  1 Y 1 A MET 4   ? CG  ? A MET 4   CG  
2  1 Y 1 A MET 4   ? SD  ? A MET 4   SD  
3  1 Y 1 A MET 4   ? CE  ? A MET 4   CE  
4  1 Y 1 A GLU 19  ? CG  ? A GLU 19  CG  
5  1 Y 1 A GLU 19  ? CD  ? A GLU 19  CD  
6  1 Y 1 A GLU 19  ? OE1 ? A GLU 19  OE1 
7  1 Y 1 A GLU 19  ? OE2 ? A GLU 19  OE2 
8  1 Y 1 A GLU 20  ? CG  ? A GLU 20  CG  
9  1 Y 1 A GLU 20  ? CD  ? A GLU 20  CD  
10 1 Y 1 A GLU 20  ? OE1 ? A GLU 20  OE1 
11 1 Y 1 A GLU 20  ? OE2 ? A GLU 20  OE2 
12 1 Y 1 A LYS 43  ? O   ? A LYS 43  O   
13 1 Y 1 A LYS 43  ? CG  ? A LYS 43  CG  
14 1 Y 1 A LYS 43  ? CD  ? A LYS 43  CD  
15 1 Y 1 A LYS 43  ? CE  ? A LYS 43  CE  
16 1 Y 1 A LYS 43  ? NZ  ? A LYS 43  NZ  
17 1 Y 1 A LYS 123 ? CG  ? A LYS 123 CG  
18 1 Y 1 A LYS 123 ? CD  ? A LYS 123 CD  
19 1 Y 1 A LYS 123 ? CE  ? A LYS 123 CE  
20 1 Y 1 A LYS 123 ? NZ  ? A LYS 123 NZ  
21 1 Y 1 A LYS 167 ? CB  ? A LYS 167 CB  
22 1 Y 1 A LYS 167 ? CG  ? A LYS 167 CG  
23 1 Y 1 A LYS 167 ? CD  ? A LYS 167 CD  
24 1 Y 1 A LYS 167 ? CE  ? A LYS 167 CE  
25 1 Y 1 A LYS 167 ? NZ  ? A LYS 167 NZ  
26 1 Y 1 A THR 168 ? O   ? A THR 168 O   
27 1 Y 1 A GLU 172 ? CG  ? A GLU 172 CG  
28 1 Y 1 A GLU 172 ? CD  ? A GLU 172 CD  
29 1 Y 1 A GLU 172 ? OE1 ? A GLU 172 OE1 
30 1 Y 1 A GLU 172 ? OE2 ? A GLU 172 OE2 
31 1 Y 1 A VAL 205 ? O   ? A VAL 205 O   
32 1 Y 1 A TYR 211 ? CG  ? A TYR 211 CG  
33 1 Y 1 A TYR 211 ? CD1 ? A TYR 211 CD1 
34 1 Y 1 A TYR 211 ? CD2 ? A TYR 211 CD2 
35 1 Y 1 A TYR 211 ? CE1 ? A TYR 211 CE1 
36 1 Y 1 A TYR 211 ? CE2 ? A TYR 211 CE2 
37 1 Y 1 A TYR 211 ? CZ  ? A TYR 211 CZ  
38 1 Y 1 A TYR 211 ? OH  ? A TYR 211 OH  
39 1 Y 1 A GLU 223 ? O   ? A GLU 223 O   
40 1 Y 1 A GLU 223 ? CG  ? A GLU 223 CG  
41 1 Y 1 A GLU 223 ? CD  ? A GLU 223 CD  
42 1 Y 1 A GLU 223 ? OE1 ? A GLU 223 OE1 
43 1 Y 1 A GLU 223 ? OE2 ? A GLU 223 OE2 
# 
loop_
_pdbx_unobs_or_zero_occ_residues.id 
_pdbx_unobs_or_zero_occ_residues.PDB_model_num 
_pdbx_unobs_or_zero_occ_residues.polymer_flag 
_pdbx_unobs_or_zero_occ_residues.occupancy_flag 
_pdbx_unobs_or_zero_occ_residues.auth_asym_id 
_pdbx_unobs_or_zero_occ_residues.auth_comp_id 
_pdbx_unobs_or_zero_occ_residues.auth_seq_id 
_pdbx_unobs_or_zero_occ_residues.PDB_ins_code 
_pdbx_unobs_or_zero_occ_residues.label_asym_id 
_pdbx_unobs_or_zero_occ_residues.label_comp_id 
_pdbx_unobs_or_zero_occ_residues.label_seq_id 
1  1 Y 1 A GLY 1   ? A GLY 1   
2  1 Y 1 A ALA 2   ? A ALA 2   
3  1 Y 1 A ASP 44  ? A ASP 44  
4  1 Y 1 A GLU 45  ? A GLU 45  
5  1 Y 1 A GLU 46  ? A GLU 46  
6  1 Y 1 A ARG 47  ? A ARG 47  
7  1 Y 1 A ASP 48  ? A ASP 48  
8  1 Y 1 A ASP 49  ? A ASP 49  
9  1 Y 1 A THR 50  ? A THR 50  
10 1 Y 1 A LEU 51  ? A LEU 51  
11 1 Y 1 A GLY 52  ? A GLY 52  
12 1 Y 1 A GLY 53  ? A GLY 53  
13 1 Y 1 A GLY 54  ? A GLY 54  
14 1 Y 1 A GLY 55  ? A GLY 55  
15 1 Y 1 A SER 56  ? A SER 56  
16 1 Y 1 A GLY 57  ? A GLY 57  
17 1 Y 1 A GLY 58  ? A GLY 58  
18 1 Y 1 A GLY 59  ? A GLY 59  
19 1 Y 1 A GLY 60  ? A GLY 60  
20 1 Y 1 A SER 61  ? A SER 61  
21 1 Y 1 A GLY 62  ? A GLY 62  
22 1 Y 1 A PRO 169 ? A PRO 169 
23 1 Y 1 A GLU 170 ? A GLU 170 
24 1 Y 1 A THR 206 ? A THR 206 
25 1 Y 1 A THR 207 ? A THR 207 
26 1 Y 1 A SER 208 ? A SER 208 
27 1 Y 1 A GLY 209 ? A GLY 209 
28 1 Y 1 A GLY 224 ? A GLY 224 
29 1 Y 1 A PRO 225 ? A PRO 225 
30 1 Y 1 A LEU 226 ? A LEU 226 
31 1 Y 1 A PRO 227 ? A PRO 227 
32 1 Y 1 A GLU 228 ? A GLU 228 
33 1 Y 1 A ILE 229 ? A ILE 229 
34 1 Y 1 A GLU 230 ? A GLU 230 
35 1 Y 1 A ASP 231 ? A ASP 231 
36 1 Y 1 A GLU 232 ? A GLU 232 
37 1 Y 1 A VAL 233 ? A VAL 233 
38 1 Y 1 A PHE 234 ? A PHE 234 
39 1 Y 1 A ARG 235 ? A ARG 235 
40 1 Y 1 A LYS 236 ? A LYS 236 
# 
loop_
_chem_comp_atom.comp_id 
_chem_comp_atom.atom_id 
_chem_comp_atom.type_symbol 
_chem_comp_atom.pdbx_aromatic_flag 
_chem_comp_atom.pdbx_stereo_config 
_chem_comp_atom.pdbx_ordinal 
ALA N    N  N N 1   
ALA CA   C  N S 2   
ALA C    C  N N 3   
ALA O    O  N N 4   
ALA CB   C  N N 5   
ALA OXT  O  N N 6   
ALA H    H  N N 7   
ALA H2   H  N N 8   
ALA HA   H  N N 9   
ALA HB1  H  N N 10  
ALA HB2  H  N N 11  
ALA HB3  H  N N 12  
ALA HXT  H  N N 13  
ARG N    N  N N 14  
ARG CA   C  N S 15  
ARG C    C  N N 16  
ARG O    O  N N 17  
ARG CB   C  N N 18  
ARG CG   C  N N 19  
ARG CD   C  N N 20  
ARG NE   N  N N 21  
ARG CZ   C  N N 22  
ARG NH1  N  N N 23  
ARG NH2  N  N N 24  
ARG OXT  O  N N 25  
ARG H    H  N N 26  
ARG H2   H  N N 27  
ARG HA   H  N N 28  
ARG HB2  H  N N 29  
ARG HB3  H  N N 30  
ARG HG2  H  N N 31  
ARG HG3  H  N N 32  
ARG HD2  H  N N 33  
ARG HD3  H  N N 34  
ARG HE   H  N N 35  
ARG HH11 H  N N 36  
ARG HH12 H  N N 37  
ARG HH21 H  N N 38  
ARG HH22 H  N N 39  
ARG HXT  H  N N 40  
ASN N    N  N N 41  
ASN CA   C  N S 42  
ASN C    C  N N 43  
ASN O    O  N N 44  
ASN CB   C  N N 45  
ASN CG   C  N N 46  
ASN OD1  O  N N 47  
ASN ND2  N  N N 48  
ASN OXT  O  N N 49  
ASN H    H  N N 50  
ASN H2   H  N N 51  
ASN HA   H  N N 52  
ASN HB2  H  N N 53  
ASN HB3  H  N N 54  
ASN HD21 H  N N 55  
ASN HD22 H  N N 56  
ASN HXT  H  N N 57  
ASP N    N  N N 58  
ASP CA   C  N S 59  
ASP C    C  N N 60  
ASP O    O  N N 61  
ASP CB   C  N N 62  
ASP CG   C  N N 63  
ASP OD1  O  N N 64  
ASP OD2  O  N N 65  
ASP OXT  O  N N 66  
ASP H    H  N N 67  
ASP H2   H  N N 68  
ASP HA   H  N N 69  
ASP HB2  H  N N 70  
ASP HB3  H  N N 71  
ASP HD2  H  N N 72  
ASP HXT  H  N N 73  
CD  CD   CD N N 74  
GLN N    N  N N 75  
GLN CA   C  N S 76  
GLN C    C  N N 77  
GLN O    O  N N 78  
GLN CB   C  N N 79  
GLN CG   C  N N 80  
GLN CD   C  N N 81  
GLN OE1  O  N N 82  
GLN NE2  N  N N 83  
GLN OXT  O  N N 84  
GLN H    H  N N 85  
GLN H2   H  N N 86  
GLN HA   H  N N 87  
GLN HB2  H  N N 88  
GLN HB3  H  N N 89  
GLN HG2  H  N N 90  
GLN HG3  H  N N 91  
GLN HE21 H  N N 92  
GLN HE22 H  N N 93  
GLN HXT  H  N N 94  
GLU N    N  N N 95  
GLU CA   C  N S 96  
GLU C    C  N N 97  
GLU O    O  N N 98  
GLU CB   C  N N 99  
GLU CG   C  N N 100 
GLU CD   C  N N 101 
GLU OE1  O  N N 102 
GLU OE2  O  N N 103 
GLU OXT  O  N N 104 
GLU H    H  N N 105 
GLU H2   H  N N 106 
GLU HA   H  N N 107 
GLU HB2  H  N N 108 
GLU HB3  H  N N 109 
GLU HG2  H  N N 110 
GLU HG3  H  N N 111 
GLU HE2  H  N N 112 
GLU HXT  H  N N 113 
GLY N    N  N N 114 
GLY CA   C  N N 115 
GLY C    C  N N 116 
GLY O    O  N N 117 
GLY OXT  O  N N 118 
GLY H    H  N N 119 
GLY H2   H  N N 120 
GLY HA2  H  N N 121 
GLY HA3  H  N N 122 
GLY HXT  H  N N 123 
HIS N    N  N N 124 
HIS CA   C  N S 125 
HIS C    C  N N 126 
HIS O    O  N N 127 
HIS CB   C  N N 128 
HIS CG   C  Y N 129 
HIS ND1  N  Y N 130 
HIS CD2  C  Y N 131 
HIS CE1  C  Y N 132 
HIS NE2  N  Y N 133 
HIS OXT  O  N N 134 
HIS H    H  N N 135 
HIS H2   H  N N 136 
HIS HA   H  N N 137 
HIS HB2  H  N N 138 
HIS HB3  H  N N 139 
HIS HD1  H  N N 140 
HIS HD2  H  N N 141 
HIS HE1  H  N N 142 
HIS HE2  H  N N 143 
HIS HXT  H  N N 144 
HOH O    O  N N 145 
HOH H1   H  N N 146 
HOH H2   H  N N 147 
ILE N    N  N N 148 
ILE CA   C  N S 149 
ILE C    C  N N 150 
ILE O    O  N N 151 
ILE CB   C  N S 152 
ILE CG1  C  N N 153 
ILE CG2  C  N N 154 
ILE CD1  C  N N 155 
ILE OXT  O  N N 156 
ILE H    H  N N 157 
ILE H2   H  N N 158 
ILE HA   H  N N 159 
ILE HB   H  N N 160 
ILE HG12 H  N N 161 
ILE HG13 H  N N 162 
ILE HG21 H  N N 163 
ILE HG22 H  N N 164 
ILE HG23 H  N N 165 
ILE HD11 H  N N 166 
ILE HD12 H  N N 167 
ILE HD13 H  N N 168 
ILE HXT  H  N N 169 
LEU N    N  N N 170 
LEU CA   C  N S 171 
LEU C    C  N N 172 
LEU O    O  N N 173 
LEU CB   C  N N 174 
LEU CG   C  N N 175 
LEU CD1  C  N N 176 
LEU CD2  C  N N 177 
LEU OXT  O  N N 178 
LEU H    H  N N 179 
LEU H2   H  N N 180 
LEU HA   H  N N 181 
LEU HB2  H  N N 182 
LEU HB3  H  N N 183 
LEU HG   H  N N 184 
LEU HD11 H  N N 185 
LEU HD12 H  N N 186 
LEU HD13 H  N N 187 
LEU HD21 H  N N 188 
LEU HD22 H  N N 189 
LEU HD23 H  N N 190 
LEU HXT  H  N N 191 
LYS N    N  N N 192 
LYS CA   C  N S 193 
LYS C    C  N N 194 
LYS O    O  N N 195 
LYS CB   C  N N 196 
LYS CG   C  N N 197 
LYS CD   C  N N 198 
LYS CE   C  N N 199 
LYS NZ   N  N N 200 
LYS OXT  O  N N 201 
LYS H    H  N N 202 
LYS H2   H  N N 203 
LYS HA   H  N N 204 
LYS HB2  H  N N 205 
LYS HB3  H  N N 206 
LYS HG2  H  N N 207 
LYS HG3  H  N N 208 
LYS HD2  H  N N 209 
LYS HD3  H  N N 210 
LYS HE2  H  N N 211 
LYS HE3  H  N N 212 
LYS HZ1  H  N N 213 
LYS HZ2  H  N N 214 
LYS HZ3  H  N N 215 
LYS HXT  H  N N 216 
MET N    N  N N 217 
MET CA   C  N S 218 
MET C    C  N N 219 
MET O    O  N N 220 
MET CB   C  N N 221 
MET CG   C  N N 222 
MET SD   S  N N 223 
MET CE   C  N N 224 
MET OXT  O  N N 225 
MET H    H  N N 226 
MET H2   H  N N 227 
MET HA   H  N N 228 
MET HB2  H  N N 229 
MET HB3  H  N N 230 
MET HG2  H  N N 231 
MET HG3  H  N N 232 
MET HE1  H  N N 233 
MET HE2  H  N N 234 
MET HE3  H  N N 235 
MET HXT  H  N N 236 
NI  NI   NI N N 237 
PHE N    N  N N 238 
PHE CA   C  N S 239 
PHE C    C  N N 240 
PHE O    O  N N 241 
PHE CB   C  N N 242 
PHE CG   C  Y N 243 
PHE CD1  C  Y N 244 
PHE CD2  C  Y N 245 
PHE CE1  C  Y N 246 
PHE CE2  C  Y N 247 
PHE CZ   C  Y N 248 
PHE OXT  O  N N 249 
PHE H    H  N N 250 
PHE H2   H  N N 251 
PHE HA   H  N N 252 
PHE HB2  H  N N 253 
PHE HB3  H  N N 254 
PHE HD1  H  N N 255 
PHE HD2  H  N N 256 
PHE HE1  H  N N 257 
PHE HE2  H  N N 258 
PHE HZ   H  N N 259 
PHE HXT  H  N N 260 
PRO N    N  N N 261 
PRO CA   C  N S 262 
PRO C    C  N N 263 
PRO O    O  N N 264 
PRO CB   C  N N 265 
PRO CG   C  N N 266 
PRO CD   C  N N 267 
PRO OXT  O  N N 268 
PRO H    H  N N 269 
PRO HA   H  N N 270 
PRO HB2  H  N N 271 
PRO HB3  H  N N 272 
PRO HG2  H  N N 273 
PRO HG3  H  N N 274 
PRO HD2  H  N N 275 
PRO HD3  H  N N 276 
PRO HXT  H  N N 277 
SER N    N  N N 278 
SER CA   C  N S 279 
SER C    C  N N 280 
SER O    O  N N 281 
SER CB   C  N N 282 
SER OG   O  N N 283 
SER OXT  O  N N 284 
SER H    H  N N 285 
SER H2   H  N N 286 
SER HA   H  N N 287 
SER HB2  H  N N 288 
SER HB3  H  N N 289 
SER HG   H  N N 290 
SER HXT  H  N N 291 
SO4 S    S  N N 292 
SO4 O1   O  N N 293 
SO4 O2   O  N N 294 
SO4 O3   O  N N 295 
SO4 O4   O  N N 296 
THR N    N  N N 297 
THR CA   C  N S 298 
THR C    C  N N 299 
THR O    O  N N 300 
THR CB   C  N R 301 
THR OG1  O  N N 302 
THR CG2  C  N N 303 
THR OXT  O  N N 304 
THR H    H  N N 305 
THR H2   H  N N 306 
THR HA   H  N N 307 
THR HB   H  N N 308 
THR HG1  H  N N 309 
THR HG21 H  N N 310 
THR HG22 H  N N 311 
THR HG23 H  N N 312 
THR HXT  H  N N 313 
TRP N    N  N N 314 
TRP CA   C  N S 315 
TRP C    C  N N 316 
TRP O    O  N N 317 
TRP CB   C  N N 318 
TRP CG   C  Y N 319 
TRP CD1  C  Y N 320 
TRP CD2  C  Y N 321 
TRP NE1  N  Y N 322 
TRP CE2  C  Y N 323 
TRP CE3  C  Y N 324 
TRP CZ2  C  Y N 325 
TRP CZ3  C  Y N 326 
TRP CH2  C  Y N 327 
TRP OXT  O  N N 328 
TRP H    H  N N 329 
TRP H2   H  N N 330 
TRP HA   H  N N 331 
TRP HB2  H  N N 332 
TRP HB3  H  N N 333 
TRP HD1  H  N N 334 
TRP HE1  H  N N 335 
TRP HE3  H  N N 336 
TRP HZ2  H  N N 337 
TRP HZ3  H  N N 338 
TRP HH2  H  N N 339 
TRP HXT  H  N N 340 
TYR N    N  N N 341 
TYR CA   C  N S 342 
TYR C    C  N N 343 
TYR O    O  N N 344 
TYR CB   C  N N 345 
TYR CG   C  Y N 346 
TYR CD1  C  Y N 347 
TYR CD2  C  Y N 348 
TYR CE1  C  Y N 349 
TYR CE2  C  Y N 350 
TYR CZ   C  Y N 351 
TYR OH   O  N N 352 
TYR OXT  O  N N 353 
TYR H    H  N N 354 
TYR H2   H  N N 355 
TYR HA   H  N N 356 
TYR HB2  H  N N 357 
TYR HB3  H  N N 358 
TYR HD1  H  N N 359 
TYR HD2  H  N N 360 
TYR HE1  H  N N 361 
TYR HE2  H  N N 362 
TYR HH   H  N N 363 
TYR HXT  H  N N 364 
VAL N    N  N N 365 
VAL CA   C  N S 366 
VAL C    C  N N 367 
VAL O    O  N N 368 
VAL CB   C  N N 369 
VAL CG1  C  N N 370 
VAL CG2  C  N N 371 
VAL OXT  O  N N 372 
VAL H    H  N N 373 
VAL H2   H  N N 374 
VAL HA   H  N N 375 
VAL HB   H  N N 376 
VAL HG11 H  N N 377 
VAL HG12 H  N N 378 
VAL HG13 H  N N 379 
VAL HG21 H  N N 380 
VAL HG22 H  N N 381 
VAL HG23 H  N N 382 
VAL HXT  H  N N 383 
# 
loop_
_chem_comp_bond.comp_id 
_chem_comp_bond.atom_id_1 
_chem_comp_bond.atom_id_2 
_chem_comp_bond.value_order 
_chem_comp_bond.pdbx_aromatic_flag 
_chem_comp_bond.pdbx_stereo_config 
_chem_comp_bond.pdbx_ordinal 
ALA N   CA   sing N N 1   
ALA N   H    sing N N 2   
ALA N   H2   sing N N 3   
ALA CA  C    sing N N 4   
ALA CA  CB   sing N N 5   
ALA CA  HA   sing N N 6   
ALA C   O    doub N N 7   
ALA C   OXT  sing N N 8   
ALA CB  HB1  sing N N 9   
ALA CB  HB2  sing N N 10  
ALA CB  HB3  sing N N 11  
ALA OXT HXT  sing N N 12  
ARG N   CA   sing N N 13  
ARG N   H    sing N N 14  
ARG N   H2   sing N N 15  
ARG CA  C    sing N N 16  
ARG CA  CB   sing N N 17  
ARG CA  HA   sing N N 18  
ARG C   O    doub N N 19  
ARG C   OXT  sing N N 20  
ARG CB  CG   sing N N 21  
ARG CB  HB2  sing N N 22  
ARG CB  HB3  sing N N 23  
ARG CG  CD   sing N N 24  
ARG CG  HG2  sing N N 25  
ARG CG  HG3  sing N N 26  
ARG CD  NE   sing N N 27  
ARG CD  HD2  sing N N 28  
ARG CD  HD3  sing N N 29  
ARG NE  CZ   sing N N 30  
ARG NE  HE   sing N N 31  
ARG CZ  NH1  sing N N 32  
ARG CZ  NH2  doub N N 33  
ARG NH1 HH11 sing N N 34  
ARG NH1 HH12 sing N N 35  
ARG NH2 HH21 sing N N 36  
ARG NH2 HH22 sing N N 37  
ARG OXT HXT  sing N N 38  
ASN N   CA   sing N N 39  
ASN N   H    sing N N 40  
ASN N   H2   sing N N 41  
ASN CA  C    sing N N 42  
ASN CA  CB   sing N N 43  
ASN CA  HA   sing N N 44  
ASN C   O    doub N N 45  
ASN C   OXT  sing N N 46  
ASN CB  CG   sing N N 47  
ASN CB  HB2  sing N N 48  
ASN CB  HB3  sing N N 49  
ASN CG  OD1  doub N N 50  
ASN CG  ND2  sing N N 51  
ASN ND2 HD21 sing N N 52  
ASN ND2 HD22 sing N N 53  
ASN OXT HXT  sing N N 54  
ASP N   CA   sing N N 55  
ASP N   H    sing N N 56  
ASP N   H2   sing N N 57  
ASP CA  C    sing N N 58  
ASP CA  CB   sing N N 59  
ASP CA  HA   sing N N 60  
ASP C   O    doub N N 61  
ASP C   OXT  sing N N 62  
ASP CB  CG   sing N N 63  
ASP CB  HB2  sing N N 64  
ASP CB  HB3  sing N N 65  
ASP CG  OD1  doub N N 66  
ASP CG  OD2  sing N N 67  
ASP OD2 HD2  sing N N 68  
ASP OXT HXT  sing N N 69  
GLN N   CA   sing N N 70  
GLN N   H    sing N N 71  
GLN N   H2   sing N N 72  
GLN CA  C    sing N N 73  
GLN CA  CB   sing N N 74  
GLN CA  HA   sing N N 75  
GLN C   O    doub N N 76  
GLN C   OXT  sing N N 77  
GLN CB  CG   sing N N 78  
GLN CB  HB2  sing N N 79  
GLN CB  HB3  sing N N 80  
GLN CG  CD   sing N N 81  
GLN CG  HG2  sing N N 82  
GLN CG  HG3  sing N N 83  
GLN CD  OE1  doub N N 84  
GLN CD  NE2  sing N N 85  
GLN NE2 HE21 sing N N 86  
GLN NE2 HE22 sing N N 87  
GLN OXT HXT  sing N N 88  
GLU N   CA   sing N N 89  
GLU N   H    sing N N 90  
GLU N   H2   sing N N 91  
GLU CA  C    sing N N 92  
GLU CA  CB   sing N N 93  
GLU CA  HA   sing N N 94  
GLU C   O    doub N N 95  
GLU C   OXT  sing N N 96  
GLU CB  CG   sing N N 97  
GLU CB  HB2  sing N N 98  
GLU CB  HB3  sing N N 99  
GLU CG  CD   sing N N 100 
GLU CG  HG2  sing N N 101 
GLU CG  HG3  sing N N 102 
GLU CD  OE1  doub N N 103 
GLU CD  OE2  sing N N 104 
GLU OE2 HE2  sing N N 105 
GLU OXT HXT  sing N N 106 
GLY N   CA   sing N N 107 
GLY N   H    sing N N 108 
GLY N   H2   sing N N 109 
GLY CA  C    sing N N 110 
GLY CA  HA2  sing N N 111 
GLY CA  HA3  sing N N 112 
GLY C   O    doub N N 113 
GLY C   OXT  sing N N 114 
GLY OXT HXT  sing N N 115 
HIS N   CA   sing N N 116 
HIS N   H    sing N N 117 
HIS N   H2   sing N N 118 
HIS CA  C    sing N N 119 
HIS CA  CB   sing N N 120 
HIS CA  HA   sing N N 121 
HIS C   O    doub N N 122 
HIS C   OXT  sing N N 123 
HIS CB  CG   sing N N 124 
HIS CB  HB2  sing N N 125 
HIS CB  HB3  sing N N 126 
HIS CG  ND1  sing Y N 127 
HIS CG  CD2  doub Y N 128 
HIS ND1 CE1  doub Y N 129 
HIS ND1 HD1  sing N N 130 
HIS CD2 NE2  sing Y N 131 
HIS CD2 HD2  sing N N 132 
HIS CE1 NE2  sing Y N 133 
HIS CE1 HE1  sing N N 134 
HIS NE2 HE2  sing N N 135 
HIS OXT HXT  sing N N 136 
HOH O   H1   sing N N 137 
HOH O   H2   sing N N 138 
ILE N   CA   sing N N 139 
ILE N   H    sing N N 140 
ILE N   H2   sing N N 141 
ILE CA  C    sing N N 142 
ILE CA  CB   sing N N 143 
ILE CA  HA   sing N N 144 
ILE C   O    doub N N 145 
ILE C   OXT  sing N N 146 
ILE CB  CG1  sing N N 147 
ILE CB  CG2  sing N N 148 
ILE CB  HB   sing N N 149 
ILE CG1 CD1  sing N N 150 
ILE CG1 HG12 sing N N 151 
ILE CG1 HG13 sing N N 152 
ILE CG2 HG21 sing N N 153 
ILE CG2 HG22 sing N N 154 
ILE CG2 HG23 sing N N 155 
ILE CD1 HD11 sing N N 156 
ILE CD1 HD12 sing N N 157 
ILE CD1 HD13 sing N N 158 
ILE OXT HXT  sing N N 159 
LEU N   CA   sing N N 160 
LEU N   H    sing N N 161 
LEU N   H2   sing N N 162 
LEU CA  C    sing N N 163 
LEU CA  CB   sing N N 164 
LEU CA  HA   sing N N 165 
LEU C   O    doub N N 166 
LEU C   OXT  sing N N 167 
LEU CB  CG   sing N N 168 
LEU CB  HB2  sing N N 169 
LEU CB  HB3  sing N N 170 
LEU CG  CD1  sing N N 171 
LEU CG  CD2  sing N N 172 
LEU CG  HG   sing N N 173 
LEU CD1 HD11 sing N N 174 
LEU CD1 HD12 sing N N 175 
LEU CD1 HD13 sing N N 176 
LEU CD2 HD21 sing N N 177 
LEU CD2 HD22 sing N N 178 
LEU CD2 HD23 sing N N 179 
LEU OXT HXT  sing N N 180 
LYS N   CA   sing N N 181 
LYS N   H    sing N N 182 
LYS N   H2   sing N N 183 
LYS CA  C    sing N N 184 
LYS CA  CB   sing N N 185 
LYS CA  HA   sing N N 186 
LYS C   O    doub N N 187 
LYS C   OXT  sing N N 188 
LYS CB  CG   sing N N 189 
LYS CB  HB2  sing N N 190 
LYS CB  HB3  sing N N 191 
LYS CG  CD   sing N N 192 
LYS CG  HG2  sing N N 193 
LYS CG  HG3  sing N N 194 
LYS CD  CE   sing N N 195 
LYS CD  HD2  sing N N 196 
LYS CD  HD3  sing N N 197 
LYS CE  NZ   sing N N 198 
LYS CE  HE2  sing N N 199 
LYS CE  HE3  sing N N 200 
LYS NZ  HZ1  sing N N 201 
LYS NZ  HZ2  sing N N 202 
LYS NZ  HZ3  sing N N 203 
LYS OXT HXT  sing N N 204 
MET N   CA   sing N N 205 
MET N   H    sing N N 206 
MET N   H2   sing N N 207 
MET CA  C    sing N N 208 
MET CA  CB   sing N N 209 
MET CA  HA   sing N N 210 
MET C   O    doub N N 211 
MET C   OXT  sing N N 212 
MET CB  CG   sing N N 213 
MET CB  HB2  sing N N 214 
MET CB  HB3  sing N N 215 
MET CG  SD   sing N N 216 
MET CG  HG2  sing N N 217 
MET CG  HG3  sing N N 218 
MET SD  CE   sing N N 219 
MET CE  HE1  sing N N 220 
MET CE  HE2  sing N N 221 
MET CE  HE3  sing N N 222 
MET OXT HXT  sing N N 223 
PHE N   CA   sing N N 224 
PHE N   H    sing N N 225 
PHE N   H2   sing N N 226 
PHE CA  C    sing N N 227 
PHE CA  CB   sing N N 228 
PHE CA  HA   sing N N 229 
PHE C   O    doub N N 230 
PHE C   OXT  sing N N 231 
PHE CB  CG   sing N N 232 
PHE CB  HB2  sing N N 233 
PHE CB  HB3  sing N N 234 
PHE CG  CD1  doub Y N 235 
PHE CG  CD2  sing Y N 236 
PHE CD1 CE1  sing Y N 237 
PHE CD1 HD1  sing N N 238 
PHE CD2 CE2  doub Y N 239 
PHE CD2 HD2  sing N N 240 
PHE CE1 CZ   doub Y N 241 
PHE CE1 HE1  sing N N 242 
PHE CE2 CZ   sing Y N 243 
PHE CE2 HE2  sing N N 244 
PHE CZ  HZ   sing N N 245 
PHE OXT HXT  sing N N 246 
PRO N   CA   sing N N 247 
PRO N   CD   sing N N 248 
PRO N   H    sing N N 249 
PRO CA  C    sing N N 250 
PRO CA  CB   sing N N 251 
PRO CA  HA   sing N N 252 
PRO C   O    doub N N 253 
PRO C   OXT  sing N N 254 
PRO CB  CG   sing N N 255 
PRO CB  HB2  sing N N 256 
PRO CB  HB3  sing N N 257 
PRO CG  CD   sing N N 258 
PRO CG  HG2  sing N N 259 
PRO CG  HG3  sing N N 260 
PRO CD  HD2  sing N N 261 
PRO CD  HD3  sing N N 262 
PRO OXT HXT  sing N N 263 
SER N   CA   sing N N 264 
SER N   H    sing N N 265 
SER N   H2   sing N N 266 
SER CA  C    sing N N 267 
SER CA  CB   sing N N 268 
SER CA  HA   sing N N 269 
SER C   O    doub N N 270 
SER C   OXT  sing N N 271 
SER CB  OG   sing N N 272 
SER CB  HB2  sing N N 273 
SER CB  HB3  sing N N 274 
SER OG  HG   sing N N 275 
SER OXT HXT  sing N N 276 
SO4 S   O1   doub N N 277 
SO4 S   O2   doub N N 278 
SO4 S   O3   sing N N 279 
SO4 S   O4   sing N N 280 
THR N   CA   sing N N 281 
THR N   H    sing N N 282 
THR N   H2   sing N N 283 
THR CA  C    sing N N 284 
THR CA  CB   sing N N 285 
THR CA  HA   sing N N 286 
THR C   O    doub N N 287 
THR C   OXT  sing N N 288 
THR CB  OG1  sing N N 289 
THR CB  CG2  sing N N 290 
THR CB  HB   sing N N 291 
THR OG1 HG1  sing N N 292 
THR CG2 HG21 sing N N 293 
THR CG2 HG22 sing N N 294 
THR CG2 HG23 sing N N 295 
THR OXT HXT  sing N N 296 
TRP N   CA   sing N N 297 
TRP N   H    sing N N 298 
TRP N   H2   sing N N 299 
TRP CA  C    sing N N 300 
TRP CA  CB   sing N N 301 
TRP CA  HA   sing N N 302 
TRP C   O    doub N N 303 
TRP C   OXT  sing N N 304 
TRP CB  CG   sing N N 305 
TRP CB  HB2  sing N N 306 
TRP CB  HB3  sing N N 307 
TRP CG  CD1  doub Y N 308 
TRP CG  CD2  sing Y N 309 
TRP CD1 NE1  sing Y N 310 
TRP CD1 HD1  sing N N 311 
TRP CD2 CE2  doub Y N 312 
TRP CD2 CE3  sing Y N 313 
TRP NE1 CE2  sing Y N 314 
TRP NE1 HE1  sing N N 315 
TRP CE2 CZ2  sing Y N 316 
TRP CE3 CZ3  doub Y N 317 
TRP CE3 HE3  sing N N 318 
TRP CZ2 CH2  doub Y N 319 
TRP CZ2 HZ2  sing N N 320 
TRP CZ3 CH2  sing Y N 321 
TRP CZ3 HZ3  sing N N 322 
TRP CH2 HH2  sing N N 323 
TRP OXT HXT  sing N N 324 
TYR N   CA   sing N N 325 
TYR N   H    sing N N 326 
TYR N   H2   sing N N 327 
TYR CA  C    sing N N 328 
TYR CA  CB   sing N N 329 
TYR CA  HA   sing N N 330 
TYR C   O    doub N N 331 
TYR C   OXT  sing N N 332 
TYR CB  CG   sing N N 333 
TYR CB  HB2  sing N N 334 
TYR CB  HB3  sing N N 335 
TYR CG  CD1  doub Y N 336 
TYR CG  CD2  sing Y N 337 
TYR CD1 CE1  sing Y N 338 
TYR CD1 HD1  sing N N 339 
TYR CD2 CE2  doub Y N 340 
TYR CD2 HD2  sing N N 341 
TYR CE1 CZ   doub Y N 342 
TYR CE1 HE1  sing N N 343 
TYR CE2 CZ   sing Y N 344 
TYR CE2 HE2  sing N N 345 
TYR CZ  OH   sing N N 346 
TYR OH  HH   sing N N 347 
TYR OXT HXT  sing N N 348 
VAL N   CA   sing N N 349 
VAL N   H    sing N N 350 
VAL N   H2   sing N N 351 
VAL CA  C    sing N N 352 
VAL CA  CB   sing N N 353 
VAL CA  HA   sing N N 354 
VAL C   O    doub N N 355 
VAL C   OXT  sing N N 356 
VAL CB  CG1  sing N N 357 
VAL CB  CG2  sing N N 358 
VAL CB  HB   sing N N 359 
VAL CG1 HG11 sing N N 360 
VAL CG1 HG12 sing N N 361 
VAL CG1 HG13 sing N N 362 
VAL CG2 HG21 sing N N 363 
VAL CG2 HG22 sing N N 364 
VAL CG2 HG23 sing N N 365 
VAL OXT HXT  sing N N 366 
# 
loop_
_pdbx_entity_nonpoly.entity_id 
_pdbx_entity_nonpoly.name 
_pdbx_entity_nonpoly.comp_id 
2 'NICKEL (II) ION' NI  
3 'CADMIUM ION'     CD  
4 'SULFATE ION'     SO4 
5 water             HOH 
# 
_pdbx_initial_refinement_model.id               1 
_pdbx_initial_refinement_model.entity_id_list   ? 
_pdbx_initial_refinement_model.type             'experimental model' 
_pdbx_initial_refinement_model.source_name      PDB 
_pdbx_initial_refinement_model.accession_code   2FOM 
_pdbx_initial_refinement_model.details          ? 
# 
